data_3MZZ
# 
_entry.id   3MZZ 
# 
_audit_conform.dict_name       mmcif_pdbx.dic 
_audit_conform.dict_version    5.399 
_audit_conform.dict_location   http://mmcif.pdb.org/dictionaries/ascii/mmcif_pdbx.dic 
# 
loop_
_database_2.database_id 
_database_2.database_code 
_database_2.pdbx_database_accession 
_database_2.pdbx_DOI 
PDB   3MZZ         pdb_00003mzz 10.2210/pdb3mzz/pdb 
RCSB  RCSB059206   ?            ?                   
WWPDB D_1000059206 ?            ?                   
# 
loop_
_pdbx_audit_revision_history.ordinal 
_pdbx_audit_revision_history.data_content_type 
_pdbx_audit_revision_history.major_revision 
_pdbx_audit_revision_history.minor_revision 
_pdbx_audit_revision_history.revision_date 
1 'Structure model' 1 0 2010-06-30 
2 'Structure model' 1 1 2011-07-13 
3 'Structure model' 1 2 2012-04-04 
4 'Structure model' 1 3 2019-07-17 
5 'Structure model' 1 4 2022-04-13 
6 'Structure model' 1 5 2024-11-27 
# 
_pdbx_audit_revision_details.ordinal             1 
_pdbx_audit_revision_details.revision_ordinal    1 
_pdbx_audit_revision_details.data_content_type   'Structure model' 
_pdbx_audit_revision_details.provider            repository 
_pdbx_audit_revision_details.type                'Initial release' 
_pdbx_audit_revision_details.description         ? 
_pdbx_audit_revision_details.details             ? 
# 
loop_
_pdbx_audit_revision_group.ordinal 
_pdbx_audit_revision_group.revision_ordinal 
_pdbx_audit_revision_group.data_content_type 
_pdbx_audit_revision_group.group 
1 2 'Structure model' 'Version format compliance' 
2 3 'Structure model' 'Structure summary'         
3 4 'Structure model' 'Data collection'           
4 4 'Structure model' 'Derived calculations'      
5 4 'Structure model' 'Refinement description'    
6 5 'Structure model' 'Database references'       
7 5 'Structure model' 'Structure summary'         
8 6 'Structure model' 'Data collection'           
9 6 'Structure model' 'Structure summary'         
# 
loop_
_pdbx_audit_revision_category.ordinal 
_pdbx_audit_revision_category.revision_ordinal 
_pdbx_audit_revision_category.data_content_type 
_pdbx_audit_revision_category.category 
1 4 'Structure model' software                  
2 4 'Structure model' struct_conn               
3 5 'Structure model' audit_author              
4 5 'Structure model' citation_author           
5 5 'Structure model' database_2                
6 6 'Structure model' chem_comp_atom            
7 6 'Structure model' chem_comp_bond            
8 6 'Structure model' pdbx_entry_details        
9 6 'Structure model' pdbx_modification_feature 
# 
loop_
_pdbx_audit_revision_item.ordinal 
_pdbx_audit_revision_item.revision_ordinal 
_pdbx_audit_revision_item.data_content_type 
_pdbx_audit_revision_item.item 
1 4 'Structure model' '_software.classification'            
2 4 'Structure model' '_software.name'                      
3 4 'Structure model' '_software.version'                   
4 4 'Structure model' '_struct_conn.pdbx_leaving_atom_flag' 
5 5 'Structure model' '_audit_author.identifier_ORCID'      
6 5 'Structure model' '_citation_author.identifier_ORCID'   
7 5 'Structure model' '_database_2.pdbx_DOI'                
8 5 'Structure model' '_database_2.pdbx_database_accession' 
# 
_pdbx_database_status.status_code                     REL 
_pdbx_database_status.entry_id                        3MZZ 
_pdbx_database_status.recvd_initial_deposition_date   2010-05-13 
_pdbx_database_status.deposit_site                    RCSB 
_pdbx_database_status.process_site                    RCSB 
_pdbx_database_status.status_code_sf                  REL 
_pdbx_database_status.status_code_mr                  ? 
_pdbx_database_status.SG_entry                        Y 
_pdbx_database_status.status_code_cs                  ? 
_pdbx_database_status.methods_development_category    ? 
_pdbx_database_status.pdb_format_compatible           Y 
_pdbx_database_status.status_code_nmr_data            ? 
# 
loop_
_pdbx_database_related.db_name 
_pdbx_database_related.db_id 
_pdbx_database_related.details 
_pdbx_database_related.content_type 
PDB      3eme     re-refinement unspecified 
PDB      3iwh     re-refinement unspecified 
TargetDB IDP00640 .             unspecified 
# 
loop_
_audit_author.name 
_audit_author.pdbx_ordinal 
_audit_author.identifier_ORCID 
'Kim, Y.'                                                       1 ?                   
'Chruszcz, M.'                                                  2 ?                   
'Minor, W.'                                                     3 0000-0001-7075-7090 
'Edwards, A.'                                                   4 ?                   
'Anderson, W.F.'                                                5 ?                   
'Joachimiak, A.'                                                6 ?                   
'Center for Structural Genomics of Infectious Diseases (CSGID)' 7 ?                   
# 
_citation.id                        primary 
_citation.title                     'Crystal Structure of Rhodanese-like Domain Protein from Staphylococcus aureus' 
_citation.journal_abbrev            'To be Published' 
_citation.journal_volume            ? 
_citation.page_first                ? 
_citation.page_last                 ? 
_citation.year                      ? 
_citation.journal_id_ASTM           ? 
_citation.country                   ? 
_citation.journal_id_ISSN           ? 
_citation.journal_id_CSD            0353 
_citation.book_publisher            ? 
_citation.pdbx_database_id_PubMed   ? 
_citation.pdbx_database_id_DOI      ? 
# 
loop_
_citation_author.citation_id 
_citation_author.name 
_citation_author.ordinal 
_citation_author.identifier_ORCID 
primary 'Kim, Y.'        1 ?                   
primary 'Chruszcz, M.'   2 ?                   
primary 'Minor, W.'      3 0000-0001-7075-7090 
primary 'Edwards, A.'    4 ?                   
primary 'Anderson, W.F.' 5 ?                   
primary 'Joachimiak, A.' 6 ?                   
# 
loop_
_entity.id 
_entity.type 
_entity.src_method 
_entity.pdbx_description 
_entity.formula_weight 
_entity.pdbx_number_of_molecules 
_entity.pdbx_ec 
_entity.pdbx_mutation 
_entity.pdbx_fragment 
_entity.details 
1 polymer man 'Rhodanese-like domain protein' 11542.464 1  ? ? ? ? 
2 water   nat water                           18.015    93 ? ? ? ? 
# 
_entity_poly.entity_id                      1 
_entity_poly.type                           'polypeptide(L)' 
_entity_poly.nstd_linkage                   no 
_entity_poly.nstd_monomer                   yes 
_entity_poly.pdbx_seq_one_letter_code       
;(MSE)KSITTDELKNKLLESKPVQIVDVRTDEETA(MSE)GYIPNAKLIP(MSE)DTIPDNLNSFNKNEIYYIVCAGGVR
SAKVVEYLEANGIDAVNVEGG(MSE)HAWGDEGLEIKSI
;
_entity_poly.pdbx_seq_one_letter_code_can   
;MKSITTDELKNKLLESKPVQIVDVRTDEETAMGYIPNAKLIPMDTIPDNLNSFNKNEIYYIVCAGGVRSAKVVEYLEANG
IDAVNVEGGMHAWGDEGLEIKSI
;
_entity_poly.pdbx_strand_id                 A 
_entity_poly.pdbx_target_identifier         IDP00640 
# 
_pdbx_entity_nonpoly.entity_id   2 
_pdbx_entity_nonpoly.name        water 
_pdbx_entity_nonpoly.comp_id     HOH 
# 
loop_
_entity_poly_seq.entity_id 
_entity_poly_seq.num 
_entity_poly_seq.mon_id 
_entity_poly_seq.hetero 
1 1   MSE n 
1 2   LYS n 
1 3   SER n 
1 4   ILE n 
1 5   THR n 
1 6   THR n 
1 7   ASP n 
1 8   GLU n 
1 9   LEU n 
1 10  LYS n 
1 11  ASN n 
1 12  LYS n 
1 13  LEU n 
1 14  LEU n 
1 15  GLU n 
1 16  SER n 
1 17  LYS n 
1 18  PRO n 
1 19  VAL n 
1 20  GLN n 
1 21  ILE n 
1 22  VAL n 
1 23  ASP n 
1 24  VAL n 
1 25  ARG n 
1 26  THR n 
1 27  ASP n 
1 28  GLU n 
1 29  GLU n 
1 30  THR n 
1 31  ALA n 
1 32  MSE n 
1 33  GLY n 
1 34  TYR n 
1 35  ILE n 
1 36  PRO n 
1 37  ASN n 
1 38  ALA n 
1 39  LYS n 
1 40  LEU n 
1 41  ILE n 
1 42  PRO n 
1 43  MSE n 
1 44  ASP n 
1 45  THR n 
1 46  ILE n 
1 47  PRO n 
1 48  ASP n 
1 49  ASN n 
1 50  LEU n 
1 51  ASN n 
1 52  SER n 
1 53  PHE n 
1 54  ASN n 
1 55  LYS n 
1 56  ASN n 
1 57  GLU n 
1 58  ILE n 
1 59  TYR n 
1 60  TYR n 
1 61  ILE n 
1 62  VAL n 
1 63  CYS n 
1 64  ALA n 
1 65  GLY n 
1 66  GLY n 
1 67  VAL n 
1 68  ARG n 
1 69  SER n 
1 70  ALA n 
1 71  LYS n 
1 72  VAL n 
1 73  VAL n 
1 74  GLU n 
1 75  TYR n 
1 76  LEU n 
1 77  GLU n 
1 78  ALA n 
1 79  ASN n 
1 80  GLY n 
1 81  ILE n 
1 82  ASP n 
1 83  ALA n 
1 84  VAL n 
1 85  ASN n 
1 86  VAL n 
1 87  GLU n 
1 88  GLY n 
1 89  GLY n 
1 90  MSE n 
1 91  HIS n 
1 92  ALA n 
1 93  TRP n 
1 94  GLY n 
1 95  ASP n 
1 96  GLU n 
1 97  GLY n 
1 98  LEU n 
1 99  GLU n 
1 100 ILE n 
1 101 LYS n 
1 102 SER n 
1 103 ILE n 
# 
_entity_src_gen.entity_id                          1 
_entity_src_gen.pdbx_src_id                        1 
_entity_src_gen.pdbx_alt_source_flag               sample 
_entity_src_gen.pdbx_seq_type                      ? 
_entity_src_gen.pdbx_beg_seq_num                   ? 
_entity_src_gen.pdbx_end_seq_num                   ? 
_entity_src_gen.gene_src_common_name               ? 
_entity_src_gen.gene_src_genus                     ? 
_entity_src_gen.pdbx_gene_src_gene                 SACOL1807 
_entity_src_gen.gene_src_species                   ? 
_entity_src_gen.gene_src_strain                    COL 
_entity_src_gen.gene_src_tissue                    ? 
_entity_src_gen.gene_src_tissue_fraction           ? 
_entity_src_gen.gene_src_details                   ? 
_entity_src_gen.pdbx_gene_src_fragment             ? 
_entity_src_gen.pdbx_gene_src_scientific_name      'Staphylococcus aureus' 
_entity_src_gen.pdbx_gene_src_ncbi_taxonomy_id     93062 
_entity_src_gen.pdbx_gene_src_variant              ? 
_entity_src_gen.pdbx_gene_src_cell_line            ? 
_entity_src_gen.pdbx_gene_src_atcc                 ? 
_entity_src_gen.pdbx_gene_src_organ                ? 
_entity_src_gen.pdbx_gene_src_organelle            ? 
_entity_src_gen.pdbx_gene_src_cell                 ? 
_entity_src_gen.pdbx_gene_src_cellular_location    ? 
_entity_src_gen.host_org_common_name               ? 
_entity_src_gen.pdbx_host_org_scientific_name      'Escherichia coli' 
_entity_src_gen.pdbx_host_org_ncbi_taxonomy_id     562 
_entity_src_gen.host_org_genus                     ? 
_entity_src_gen.pdbx_host_org_gene                 ? 
_entity_src_gen.pdbx_host_org_organ                ? 
_entity_src_gen.host_org_species                   ? 
_entity_src_gen.pdbx_host_org_tissue               ? 
_entity_src_gen.pdbx_host_org_tissue_fraction      ? 
_entity_src_gen.pdbx_host_org_strain               ? 
_entity_src_gen.pdbx_host_org_variant              ? 
_entity_src_gen.pdbx_host_org_cell_line            ? 
_entity_src_gen.pdbx_host_org_atcc                 ? 
_entity_src_gen.pdbx_host_org_culture_collection   ? 
_entity_src_gen.pdbx_host_org_cell                 ? 
_entity_src_gen.pdbx_host_org_organelle            ? 
_entity_src_gen.pdbx_host_org_cellular_location    ? 
_entity_src_gen.pdbx_host_org_vector_type          plasmid 
_entity_src_gen.pdbx_host_org_vector               ? 
_entity_src_gen.host_org_details                   ? 
_entity_src_gen.expression_system_id               ? 
_entity_src_gen.plasmid_name                       ? 
_entity_src_gen.plasmid_details                    ? 
_entity_src_gen.pdbx_description                   ? 
# 
loop_
_chem_comp.id 
_chem_comp.type 
_chem_comp.mon_nstd_flag 
_chem_comp.name 
_chem_comp.pdbx_synonyms 
_chem_comp.formula 
_chem_comp.formula_weight 
ALA 'L-peptide linking' y ALANINE          ? 'C3 H7 N O2'     89.093  
ARG 'L-peptide linking' y ARGININE         ? 'C6 H15 N4 O2 1' 175.209 
ASN 'L-peptide linking' y ASPARAGINE       ? 'C4 H8 N2 O3'    132.118 
ASP 'L-peptide linking' y 'ASPARTIC ACID'  ? 'C4 H7 N O4'     133.103 
CYS 'L-peptide linking' y CYSTEINE         ? 'C3 H7 N O2 S'   121.158 
GLN 'L-peptide linking' y GLUTAMINE        ? 'C5 H10 N2 O3'   146.144 
GLU 'L-peptide linking' y 'GLUTAMIC ACID'  ? 'C5 H9 N O4'     147.129 
GLY 'peptide linking'   y GLYCINE          ? 'C2 H5 N O2'     75.067  
HIS 'L-peptide linking' y HISTIDINE        ? 'C6 H10 N3 O2 1' 156.162 
HOH non-polymer         . WATER            ? 'H2 O'           18.015  
ILE 'L-peptide linking' y ISOLEUCINE       ? 'C6 H13 N O2'    131.173 
LEU 'L-peptide linking' y LEUCINE          ? 'C6 H13 N O2'    131.173 
LYS 'L-peptide linking' y LYSINE           ? 'C6 H15 N2 O2 1' 147.195 
MSE 'L-peptide linking' n SELENOMETHIONINE ? 'C5 H11 N O2 Se' 196.106 
PHE 'L-peptide linking' y PHENYLALANINE    ? 'C9 H11 N O2'    165.189 
PRO 'L-peptide linking' y PROLINE          ? 'C5 H9 N O2'     115.130 
SER 'L-peptide linking' y SERINE           ? 'C3 H7 N O3'     105.093 
THR 'L-peptide linking' y THREONINE        ? 'C4 H9 N O3'     119.119 
TRP 'L-peptide linking' y TRYPTOPHAN       ? 'C11 H12 N2 O2'  204.225 
TYR 'L-peptide linking' y TYROSINE         ? 'C9 H11 N O3'    181.189 
VAL 'L-peptide linking' y VALINE           ? 'C5 H11 N O2'    117.146 
# 
loop_
_pdbx_poly_seq_scheme.asym_id 
_pdbx_poly_seq_scheme.entity_id 
_pdbx_poly_seq_scheme.seq_id 
_pdbx_poly_seq_scheme.mon_id 
_pdbx_poly_seq_scheme.ndb_seq_num 
_pdbx_poly_seq_scheme.pdb_seq_num 
_pdbx_poly_seq_scheme.auth_seq_num 
_pdbx_poly_seq_scheme.pdb_mon_id 
_pdbx_poly_seq_scheme.auth_mon_id 
_pdbx_poly_seq_scheme.pdb_strand_id 
_pdbx_poly_seq_scheme.pdb_ins_code 
_pdbx_poly_seq_scheme.hetero 
A 1 1   MSE 1   1   1   MSE MSE A . n 
A 1 2   LYS 2   2   2   LYS LYS A . n 
A 1 3   SER 3   3   3   SER SER A . n 
A 1 4   ILE 4   4   4   ILE ILE A . n 
A 1 5   THR 5   5   5   THR THR A . n 
A 1 6   THR 6   6   6   THR THR A . n 
A 1 7   ASP 7   7   7   ASP ASP A . n 
A 1 8   GLU 8   8   8   GLU GLU A . n 
A 1 9   LEU 9   9   9   LEU LEU A . n 
A 1 10  LYS 10  10  10  LYS LYS A . n 
A 1 11  ASN 11  11  11  ASN ASN A . n 
A 1 12  LYS 12  12  12  LYS LYS A . n 
A 1 13  LEU 13  13  13  LEU LEU A . n 
A 1 14  LEU 14  14  14  LEU LEU A . n 
A 1 15  GLU 15  15  15  GLU GLU A . n 
A 1 16  SER 16  16  16  SER SER A . n 
A 1 17  LYS 17  17  17  LYS LYS A . n 
A 1 18  PRO 18  18  18  PRO PRO A . n 
A 1 19  VAL 19  19  19  VAL VAL A . n 
A 1 20  GLN 20  20  20  GLN GLN A . n 
A 1 21  ILE 21  21  21  ILE ILE A . n 
A 1 22  VAL 22  22  22  VAL VAL A . n 
A 1 23  ASP 23  23  23  ASP ASP A . n 
A 1 24  VAL 24  24  24  VAL VAL A . n 
A 1 25  ARG 25  25  25  ARG ARG A . n 
A 1 26  THR 26  26  26  THR THR A . n 
A 1 27  ASP 27  27  27  ASP ASP A . n 
A 1 28  GLU 28  28  28  GLU GLU A . n 
A 1 29  GLU 29  29  29  GLU GLU A . n 
A 1 30  THR 30  30  30  THR THR A . n 
A 1 31  ALA 31  31  31  ALA ALA A . n 
A 1 32  MSE 32  32  32  MSE MSE A . n 
A 1 33  GLY 33  33  33  GLY GLY A . n 
A 1 34  TYR 34  34  34  TYR TYR A . n 
A 1 35  ILE 35  35  35  ILE ILE A . n 
A 1 36  PRO 36  36  36  PRO PRO A . n 
A 1 37  ASN 37  37  37  ASN ASN A . n 
A 1 38  ALA 38  38  38  ALA ALA A . n 
A 1 39  LYS 39  39  39  LYS LYS A . n 
A 1 40  LEU 40  40  40  LEU LEU A . n 
A 1 41  ILE 41  41  41  ILE ILE A . n 
A 1 42  PRO 42  42  42  PRO PRO A . n 
A 1 43  MSE 43  43  43  MSE MSE A . n 
A 1 44  ASP 44  44  44  ASP ASP A . n 
A 1 45  THR 45  45  45  THR THR A . n 
A 1 46  ILE 46  46  46  ILE ILE A . n 
A 1 47  PRO 47  47  47  PRO PRO A . n 
A 1 48  ASP 48  48  48  ASP ASP A . n 
A 1 49  ASN 49  49  49  ASN ASN A . n 
A 1 50  LEU 50  50  50  LEU LEU A . n 
A 1 51  ASN 51  51  51  ASN ASN A . n 
A 1 52  SER 52  52  52  SER SER A . n 
A 1 53  PHE 53  53  53  PHE PHE A . n 
A 1 54  ASN 54  54  54  ASN ASN A . n 
A 1 55  LYS 55  55  55  LYS LYS A . n 
A 1 56  ASN 56  56  56  ASN ASN A . n 
A 1 57  GLU 57  57  57  GLU GLU A . n 
A 1 58  ILE 58  58  58  ILE ILE A . n 
A 1 59  TYR 59  59  59  TYR TYR A . n 
A 1 60  TYR 60  60  60  TYR TYR A . n 
A 1 61  ILE 61  61  61  ILE ILE A . n 
A 1 62  VAL 62  62  62  VAL VAL A . n 
A 1 63  CYS 63  63  63  CYS CYS A . n 
A 1 64  ALA 64  64  64  ALA ALA A . n 
A 1 65  GLY 65  65  65  GLY GLY A . n 
A 1 66  GLY 66  66  66  GLY GLY A . n 
A 1 67  VAL 67  67  67  VAL VAL A . n 
A 1 68  ARG 68  68  68  ARG ARG A . n 
A 1 69  SER 69  69  69  SER SER A . n 
A 1 70  ALA 70  70  70  ALA ALA A . n 
A 1 71  LYS 71  71  71  LYS LYS A . n 
A 1 72  VAL 72  72  72  VAL VAL A . n 
A 1 73  VAL 73  73  73  VAL VAL A . n 
A 1 74  GLU 74  74  74  GLU GLU A . n 
A 1 75  TYR 75  75  75  TYR TYR A . n 
A 1 76  LEU 76  76  76  LEU LEU A . n 
A 1 77  GLU 77  77  77  GLU GLU A . n 
A 1 78  ALA 78  78  78  ALA ALA A . n 
A 1 79  ASN 79  79  79  ASN ASN A . n 
A 1 80  GLY 80  80  80  GLY GLY A . n 
A 1 81  ILE 81  81  81  ILE ILE A . n 
A 1 82  ASP 82  82  82  ASP ASP A . n 
A 1 83  ALA 83  83  83  ALA ALA A . n 
A 1 84  VAL 84  84  84  VAL VAL A . n 
A 1 85  ASN 85  85  85  ASN ASN A . n 
A 1 86  VAL 86  86  86  VAL VAL A . n 
A 1 87  GLU 87  87  87  GLU GLU A . n 
A 1 88  GLY 88  88  88  GLY GLY A . n 
A 1 89  GLY 89  89  89  GLY GLY A . n 
A 1 90  MSE 90  90  90  MSE MSE A . n 
A 1 91  HIS 91  91  91  HIS HIS A . n 
A 1 92  ALA 92  92  92  ALA ALA A . n 
A 1 93  TRP 93  93  93  TRP TRP A . n 
A 1 94  GLY 94  94  94  GLY GLY A . n 
A 1 95  ASP 95  95  95  ASP ASP A . n 
A 1 96  GLU 96  96  96  GLU GLU A . n 
A 1 97  GLY 97  97  97  GLY GLY A . n 
A 1 98  LEU 98  98  98  LEU LEU A . n 
A 1 99  GLU 99  99  99  GLU GLU A . n 
A 1 100 ILE 100 100 100 ILE ILE A . n 
A 1 101 LYS 101 101 101 LYS LYS A . n 
A 1 102 SER 102 102 102 SER SER A . n 
A 1 103 ILE 103 103 103 ILE ILE A . n 
# 
loop_
_pdbx_nonpoly_scheme.asym_id 
_pdbx_nonpoly_scheme.entity_id 
_pdbx_nonpoly_scheme.mon_id 
_pdbx_nonpoly_scheme.ndb_seq_num 
_pdbx_nonpoly_scheme.pdb_seq_num 
_pdbx_nonpoly_scheme.auth_seq_num 
_pdbx_nonpoly_scheme.pdb_mon_id 
_pdbx_nonpoly_scheme.auth_mon_id 
_pdbx_nonpoly_scheme.pdb_strand_id 
_pdbx_nonpoly_scheme.pdb_ins_code 
B 2 HOH 1  104 1  HOH HOH A . 
B 2 HOH 2  105 2  HOH HOH A . 
B 2 HOH 3  106 3  HOH HOH A . 
B 2 HOH 4  107 4  HOH HOH A . 
B 2 HOH 5  108 5  HOH HOH A . 
B 2 HOH 6  109 6  HOH HOH A . 
B 2 HOH 7  110 7  HOH HOH A . 
B 2 HOH 8  111 8  HOH HOH A . 
B 2 HOH 9  112 9  HOH HOH A . 
B 2 HOH 10 113 10 HOH HOH A . 
B 2 HOH 11 114 11 HOH HOH A . 
B 2 HOH 12 115 12 HOH HOH A . 
B 2 HOH 13 116 13 HOH HOH A . 
B 2 HOH 14 117 14 HOH HOH A . 
B 2 HOH 15 118 15 HOH HOH A . 
B 2 HOH 16 119 16 HOH HOH A . 
B 2 HOH 17 120 17 HOH HOH A . 
B 2 HOH 18 121 18 HOH HOH A . 
B 2 HOH 19 122 19 HOH HOH A . 
B 2 HOH 20 123 20 HOH HOH A . 
B 2 HOH 21 124 21 HOH HOH A . 
B 2 HOH 22 125 22 HOH HOH A . 
B 2 HOH 23 126 23 HOH HOH A . 
B 2 HOH 24 127 24 HOH HOH A . 
B 2 HOH 25 128 25 HOH HOH A . 
B 2 HOH 26 129 26 HOH HOH A . 
B 2 HOH 27 130 27 HOH HOH A . 
B 2 HOH 28 131 28 HOH HOH A . 
B 2 HOH 29 132 29 HOH HOH A . 
B 2 HOH 30 133 30 HOH HOH A . 
B 2 HOH 31 134 31 HOH HOH A . 
B 2 HOH 32 135 32 HOH HOH A . 
B 2 HOH 33 136 33 HOH HOH A . 
B 2 HOH 34 137 34 HOH HOH A . 
B 2 HOH 35 138 35 HOH HOH A . 
B 2 HOH 36 139 36 HOH HOH A . 
B 2 HOH 37 140 37 HOH HOH A . 
B 2 HOH 38 141 38 HOH HOH A . 
B 2 HOH 39 142 39 HOH HOH A . 
B 2 HOH 40 143 40 HOH HOH A . 
B 2 HOH 41 144 41 HOH HOH A . 
B 2 HOH 42 145 42 HOH HOH A . 
B 2 HOH 43 146 43 HOH HOH A . 
B 2 HOH 44 147 44 HOH HOH A . 
B 2 HOH 45 148 45 HOH HOH A . 
B 2 HOH 46 149 46 HOH HOH A . 
B 2 HOH 47 150 47 HOH HOH A . 
B 2 HOH 48 151 48 HOH HOH A . 
B 2 HOH 49 152 49 HOH HOH A . 
B 2 HOH 50 153 50 HOH HOH A . 
B 2 HOH 51 154 51 HOH HOH A . 
B 2 HOH 52 155 52 HOH HOH A . 
B 2 HOH 53 156 53 HOH HOH A . 
B 2 HOH 54 157 54 HOH HOH A . 
B 2 HOH 55 158 55 HOH HOH A . 
B 2 HOH 56 159 56 HOH HOH A . 
B 2 HOH 57 160 57 HOH HOH A . 
B 2 HOH 58 161 58 HOH HOH A . 
B 2 HOH 59 162 59 HOH HOH A . 
B 2 HOH 60 163 60 HOH HOH A . 
B 2 HOH 61 164 61 HOH HOH A . 
B 2 HOH 62 165 62 HOH HOH A . 
B 2 HOH 63 166 63 HOH HOH A . 
B 2 HOH 64 167 64 HOH HOH A . 
B 2 HOH 65 168 65 HOH HOH A . 
B 2 HOH 66 169 66 HOH HOH A . 
B 2 HOH 67 170 67 HOH HOH A . 
B 2 HOH 68 171 68 HOH HOH A . 
B 2 HOH 69 172 69 HOH HOH A . 
B 2 HOH 70 173 70 HOH HOH A . 
B 2 HOH 71 174 71 HOH HOH A . 
B 2 HOH 72 175 72 HOH HOH A . 
B 2 HOH 73 176 73 HOH HOH A . 
B 2 HOH 74 177 74 HOH HOH A . 
B 2 HOH 75 178 75 HOH HOH A . 
B 2 HOH 76 179 76 HOH HOH A . 
B 2 HOH 77 180 77 HOH HOH A . 
B 2 HOH 78 181 78 HOH HOH A . 
B 2 HOH 79 182 79 HOH HOH A . 
B 2 HOH 80 183 80 HOH HOH A . 
B 2 HOH 81 184 81 HOH HOH A . 
B 2 HOH 82 185 82 HOH HOH A . 
B 2 HOH 83 186 83 HOH HOH A . 
B 2 HOH 84 187 84 HOH HOH A . 
B 2 HOH 85 188 85 HOH HOH A . 
B 2 HOH 86 189 86 HOH HOH A . 
B 2 HOH 87 190 87 HOH HOH A . 
B 2 HOH 88 191 88 HOH HOH A . 
B 2 HOH 89 192 89 HOH HOH A . 
B 2 HOH 90 193 90 HOH HOH A . 
B 2 HOH 91 194 91 HOH HOH A . 
B 2 HOH 92 195 92 HOH HOH A . 
B 2 HOH 93 196 93 HOH HOH A . 
# 
loop_
_pdbx_unobs_or_zero_occ_atoms.id 
_pdbx_unobs_or_zero_occ_atoms.PDB_model_num 
_pdbx_unobs_or_zero_occ_atoms.polymer_flag 
_pdbx_unobs_or_zero_occ_atoms.occupancy_flag 
_pdbx_unobs_or_zero_occ_atoms.auth_asym_id 
_pdbx_unobs_or_zero_occ_atoms.auth_comp_id 
_pdbx_unobs_or_zero_occ_atoms.auth_seq_id 
_pdbx_unobs_or_zero_occ_atoms.PDB_ins_code 
_pdbx_unobs_or_zero_occ_atoms.auth_atom_id 
_pdbx_unobs_or_zero_occ_atoms.label_alt_id 
_pdbx_unobs_or_zero_occ_atoms.label_asym_id 
_pdbx_unobs_or_zero_occ_atoms.label_comp_id 
_pdbx_unobs_or_zero_occ_atoms.label_seq_id 
_pdbx_unobs_or_zero_occ_atoms.label_atom_id 
1 1 Y 1 A ASP 7 ? CG  ? A ASP 7 CG  
2 1 Y 1 A ASP 7 ? OD1 ? A ASP 7 OD1 
3 1 Y 1 A ASP 7 ? OD2 ? A ASP 7 OD2 
# 
loop_
_software.name 
_software.classification 
_software.version 
_software.citation_id 
_software.pdbx_ordinal 
REFMAC      refinement        5.5.0072 ? 1 
HKL-3000    'data collection' .        ? 2 
CNS         refinement        .        ? 3 
SBC-Collect 'data collection' .        ? 4 
HKL-3000    'data reduction'  .        ? 5 
HKL-3000    'data scaling'    .        ? 6 
CNS         phasing           .        ? 7 
# 
_cell.entry_id           3MZZ 
_cell.length_a           41.412 
_cell.length_b           51.995 
_cell.length_c           58.971 
_cell.angle_alpha        90.00 
_cell.angle_beta         90.00 
_cell.angle_gamma        90.00 
_cell.Z_PDB              4 
_cell.pdbx_unique_axis   ? 
_cell.length_a_esd       ? 
_cell.length_b_esd       ? 
_cell.length_c_esd       ? 
_cell.angle_alpha_esd    ? 
_cell.angle_beta_esd     ? 
_cell.angle_gamma_esd    ? 
# 
_symmetry.entry_id                         3MZZ 
_symmetry.space_group_name_H-M             'P 21 21 21' 
_symmetry.pdbx_full_space_group_name_H-M   ? 
_symmetry.cell_setting                     ? 
_symmetry.Int_Tables_number                19 
_symmetry.space_group_name_Hall            ? 
# 
_exptl.entry_id          3MZZ 
_exptl.method            'X-RAY DIFFRACTION' 
_exptl.crystals_number   1 
# 
_exptl_crystal.id                    1 
_exptl_crystal.density_meas          ? 
_exptl_crystal.density_Matthews      2.75 
_exptl_crystal.density_percent_sol   55.28 
_exptl_crystal.description           ? 
_exptl_crystal.F_000                 ? 
_exptl_crystal.preparation           ? 
# 
_diffrn.id                     1 
_diffrn.ambient_temp           100 
_diffrn.ambient_temp_details   ? 
_diffrn.crystal_id             1 
# 
_diffrn_detector.diffrn_id              1 
_diffrn_detector.detector               CCD 
_diffrn_detector.type                   'ADSC QUANTUM 315' 
_diffrn_detector.pdbx_collection_date   2008-02-16 
_diffrn_detector.details                mirrors 
# 
_diffrn_radiation.diffrn_id                        1 
_diffrn_radiation.wavelength_id                    1 
_diffrn_radiation.pdbx_monochromatic_or_laue_m_l   M 
_diffrn_radiation.monochromator                    'double crystal monochromator' 
_diffrn_radiation.pdbx_diffrn_protocol             MAD 
_diffrn_radiation.pdbx_scattering_type             x-ray 
# 
loop_
_diffrn_radiation_wavelength.id 
_diffrn_radiation_wavelength.wavelength 
_diffrn_radiation_wavelength.wt 
1 0.9793 1.0 
2 0.9795 1.0 
# 
_diffrn_source.diffrn_id                   1 
_diffrn_source.source                      SYNCHROTRON 
_diffrn_source.type                        'APS BEAMLINE 19-ID' 
_diffrn_source.pdbx_synchrotron_site       APS 
_diffrn_source.pdbx_synchrotron_beamline   19-ID 
_diffrn_source.pdbx_wavelength             ? 
_diffrn_source.pdbx_wavelength_list        '0.9793, 0.9795' 
# 
_reflns.entry_id                     3MZZ 
_reflns.observed_criterion_sigma_I   0.0 
_reflns.observed_criterion_sigma_F   0.0 
_reflns.d_resolution_low             39 
_reflns.d_resolution_high            2.0 
_reflns.number_obs                   8559 
_reflns.number_all                   ? 
_reflns.percent_possible_obs         98.9 
_reflns.pdbx_Rmerge_I_obs            0.075 
_reflns.pdbx_Rsym_value              ? 
_reflns.pdbx_netI_over_sigmaI        11.2 
_reflns.B_iso_Wilson_estimate        23.8 
_reflns.pdbx_redundancy              5.3 
_reflns.R_free_details               ? 
_reflns.limit_h_max                  ? 
_reflns.limit_h_min                  ? 
_reflns.limit_k_max                  ? 
_reflns.limit_k_min                  ? 
_reflns.limit_l_max                  ? 
_reflns.limit_l_min                  ? 
_reflns.observed_criterion_F_max     ? 
_reflns.observed_criterion_F_min     ? 
_reflns.pdbx_chi_squared             ? 
_reflns.pdbx_scaling_rejects         ? 
_reflns.pdbx_ordinal                 1 
_reflns.pdbx_diffrn_id               1 
# 
_reflns_shell.d_res_high             2.0 
_reflns_shell.d_res_low              2.07 
_reflns_shell.percent_possible_all   97.1 
_reflns_shell.Rmerge_I_obs           0.27 
_reflns_shell.pdbx_Rsym_value        ? 
_reflns_shell.meanI_over_sigI_obs    2.8 
_reflns_shell.pdbx_redundancy        3.9 
_reflns_shell.percent_possible_obs   ? 
_reflns_shell.number_unique_all      1633 
_reflns_shell.number_measured_all    ? 
_reflns_shell.number_measured_obs    ? 
_reflns_shell.number_unique_obs      ? 
_reflns_shell.pdbx_chi_squared       ? 
_reflns_shell.pdbx_ordinal           1 
_reflns_shell.pdbx_diffrn_id         1 
# 
_refine.entry_id                                 3MZZ 
_refine.ls_number_reflns_obs                     8559 
_refine.ls_number_reflns_all                     8559 
_refine.pdbx_ls_sigma_I                          ? 
_refine.pdbx_ls_sigma_F                          0.0 
_refine.pdbx_data_cutoff_high_absF               ? 
_refine.pdbx_data_cutoff_low_absF                ? 
_refine.pdbx_data_cutoff_high_rms_absF           ? 
_refine.ls_d_res_low                             15.62 
_refine.ls_d_res_high                            2.00 
_refine.ls_percent_reflns_obs                    99.76 
_refine.ls_R_factor_obs                          0.158 
_refine.ls_R_factor_all                          0.158 
_refine.ls_R_factor_R_work                       0.156 
_refine.ls_R_factor_R_free                       0.199 
_refine.ls_R_factor_R_free_error                 ? 
_refine.ls_R_factor_R_free_error_details         ? 
_refine.ls_percent_reflns_R_free                 4.8 
_refine.ls_number_reflns_R_free                  428 
_refine.ls_number_parameters                     ? 
_refine.ls_number_restraints                     ? 
_refine.occupancy_min                            ? 
_refine.occupancy_max                            ? 
_refine.correlation_coeff_Fo_to_Fc               0.962 
_refine.correlation_coeff_Fo_to_Fc_free          0.946 
_refine.B_iso_mean                               27.847 
_refine.aniso_B[1][1]                            0.30 
_refine.aniso_B[2][2]                            1.12 
_refine.aniso_B[3][3]                            -1.42 
_refine.aniso_B[1][2]                            0.00 
_refine.aniso_B[1][3]                            0.00 
_refine.aniso_B[2][3]                            0.00 
_refine.solvent_model_details                    MASK 
_refine.solvent_model_param_ksol                 ? 
_refine.solvent_model_param_bsol                 ? 
_refine.pdbx_solvent_vdw_probe_radii             1.20 
_refine.pdbx_solvent_ion_probe_radii             0.80 
_refine.pdbx_solvent_shrinkage_radii             0.80 
_refine.pdbx_ls_cross_valid_method               THROUGHOUT 
_refine.details                                  'HYDROGENS HAVE BEEN ADDED IN THE RIDING POSITIONS' 
_refine.pdbx_starting_model                      ? 
_refine.pdbx_method_to_determine_struct          MAD 
_refine.pdbx_isotropic_thermal_model             ? 
_refine.pdbx_stereochemistry_target_values       'MAXIMUM LIKELIHOOD' 
_refine.pdbx_stereochem_target_val_spec_case     ? 
_refine.pdbx_R_Free_selection_details            RANDOM 
_refine.pdbx_overall_ESU_R_Free                  0.132 
_refine.overall_SU_ML                            0.092 
_refine.overall_SU_B                             7.413 
_refine.overall_SU_R_Cruickshank_DPI             ? 
_refine.ls_redundancy_reflns_obs                 ? 
_refine.B_iso_min                                ? 
_refine.B_iso_max                                ? 
_refine.overall_SU_R_free                        ? 
_refine.ls_wR_factor_R_free                      ? 
_refine.ls_wR_factor_R_work                      ? 
_refine.overall_FOM_free_R_set                   ? 
_refine.overall_FOM_work_R_set                   ? 
_refine.pdbx_overall_phase_error                 ? 
_refine.pdbx_refine_id                           'X-RAY DIFFRACTION' 
_refine.pdbx_overall_ESU_R                       ? 
_refine.pdbx_diffrn_id                           1 
_refine.pdbx_TLS_residual_ADP_flag               ? 
_refine.pdbx_overall_SU_R_free_Cruickshank_DPI   ? 
_refine.pdbx_overall_SU_R_Blow_DPI               ? 
_refine.pdbx_overall_SU_R_free_Blow_DPI          ? 
# 
_refine_hist.pdbx_refine_id                   'X-RAY DIFFRACTION' 
_refine_hist.cycle_id                         LAST 
_refine_hist.pdbx_number_atoms_protein        790 
_refine_hist.pdbx_number_atoms_nucleic_acid   0 
_refine_hist.pdbx_number_atoms_ligand         0 
_refine_hist.number_atoms_solvent             93 
_refine_hist.number_atoms_total               883 
_refine_hist.d_res_high                       2.00 
_refine_hist.d_res_low                        15.62 
# 
loop_
_refine_ls_restr.type 
_refine_ls_restr.dev_ideal 
_refine_ls_restr.dev_ideal_target 
_refine_ls_restr.weight 
_refine_ls_restr.number 
_refine_ls_restr.pdbx_refine_id 
_refine_ls_restr.pdbx_restraint_function 
r_bond_refined_d             0.019  0.022  ? 838  'X-RAY DIFFRACTION' ? 
r_bond_other_d               0.014  0.020  ? 549  'X-RAY DIFFRACTION' ? 
r_angle_refined_deg          1.505  1.974  ? 1140 'X-RAY DIFFRACTION' ? 
r_angle_other_deg            0.948  3.000  ? 1367 'X-RAY DIFFRACTION' ? 
r_dihedral_angle_1_deg       5.419  5.000  ? 110  'X-RAY DIFFRACTION' ? 
r_dihedral_angle_2_deg       39.707 27.027 ? 37   'X-RAY DIFFRACTION' ? 
r_dihedral_angle_3_deg       15.482 15.000 ? 154  'X-RAY DIFFRACTION' ? 
r_dihedral_angle_4_deg       16.647 15.000 ? 2    'X-RAY DIFFRACTION' ? 
r_chiral_restr               0.097  0.200  ? 130  'X-RAY DIFFRACTION' ? 
r_gen_planes_refined         0.007  0.021  ? 951  'X-RAY DIFFRACTION' ? 
r_gen_planes_other           0.001  0.020  ? 142  'X-RAY DIFFRACTION' ? 
r_nbd_refined                ?      ?      ? ?    'X-RAY DIFFRACTION' ? 
r_nbd_other                  ?      ?      ? ?    'X-RAY DIFFRACTION' ? 
r_nbtor_refined              ?      ?      ? ?    'X-RAY DIFFRACTION' ? 
r_nbtor_other                ?      ?      ? ?    'X-RAY DIFFRACTION' ? 
r_xyhbond_nbd_refined        ?      ?      ? ?    'X-RAY DIFFRACTION' ? 
r_xyhbond_nbd_other          ?      ?      ? ?    'X-RAY DIFFRACTION' ? 
r_metal_ion_refined          ?      ?      ? ?    'X-RAY DIFFRACTION' ? 
r_metal_ion_other            ?      ?      ? ?    'X-RAY DIFFRACTION' ? 
r_symmetry_vdw_refined       ?      ?      ? ?    'X-RAY DIFFRACTION' ? 
r_symmetry_vdw_other         ?      ?      ? ?    'X-RAY DIFFRACTION' ? 
r_symmetry_hbond_refined     ?      ?      ? ?    'X-RAY DIFFRACTION' ? 
r_symmetry_hbond_other       ?      ?      ? ?    'X-RAY DIFFRACTION' ? 
r_symmetry_metal_ion_refined ?      ?      ? ?    'X-RAY DIFFRACTION' ? 
r_symmetry_metal_ion_other   ?      ?      ? ?    'X-RAY DIFFRACTION' ? 
r_mcbond_it                  1.037  1.500  ? 534  'X-RAY DIFFRACTION' ? 
r_mcbond_other               0.254  1.500  ? 217  'X-RAY DIFFRACTION' ? 
r_mcangle_it                 1.945  2.000  ? 869  'X-RAY DIFFRACTION' ? 
r_scbond_it                  3.198  3.000  ? 304  'X-RAY DIFFRACTION' ? 
r_scangle_it                 5.090  4.500  ? 271  'X-RAY DIFFRACTION' ? 
r_rigid_bond_restr           ?      ?      ? ?    'X-RAY DIFFRACTION' ? 
r_sphericity_free            ?      ?      ? ?    'X-RAY DIFFRACTION' ? 
r_sphericity_bonded          ?      ?      ? ?    'X-RAY DIFFRACTION' ? 
# 
_refine_ls_shell.pdbx_total_number_of_bins_used   20 
_refine_ls_shell.d_res_high                       2.000 
_refine_ls_shell.d_res_low                        2.051 
_refine_ls_shell.number_reflns_R_work             589 
_refine_ls_shell.R_factor_R_work                  0.207 
_refine_ls_shell.percent_reflns_obs               99.84 
_refine_ls_shell.R_factor_R_free                  0.257 
_refine_ls_shell.R_factor_R_free_error            ? 
_refine_ls_shell.percent_reflns_R_free            ? 
_refine_ls_shell.number_reflns_R_free             37 
_refine_ls_shell.number_reflns_all                ? 
_refine_ls_shell.R_factor_all                     ? 
_refine_ls_shell.number_reflns_obs                626 
_refine_ls_shell.redundancy_reflns_obs            ? 
_refine_ls_shell.pdbx_refine_id                   'X-RAY DIFFRACTION' 
# 
_struct.entry_id                  3MZZ 
_struct.title                     'Crystal Structure of Rhodanese-like Domain Protein from Staphylococcus aureus' 
_struct.pdbx_model_details        ? 
_struct.pdbx_CASP_flag            N 
_struct.pdbx_model_type_details   ? 
# 
_struct_keywords.entry_id        3MZZ 
_struct_keywords.pdbx_keywords   'UNKNOWN FUNCTION' 
_struct_keywords.text            
;Rhodanese, alpha-beta-alpha sandwich, Structural Genomics, Center for Structural Genomics of Infectious Diseases, CSGID, UNKNOWN FUNCTION
;
# 
loop_
_struct_asym.id 
_struct_asym.pdbx_blank_PDB_chainid_flag 
_struct_asym.pdbx_modified 
_struct_asym.entity_id 
_struct_asym.details 
A N N 1 ? 
B N N 2 ? 
# 
_struct_ref.id                         1 
_struct_ref.db_name                    UNP 
_struct_ref.db_code                    Q5HF17_STAAC 
_struct_ref.pdbx_db_accession          Q5HF17 
_struct_ref.entity_id                  1 
_struct_ref.pdbx_seq_one_letter_code   
;MKSITTDELKNKLLESKPVQIVDVRTDEETAMGYIPNAKLIPMDTIPDNLNSFNKNEIYYIVCAGGVRSAKVVEYLEANG
IDAVNVEGGMHAWGDEGLEIKSI
;
_struct_ref.pdbx_align_begin           1 
_struct_ref.pdbx_db_isoform            ? 
# 
_struct_ref_seq.align_id                      1 
_struct_ref_seq.ref_id                        1 
_struct_ref_seq.pdbx_PDB_id_code              3MZZ 
_struct_ref_seq.pdbx_strand_id                A 
_struct_ref_seq.seq_align_beg                 1 
_struct_ref_seq.pdbx_seq_align_beg_ins_code   ? 
_struct_ref_seq.seq_align_end                 103 
_struct_ref_seq.pdbx_seq_align_end_ins_code   ? 
_struct_ref_seq.pdbx_db_accession             Q5HF17 
_struct_ref_seq.db_align_beg                  1 
_struct_ref_seq.pdbx_db_align_beg_ins_code    ? 
_struct_ref_seq.db_align_end                  103 
_struct_ref_seq.pdbx_db_align_end_ins_code    ? 
_struct_ref_seq.pdbx_auth_seq_align_beg       1 
_struct_ref_seq.pdbx_auth_seq_align_end       103 
# 
_pdbx_struct_assembly.id                   1 
_pdbx_struct_assembly.details              author_and_software_defined_assembly 
_pdbx_struct_assembly.method_details       PISA 
_pdbx_struct_assembly.oligomeric_details   monomeric 
_pdbx_struct_assembly.oligomeric_count     1 
# 
_pdbx_struct_assembly_gen.assembly_id       1 
_pdbx_struct_assembly_gen.oper_expression   1 
_pdbx_struct_assembly_gen.asym_id_list      A,B 
# 
_pdbx_struct_oper_list.id                   1 
_pdbx_struct_oper_list.type                 'identity operation' 
_pdbx_struct_oper_list.name                 1_555 
_pdbx_struct_oper_list.symmetry_operation   x,y,z 
_pdbx_struct_oper_list.matrix[1][1]         1.0000000000 
_pdbx_struct_oper_list.matrix[1][2]         0.0000000000 
_pdbx_struct_oper_list.matrix[1][3]         0.0000000000 
_pdbx_struct_oper_list.vector[1]            0.0000000000 
_pdbx_struct_oper_list.matrix[2][1]         0.0000000000 
_pdbx_struct_oper_list.matrix[2][2]         1.0000000000 
_pdbx_struct_oper_list.matrix[2][3]         0.0000000000 
_pdbx_struct_oper_list.vector[2]            0.0000000000 
_pdbx_struct_oper_list.matrix[3][1]         0.0000000000 
_pdbx_struct_oper_list.matrix[3][2]         0.0000000000 
_pdbx_struct_oper_list.matrix[3][3]         1.0000000000 
_pdbx_struct_oper_list.vector[3]            0.0000000000 
# 
_struct_biol.id        1 
_struct_biol.details   ? 
# 
loop_
_struct_conf.conf_type_id 
_struct_conf.id 
_struct_conf.pdbx_PDB_helix_id 
_struct_conf.beg_label_comp_id 
_struct_conf.beg_label_asym_id 
_struct_conf.beg_label_seq_id 
_struct_conf.pdbx_beg_PDB_ins_code 
_struct_conf.end_label_comp_id 
_struct_conf.end_label_asym_id 
_struct_conf.end_label_seq_id 
_struct_conf.pdbx_end_PDB_ins_code 
_struct_conf.beg_auth_comp_id 
_struct_conf.beg_auth_asym_id 
_struct_conf.beg_auth_seq_id 
_struct_conf.end_auth_comp_id 
_struct_conf.end_auth_asym_id 
_struct_conf.end_auth_seq_id 
_struct_conf.pdbx_PDB_helix_class 
_struct_conf.details 
_struct_conf.pdbx_PDB_helix_length 
HELX_P HELX_P1 1 THR A 5  ? LEU A 13 ? THR A 5  LEU A 13 1 ? 9  
HELX_P HELX_P2 2 THR A 26 ? ALA A 31 ? THR A 26 ALA A 31 1 ? 6  
HELX_P HELX_P3 3 PRO A 42 ? PHE A 53 ? PRO A 42 PHE A 53 5 ? 12 
HELX_P HELX_P4 4 GLY A 66 ? ASN A 79 ? GLY A 66 ASN A 79 1 ? 14 
HELX_P HELX_P5 5 GLY A 88 ? GLY A 94 ? GLY A 88 GLY A 94 1 ? 7  
# 
_struct_conf_type.id          HELX_P 
_struct_conf_type.criteria    ? 
_struct_conf_type.reference   ? 
# 
loop_
_struct_conn.id 
_struct_conn.conn_type_id 
_struct_conn.pdbx_leaving_atom_flag 
_struct_conn.pdbx_PDB_id 
_struct_conn.ptnr1_label_asym_id 
_struct_conn.ptnr1_label_comp_id 
_struct_conn.ptnr1_label_seq_id 
_struct_conn.ptnr1_label_atom_id 
_struct_conn.pdbx_ptnr1_label_alt_id 
_struct_conn.pdbx_ptnr1_PDB_ins_code 
_struct_conn.pdbx_ptnr1_standard_comp_id 
_struct_conn.ptnr1_symmetry 
_struct_conn.ptnr2_label_asym_id 
_struct_conn.ptnr2_label_comp_id 
_struct_conn.ptnr2_label_seq_id 
_struct_conn.ptnr2_label_atom_id 
_struct_conn.pdbx_ptnr2_label_alt_id 
_struct_conn.pdbx_ptnr2_PDB_ins_code 
_struct_conn.ptnr1_auth_asym_id 
_struct_conn.ptnr1_auth_comp_id 
_struct_conn.ptnr1_auth_seq_id 
_struct_conn.ptnr2_auth_asym_id 
_struct_conn.ptnr2_auth_comp_id 
_struct_conn.ptnr2_auth_seq_id 
_struct_conn.ptnr2_symmetry 
_struct_conn.pdbx_ptnr3_label_atom_id 
_struct_conn.pdbx_ptnr3_label_seq_id 
_struct_conn.pdbx_ptnr3_label_comp_id 
_struct_conn.pdbx_ptnr3_label_asym_id 
_struct_conn.pdbx_ptnr3_label_alt_id 
_struct_conn.pdbx_ptnr3_PDB_ins_code 
_struct_conn.details 
_struct_conn.pdbx_dist_value 
_struct_conn.pdbx_value_order 
_struct_conn.pdbx_role 
covale1 covale both ? A MSE 1  C ? ? ? 1_555 A LYS 2  N ? ? A MSE 1  A LYS 2  1_555 ? ? ? ? ? ? ? 1.329 ? ? 
covale2 covale both ? A ALA 31 C ? ? ? 1_555 A MSE 32 N ? ? A ALA 31 A MSE 32 1_555 ? ? ? ? ? ? ? 1.332 ? ? 
covale3 covale both ? A MSE 32 C ? ? ? 1_555 A GLY 33 N ? ? A MSE 32 A GLY 33 1_555 ? ? ? ? ? ? ? 1.316 ? ? 
covale4 covale both ? A PRO 42 C ? ? ? 1_555 A MSE 43 N ? ? A PRO 42 A MSE 43 1_555 ? ? ? ? ? ? ? 1.326 ? ? 
covale5 covale both ? A MSE 43 C ? ? ? 1_555 A ASP 44 N ? ? A MSE 43 A ASP 44 1_555 ? ? ? ? ? ? ? 1.328 ? ? 
covale6 covale both ? A GLY 89 C ? ? ? 1_555 A MSE 90 N ? ? A GLY 89 A MSE 90 1_555 ? ? ? ? ? ? ? 1.338 ? ? 
covale7 covale both ? A MSE 90 C ? ? ? 1_555 A HIS 91 N ? ? A MSE 90 A HIS 91 1_555 ? ? ? ? ? ? ? 1.332 ? ? 
# 
_struct_conn_type.id          covale 
_struct_conn_type.criteria    ? 
_struct_conn_type.reference   ? 
# 
loop_
_pdbx_modification_feature.ordinal 
_pdbx_modification_feature.label_comp_id 
_pdbx_modification_feature.label_asym_id 
_pdbx_modification_feature.label_seq_id 
_pdbx_modification_feature.label_alt_id 
_pdbx_modification_feature.modified_residue_label_comp_id 
_pdbx_modification_feature.modified_residue_label_asym_id 
_pdbx_modification_feature.modified_residue_label_seq_id 
_pdbx_modification_feature.modified_residue_label_alt_id 
_pdbx_modification_feature.auth_comp_id 
_pdbx_modification_feature.auth_asym_id 
_pdbx_modification_feature.auth_seq_id 
_pdbx_modification_feature.PDB_ins_code 
_pdbx_modification_feature.symmetry 
_pdbx_modification_feature.modified_residue_auth_comp_id 
_pdbx_modification_feature.modified_residue_auth_asym_id 
_pdbx_modification_feature.modified_residue_auth_seq_id 
_pdbx_modification_feature.modified_residue_PDB_ins_code 
_pdbx_modification_feature.modified_residue_symmetry 
_pdbx_modification_feature.comp_id_linking_atom 
_pdbx_modification_feature.modified_residue_id_linking_atom 
_pdbx_modification_feature.modified_residue_id 
_pdbx_modification_feature.ref_pcm_id 
_pdbx_modification_feature.ref_comp_id 
_pdbx_modification_feature.type 
_pdbx_modification_feature.category 
1 MSE A 1  ? . . . . MSE A 1  ? 1_555 . . . . . . . MET 1 MSE Selenomethionine 'Named protein modification' 
2 MSE A 32 ? . . . . MSE A 32 ? 1_555 . . . . . . . MET 1 MSE Selenomethionine 'Named protein modification' 
3 MSE A 43 ? . . . . MSE A 43 ? 1_555 . . . . . . . MET 1 MSE Selenomethionine 'Named protein modification' 
4 MSE A 90 ? . . . . MSE A 90 ? 1_555 . . . . . . . MET 1 MSE Selenomethionine 'Named protein modification' 
# 
_struct_sheet.id               A 
_struct_sheet.type             ? 
_struct_sheet.number_strands   5 
_struct_sheet.details          ? 
# 
loop_
_struct_sheet_order.sheet_id 
_struct_sheet_order.range_id_1 
_struct_sheet_order.range_id_2 
_struct_sheet_order.offset 
_struct_sheet_order.sense 
A 1 2 ? parallel 
A 2 3 ? parallel 
A 3 4 ? parallel 
A 4 5 ? parallel 
# 
loop_
_struct_sheet_range.sheet_id 
_struct_sheet_range.id 
_struct_sheet_range.beg_label_comp_id 
_struct_sheet_range.beg_label_asym_id 
_struct_sheet_range.beg_label_seq_id 
_struct_sheet_range.pdbx_beg_PDB_ins_code 
_struct_sheet_range.end_label_comp_id 
_struct_sheet_range.end_label_asym_id 
_struct_sheet_range.end_label_seq_id 
_struct_sheet_range.pdbx_end_PDB_ins_code 
_struct_sheet_range.beg_auth_comp_id 
_struct_sheet_range.beg_auth_asym_id 
_struct_sheet_range.beg_auth_seq_id 
_struct_sheet_range.end_auth_comp_id 
_struct_sheet_range.end_auth_asym_id 
_struct_sheet_range.end_auth_seq_id 
A 1 SER A 3  ? ILE A 4  ? SER A 3  ILE A 4  
A 2 ASP A 82 ? VAL A 86 ? ASP A 82 VAL A 86 
A 3 ILE A 58 ? VAL A 62 ? ILE A 58 VAL A 62 
A 4 GLN A 20 ? ASP A 23 ? GLN A 20 ASP A 23 
A 5 LYS A 39 ? LEU A 40 ? LYS A 39 LEU A 40 
# 
loop_
_pdbx_struct_sheet_hbond.sheet_id 
_pdbx_struct_sheet_hbond.range_id_1 
_pdbx_struct_sheet_hbond.range_id_2 
_pdbx_struct_sheet_hbond.range_1_label_atom_id 
_pdbx_struct_sheet_hbond.range_1_label_comp_id 
_pdbx_struct_sheet_hbond.range_1_label_asym_id 
_pdbx_struct_sheet_hbond.range_1_label_seq_id 
_pdbx_struct_sheet_hbond.range_1_PDB_ins_code 
_pdbx_struct_sheet_hbond.range_1_auth_atom_id 
_pdbx_struct_sheet_hbond.range_1_auth_comp_id 
_pdbx_struct_sheet_hbond.range_1_auth_asym_id 
_pdbx_struct_sheet_hbond.range_1_auth_seq_id 
_pdbx_struct_sheet_hbond.range_2_label_atom_id 
_pdbx_struct_sheet_hbond.range_2_label_comp_id 
_pdbx_struct_sheet_hbond.range_2_label_asym_id 
_pdbx_struct_sheet_hbond.range_2_label_seq_id 
_pdbx_struct_sheet_hbond.range_2_PDB_ins_code 
_pdbx_struct_sheet_hbond.range_2_auth_atom_id 
_pdbx_struct_sheet_hbond.range_2_auth_comp_id 
_pdbx_struct_sheet_hbond.range_2_auth_asym_id 
_pdbx_struct_sheet_hbond.range_2_auth_seq_id 
A 1 2 N ILE A 4  ? N ILE A 4  O ASN A 85 ? O ASN A 85 
A 2 3 O VAL A 84 ? O VAL A 84 N ILE A 61 ? N ILE A 61 
A 3 4 O TYR A 60 ? O TYR A 60 N GLN A 20 ? N GLN A 20 
A 4 5 N ILE A 21 ? N ILE A 21 O LYS A 39 ? O LYS A 39 
# 
_pdbx_entry_details.entry_id                   3MZZ 
_pdbx_entry_details.compound_details           ? 
_pdbx_entry_details.source_details             ? 
_pdbx_entry_details.nonpolymer_details         ? 
_pdbx_entry_details.sequence_details           ? 
_pdbx_entry_details.has_ligand_of_interest     ? 
_pdbx_entry_details.has_protein_modification   Y 
# 
_pdbx_validate_torsion.id              1 
_pdbx_validate_torsion.PDB_model_num   1 
_pdbx_validate_torsion.auth_comp_id    CYS 
_pdbx_validate_torsion.auth_asym_id    A 
_pdbx_validate_torsion.auth_seq_id     63 
_pdbx_validate_torsion.PDB_ins_code    ? 
_pdbx_validate_torsion.label_alt_id    B 
_pdbx_validate_torsion.phi             -128.39 
_pdbx_validate_torsion.psi             -161.34 
# 
_pdbx_SG_project.id                    1 
_pdbx_SG_project.project_name          ? 
_pdbx_SG_project.full_name_of_center   'Center for Structural Genomics of Infectious Diseases' 
_pdbx_SG_project.initial_of_center     CSGID 
# 
loop_
_pdbx_struct_mod_residue.id 
_pdbx_struct_mod_residue.label_asym_id 
_pdbx_struct_mod_residue.label_comp_id 
_pdbx_struct_mod_residue.label_seq_id 
_pdbx_struct_mod_residue.auth_asym_id 
_pdbx_struct_mod_residue.auth_comp_id 
_pdbx_struct_mod_residue.auth_seq_id 
_pdbx_struct_mod_residue.PDB_ins_code 
_pdbx_struct_mod_residue.parent_comp_id 
_pdbx_struct_mod_residue.details 
1 A MSE 1  A MSE 1  ? MET SELENOMETHIONINE 
2 A MSE 32 A MSE 32 ? MET SELENOMETHIONINE 
3 A MSE 43 A MSE 43 ? MET SELENOMETHIONINE 
4 A MSE 90 A MSE 90 ? MET SELENOMETHIONINE 
# 
_pdbx_refine_tls.pdbx_refine_id   'X-RAY DIFFRACTION' 
_pdbx_refine_tls.id               1 
_pdbx_refine_tls.details          ? 
_pdbx_refine_tls.method           refined 
_pdbx_refine_tls.origin_x         0.0973 
_pdbx_refine_tls.origin_y         -0.2971 
_pdbx_refine_tls.origin_z         -0.1343 
_pdbx_refine_tls.T[1][1]          0.0711 
_pdbx_refine_tls.T[2][2]          0.0202 
_pdbx_refine_tls.T[3][3]          0.0404 
_pdbx_refine_tls.T[1][2]          -0.0137 
_pdbx_refine_tls.T[1][3]          0.0164 
_pdbx_refine_tls.T[2][3]          -0.0181 
_pdbx_refine_tls.L[1][1]          4.3440 
_pdbx_refine_tls.L[2][2]          0.9260 
_pdbx_refine_tls.L[3][3]          1.1216 
_pdbx_refine_tls.L[1][2]          0.3639 
_pdbx_refine_tls.L[1][3]          0.6835 
_pdbx_refine_tls.L[2][3]          -0.1691 
_pdbx_refine_tls.S[1][1]          -0.0080 
_pdbx_refine_tls.S[1][2]          0.1706 
_pdbx_refine_tls.S[1][3]          -0.1458 
_pdbx_refine_tls.S[2][1]          -0.1087 
_pdbx_refine_tls.S[2][2]          0.0479 
_pdbx_refine_tls.S[2][3]          -0.0557 
_pdbx_refine_tls.S[3][1]          0.0302 
_pdbx_refine_tls.S[3][2]          0.0164 
_pdbx_refine_tls.S[3][3]          -0.0399 
# 
_pdbx_refine_tls_group.pdbx_refine_id      'X-RAY DIFFRACTION' 
_pdbx_refine_tls_group.id                  1 
_pdbx_refine_tls_group.refine_tls_id       1 
_pdbx_refine_tls_group.beg_auth_asym_id    A 
_pdbx_refine_tls_group.beg_auth_seq_id     1 
_pdbx_refine_tls_group.beg_label_asym_id   ? 
_pdbx_refine_tls_group.beg_label_seq_id    ? 
_pdbx_refine_tls_group.end_auth_asym_id    A 
_pdbx_refine_tls_group.end_auth_seq_id     103 
_pdbx_refine_tls_group.end_label_asym_id   ? 
_pdbx_refine_tls_group.end_label_seq_id    ? 
_pdbx_refine_tls_group.selection           ? 
_pdbx_refine_tls_group.selection_details   ? 
# 
loop_
_chem_comp_atom.comp_id 
_chem_comp_atom.atom_id 
_chem_comp_atom.type_symbol 
_chem_comp_atom.pdbx_aromatic_flag 
_chem_comp_atom.pdbx_stereo_config 
_chem_comp_atom.pdbx_ordinal 
ALA N    N  N N 1   
ALA CA   C  N S 2   
ALA C    C  N N 3   
ALA O    O  N N 4   
ALA CB   C  N N 5   
ALA OXT  O  N N 6   
ALA H    H  N N 7   
ALA H2   H  N N 8   
ALA HA   H  N N 9   
ALA HB1  H  N N 10  
ALA HB2  H  N N 11  
ALA HB3  H  N N 12  
ALA HXT  H  N N 13  
ARG N    N  N N 14  
ARG CA   C  N S 15  
ARG C    C  N N 16  
ARG O    O  N N 17  
ARG CB   C  N N 18  
ARG CG   C  N N 19  
ARG CD   C  N N 20  
ARG NE   N  N N 21  
ARG CZ   C  N N 22  
ARG NH1  N  N N 23  
ARG NH2  N  N N 24  
ARG OXT  O  N N 25  
ARG H    H  N N 26  
ARG H2   H  N N 27  
ARG HA   H  N N 28  
ARG HB2  H  N N 29  
ARG HB3  H  N N 30  
ARG HG2  H  N N 31  
ARG HG3  H  N N 32  
ARG HD2  H  N N 33  
ARG HD3  H  N N 34  
ARG HE   H  N N 35  
ARG HH11 H  N N 36  
ARG HH12 H  N N 37  
ARG HH21 H  N N 38  
ARG HH22 H  N N 39  
ARG HXT  H  N N 40  
ASN N    N  N N 41  
ASN CA   C  N S 42  
ASN C    C  N N 43  
ASN O    O  N N 44  
ASN CB   C  N N 45  
ASN CG   C  N N 46  
ASN OD1  O  N N 47  
ASN ND2  N  N N 48  
ASN OXT  O  N N 49  
ASN H    H  N N 50  
ASN H2   H  N N 51  
ASN HA   H  N N 52  
ASN HB2  H  N N 53  
ASN HB3  H  N N 54  
ASN HD21 H  N N 55  
ASN HD22 H  N N 56  
ASN HXT  H  N N 57  
ASP N    N  N N 58  
ASP CA   C  N S 59  
ASP C    C  N N 60  
ASP O    O  N N 61  
ASP CB   C  N N 62  
ASP CG   C  N N 63  
ASP OD1  O  N N 64  
ASP OD2  O  N N 65  
ASP OXT  O  N N 66  
ASP H    H  N N 67  
ASP H2   H  N N 68  
ASP HA   H  N N 69  
ASP HB2  H  N N 70  
ASP HB3  H  N N 71  
ASP HD2  H  N N 72  
ASP HXT  H  N N 73  
CYS N    N  N N 74  
CYS CA   C  N R 75  
CYS C    C  N N 76  
CYS O    O  N N 77  
CYS CB   C  N N 78  
CYS SG   S  N N 79  
CYS OXT  O  N N 80  
CYS H    H  N N 81  
CYS H2   H  N N 82  
CYS HA   H  N N 83  
CYS HB2  H  N N 84  
CYS HB3  H  N N 85  
CYS HG   H  N N 86  
CYS HXT  H  N N 87  
GLN N    N  N N 88  
GLN CA   C  N S 89  
GLN C    C  N N 90  
GLN O    O  N N 91  
GLN CB   C  N N 92  
GLN CG   C  N N 93  
GLN CD   C  N N 94  
GLN OE1  O  N N 95  
GLN NE2  N  N N 96  
GLN OXT  O  N N 97  
GLN H    H  N N 98  
GLN H2   H  N N 99  
GLN HA   H  N N 100 
GLN HB2  H  N N 101 
GLN HB3  H  N N 102 
GLN HG2  H  N N 103 
GLN HG3  H  N N 104 
GLN HE21 H  N N 105 
GLN HE22 H  N N 106 
GLN HXT  H  N N 107 
GLU N    N  N N 108 
GLU CA   C  N S 109 
GLU C    C  N N 110 
GLU O    O  N N 111 
GLU CB   C  N N 112 
GLU CG   C  N N 113 
GLU CD   C  N N 114 
GLU OE1  O  N N 115 
GLU OE2  O  N N 116 
GLU OXT  O  N N 117 
GLU H    H  N N 118 
GLU H2   H  N N 119 
GLU HA   H  N N 120 
GLU HB2  H  N N 121 
GLU HB3  H  N N 122 
GLU HG2  H  N N 123 
GLU HG3  H  N N 124 
GLU HE2  H  N N 125 
GLU HXT  H  N N 126 
GLY N    N  N N 127 
GLY CA   C  N N 128 
GLY C    C  N N 129 
GLY O    O  N N 130 
GLY OXT  O  N N 131 
GLY H    H  N N 132 
GLY H2   H  N N 133 
GLY HA2  H  N N 134 
GLY HA3  H  N N 135 
GLY HXT  H  N N 136 
HIS N    N  N N 137 
HIS CA   C  N S 138 
HIS C    C  N N 139 
HIS O    O  N N 140 
HIS CB   C  N N 141 
HIS CG   C  Y N 142 
HIS ND1  N  Y N 143 
HIS CD2  C  Y N 144 
HIS CE1  C  Y N 145 
HIS NE2  N  Y N 146 
HIS OXT  O  N N 147 
HIS H    H  N N 148 
HIS H2   H  N N 149 
HIS HA   H  N N 150 
HIS HB2  H  N N 151 
HIS HB3  H  N N 152 
HIS HD1  H  N N 153 
HIS HD2  H  N N 154 
HIS HE1  H  N N 155 
HIS HE2  H  N N 156 
HIS HXT  H  N N 157 
HOH O    O  N N 158 
HOH H1   H  N N 159 
HOH H2   H  N N 160 
ILE N    N  N N 161 
ILE CA   C  N S 162 
ILE C    C  N N 163 
ILE O    O  N N 164 
ILE CB   C  N S 165 
ILE CG1  C  N N 166 
ILE CG2  C  N N 167 
ILE CD1  C  N N 168 
ILE OXT  O  N N 169 
ILE H    H  N N 170 
ILE H2   H  N N 171 
ILE HA   H  N N 172 
ILE HB   H  N N 173 
ILE HG12 H  N N 174 
ILE HG13 H  N N 175 
ILE HG21 H  N N 176 
ILE HG22 H  N N 177 
ILE HG23 H  N N 178 
ILE HD11 H  N N 179 
ILE HD12 H  N N 180 
ILE HD13 H  N N 181 
ILE HXT  H  N N 182 
LEU N    N  N N 183 
LEU CA   C  N S 184 
LEU C    C  N N 185 
LEU O    O  N N 186 
LEU CB   C  N N 187 
LEU CG   C  N N 188 
LEU CD1  C  N N 189 
LEU CD2  C  N N 190 
LEU OXT  O  N N 191 
LEU H    H  N N 192 
LEU H2   H  N N 193 
LEU HA   H  N N 194 
LEU HB2  H  N N 195 
LEU HB3  H  N N 196 
LEU HG   H  N N 197 
LEU HD11 H  N N 198 
LEU HD12 H  N N 199 
LEU HD13 H  N N 200 
LEU HD21 H  N N 201 
LEU HD22 H  N N 202 
LEU HD23 H  N N 203 
LEU HXT  H  N N 204 
LYS N    N  N N 205 
LYS CA   C  N S 206 
LYS C    C  N N 207 
LYS O    O  N N 208 
LYS CB   C  N N 209 
LYS CG   C  N N 210 
LYS CD   C  N N 211 
LYS CE   C  N N 212 
LYS NZ   N  N N 213 
LYS OXT  O  N N 214 
LYS H    H  N N 215 
LYS H2   H  N N 216 
LYS HA   H  N N 217 
LYS HB2  H  N N 218 
LYS HB3  H  N N 219 
LYS HG2  H  N N 220 
LYS HG3  H  N N 221 
LYS HD2  H  N N 222 
LYS HD3  H  N N 223 
LYS HE2  H  N N 224 
LYS HE3  H  N N 225 
LYS HZ1  H  N N 226 
LYS HZ2  H  N N 227 
LYS HZ3  H  N N 228 
LYS HXT  H  N N 229 
MSE N    N  N N 230 
MSE CA   C  N S 231 
MSE C    C  N N 232 
MSE O    O  N N 233 
MSE OXT  O  N N 234 
MSE CB   C  N N 235 
MSE CG   C  N N 236 
MSE SE   SE N N 237 
MSE CE   C  N N 238 
MSE H    H  N N 239 
MSE H2   H  N N 240 
MSE HA   H  N N 241 
MSE HXT  H  N N 242 
MSE HB2  H  N N 243 
MSE HB3  H  N N 244 
MSE HG2  H  N N 245 
MSE HG3  H  N N 246 
MSE HE1  H  N N 247 
MSE HE2  H  N N 248 
MSE HE3  H  N N 249 
PHE N    N  N N 250 
PHE CA   C  N S 251 
PHE C    C  N N 252 
PHE O    O  N N 253 
PHE CB   C  N N 254 
PHE CG   C  Y N 255 
PHE CD1  C  Y N 256 
PHE CD2  C  Y N 257 
PHE CE1  C  Y N 258 
PHE CE2  C  Y N 259 
PHE CZ   C  Y N 260 
PHE OXT  O  N N 261 
PHE H    H  N N 262 
PHE H2   H  N N 263 
PHE HA   H  N N 264 
PHE HB2  H  N N 265 
PHE HB3  H  N N 266 
PHE HD1  H  N N 267 
PHE HD2  H  N N 268 
PHE HE1  H  N N 269 
PHE HE2  H  N N 270 
PHE HZ   H  N N 271 
PHE HXT  H  N N 272 
PRO N    N  N N 273 
PRO CA   C  N S 274 
PRO C    C  N N 275 
PRO O    O  N N 276 
PRO CB   C  N N 277 
PRO CG   C  N N 278 
PRO CD   C  N N 279 
PRO OXT  O  N N 280 
PRO H    H  N N 281 
PRO HA   H  N N 282 
PRO HB2  H  N N 283 
PRO HB3  H  N N 284 
PRO HG2  H  N N 285 
PRO HG3  H  N N 286 
PRO HD2  H  N N 287 
PRO HD3  H  N N 288 
PRO HXT  H  N N 289 
SER N    N  N N 290 
SER CA   C  N S 291 
SER C    C  N N 292 
SER O    O  N N 293 
SER CB   C  N N 294 
SER OG   O  N N 295 
SER OXT  O  N N 296 
SER H    H  N N 297 
SER H2   H  N N 298 
SER HA   H  N N 299 
SER HB2  H  N N 300 
SER HB3  H  N N 301 
SER HG   H  N N 302 
SER HXT  H  N N 303 
THR N    N  N N 304 
THR CA   C  N S 305 
THR C    C  N N 306 
THR O    O  N N 307 
THR CB   C  N R 308 
THR OG1  O  N N 309 
THR CG2  C  N N 310 
THR OXT  O  N N 311 
THR H    H  N N 312 
THR H2   H  N N 313 
THR HA   H  N N 314 
THR HB   H  N N 315 
THR HG1  H  N N 316 
THR HG21 H  N N 317 
THR HG22 H  N N 318 
THR HG23 H  N N 319 
THR HXT  H  N N 320 
TRP N    N  N N 321 
TRP CA   C  N S 322 
TRP C    C  N N 323 
TRP O    O  N N 324 
TRP CB   C  N N 325 
TRP CG   C  Y N 326 
TRP CD1  C  Y N 327 
TRP CD2  C  Y N 328 
TRP NE1  N  Y N 329 
TRP CE2  C  Y N 330 
TRP CE3  C  Y N 331 
TRP CZ2  C  Y N 332 
TRP CZ3  C  Y N 333 
TRP CH2  C  Y N 334 
TRP OXT  O  N N 335 
TRP H    H  N N 336 
TRP H2   H  N N 337 
TRP HA   H  N N 338 
TRP HB2  H  N N 339 
TRP HB3  H  N N 340 
TRP HD1  H  N N 341 
TRP HE1  H  N N 342 
TRP HE3  H  N N 343 
TRP HZ2  H  N N 344 
TRP HZ3  H  N N 345 
TRP HH2  H  N N 346 
TRP HXT  H  N N 347 
TYR N    N  N N 348 
TYR CA   C  N S 349 
TYR C    C  N N 350 
TYR O    O  N N 351 
TYR CB   C  N N 352 
TYR CG   C  Y N 353 
TYR CD1  C  Y N 354 
TYR CD2  C  Y N 355 
TYR CE1  C  Y N 356 
TYR CE2  C  Y N 357 
TYR CZ   C  Y N 358 
TYR OH   O  N N 359 
TYR OXT  O  N N 360 
TYR H    H  N N 361 
TYR H2   H  N N 362 
TYR HA   H  N N 363 
TYR HB2  H  N N 364 
TYR HB3  H  N N 365 
TYR HD1  H  N N 366 
TYR HD2  H  N N 367 
TYR HE1  H  N N 368 
TYR HE2  H  N N 369 
TYR HH   H  N N 370 
TYR HXT  H  N N 371 
VAL N    N  N N 372 
VAL CA   C  N S 373 
VAL C    C  N N 374 
VAL O    O  N N 375 
VAL CB   C  N N 376 
VAL CG1  C  N N 377 
VAL CG2  C  N N 378 
VAL OXT  O  N N 379 
VAL H    H  N N 380 
VAL H2   H  N N 381 
VAL HA   H  N N 382 
VAL HB   H  N N 383 
VAL HG11 H  N N 384 
VAL HG12 H  N N 385 
VAL HG13 H  N N 386 
VAL HG21 H  N N 387 
VAL HG22 H  N N 388 
VAL HG23 H  N N 389 
VAL HXT  H  N N 390 
# 
loop_
_chem_comp_bond.comp_id 
_chem_comp_bond.atom_id_1 
_chem_comp_bond.atom_id_2 
_chem_comp_bond.value_order 
_chem_comp_bond.pdbx_aromatic_flag 
_chem_comp_bond.pdbx_stereo_config 
_chem_comp_bond.pdbx_ordinal 
ALA N   CA   sing N N 1   
ALA N   H    sing N N 2   
ALA N   H2   sing N N 3   
ALA CA  C    sing N N 4   
ALA CA  CB   sing N N 5   
ALA CA  HA   sing N N 6   
ALA C   O    doub N N 7   
ALA C   OXT  sing N N 8   
ALA CB  HB1  sing N N 9   
ALA CB  HB2  sing N N 10  
ALA CB  HB3  sing N N 11  
ALA OXT HXT  sing N N 12  
ARG N   CA   sing N N 13  
ARG N   H    sing N N 14  
ARG N   H2   sing N N 15  
ARG CA  C    sing N N 16  
ARG CA  CB   sing N N 17  
ARG CA  HA   sing N N 18  
ARG C   O    doub N N 19  
ARG C   OXT  sing N N 20  
ARG CB  CG   sing N N 21  
ARG CB  HB2  sing N N 22  
ARG CB  HB3  sing N N 23  
ARG CG  CD   sing N N 24  
ARG CG  HG2  sing N N 25  
ARG CG  HG3  sing N N 26  
ARG CD  NE   sing N N 27  
ARG CD  HD2  sing N N 28  
ARG CD  HD3  sing N N 29  
ARG NE  CZ   sing N N 30  
ARG NE  HE   sing N N 31  
ARG CZ  NH1  sing N N 32  
ARG CZ  NH2  doub N N 33  
ARG NH1 HH11 sing N N 34  
ARG NH1 HH12 sing N N 35  
ARG NH2 HH21 sing N N 36  
ARG NH2 HH22 sing N N 37  
ARG OXT HXT  sing N N 38  
ASN N   CA   sing N N 39  
ASN N   H    sing N N 40  
ASN N   H2   sing N N 41  
ASN CA  C    sing N N 42  
ASN CA  CB   sing N N 43  
ASN CA  HA   sing N N 44  
ASN C   O    doub N N 45  
ASN C   OXT  sing N N 46  
ASN CB  CG   sing N N 47  
ASN CB  HB2  sing N N 48  
ASN CB  HB3  sing N N 49  
ASN CG  OD1  doub N N 50  
ASN CG  ND2  sing N N 51  
ASN ND2 HD21 sing N N 52  
ASN ND2 HD22 sing N N 53  
ASN OXT HXT  sing N N 54  
ASP N   CA   sing N N 55  
ASP N   H    sing N N 56  
ASP N   H2   sing N N 57  
ASP CA  C    sing N N 58  
ASP CA  CB   sing N N 59  
ASP CA  HA   sing N N 60  
ASP C   O    doub N N 61  
ASP C   OXT  sing N N 62  
ASP CB  CG   sing N N 63  
ASP CB  HB2  sing N N 64  
ASP CB  HB3  sing N N 65  
ASP CG  OD1  doub N N 66  
ASP CG  OD2  sing N N 67  
ASP OD2 HD2  sing N N 68  
ASP OXT HXT  sing N N 69  
CYS N   CA   sing N N 70  
CYS N   H    sing N N 71  
CYS N   H2   sing N N 72  
CYS CA  C    sing N N 73  
CYS CA  CB   sing N N 74  
CYS CA  HA   sing N N 75  
CYS C   O    doub N N 76  
CYS C   OXT  sing N N 77  
CYS CB  SG   sing N N 78  
CYS CB  HB2  sing N N 79  
CYS CB  HB3  sing N N 80  
CYS SG  HG   sing N N 81  
CYS OXT HXT  sing N N 82  
GLN N   CA   sing N N 83  
GLN N   H    sing N N 84  
GLN N   H2   sing N N 85  
GLN CA  C    sing N N 86  
GLN CA  CB   sing N N 87  
GLN CA  HA   sing N N 88  
GLN C   O    doub N N 89  
GLN C   OXT  sing N N 90  
GLN CB  CG   sing N N 91  
GLN CB  HB2  sing N N 92  
GLN CB  HB3  sing N N 93  
GLN CG  CD   sing N N 94  
GLN CG  HG2  sing N N 95  
GLN CG  HG3  sing N N 96  
GLN CD  OE1  doub N N 97  
GLN CD  NE2  sing N N 98  
GLN NE2 HE21 sing N N 99  
GLN NE2 HE22 sing N N 100 
GLN OXT HXT  sing N N 101 
GLU N   CA   sing N N 102 
GLU N   H    sing N N 103 
GLU N   H2   sing N N 104 
GLU CA  C    sing N N 105 
GLU CA  CB   sing N N 106 
GLU CA  HA   sing N N 107 
GLU C   O    doub N N 108 
GLU C   OXT  sing N N 109 
GLU CB  CG   sing N N 110 
GLU CB  HB2  sing N N 111 
GLU CB  HB3  sing N N 112 
GLU CG  CD   sing N N 113 
GLU CG  HG2  sing N N 114 
GLU CG  HG3  sing N N 115 
GLU CD  OE1  doub N N 116 
GLU CD  OE2  sing N N 117 
GLU OE2 HE2  sing N N 118 
GLU OXT HXT  sing N N 119 
GLY N   CA   sing N N 120 
GLY N   H    sing N N 121 
GLY N   H2   sing N N 122 
GLY CA  C    sing N N 123 
GLY CA  HA2  sing N N 124 
GLY CA  HA3  sing N N 125 
GLY C   O    doub N N 126 
GLY C   OXT  sing N N 127 
GLY OXT HXT  sing N N 128 
HIS N   CA   sing N N 129 
HIS N   H    sing N N 130 
HIS N   H2   sing N N 131 
HIS CA  C    sing N N 132 
HIS CA  CB   sing N N 133 
HIS CA  HA   sing N N 134 
HIS C   O    doub N N 135 
HIS C   OXT  sing N N 136 
HIS CB  CG   sing N N 137 
HIS CB  HB2  sing N N 138 
HIS CB  HB3  sing N N 139 
HIS CG  ND1  sing Y N 140 
HIS CG  CD2  doub Y N 141 
HIS ND1 CE1  doub Y N 142 
HIS ND1 HD1  sing N N 143 
HIS CD2 NE2  sing Y N 144 
HIS CD2 HD2  sing N N 145 
HIS CE1 NE2  sing Y N 146 
HIS CE1 HE1  sing N N 147 
HIS NE2 HE2  sing N N 148 
HIS OXT HXT  sing N N 149 
HOH O   H1   sing N N 150 
HOH O   H2   sing N N 151 
ILE N   CA   sing N N 152 
ILE N   H    sing N N 153 
ILE N   H2   sing N N 154 
ILE CA  C    sing N N 155 
ILE CA  CB   sing N N 156 
ILE CA  HA   sing N N 157 
ILE C   O    doub N N 158 
ILE C   OXT  sing N N 159 
ILE CB  CG1  sing N N 160 
ILE CB  CG2  sing N N 161 
ILE CB  HB   sing N N 162 
ILE CG1 CD1  sing N N 163 
ILE CG1 HG12 sing N N 164 
ILE CG1 HG13 sing N N 165 
ILE CG2 HG21 sing N N 166 
ILE CG2 HG22 sing N N 167 
ILE CG2 HG23 sing N N 168 
ILE CD1 HD11 sing N N 169 
ILE CD1 HD12 sing N N 170 
ILE CD1 HD13 sing N N 171 
ILE OXT HXT  sing N N 172 
LEU N   CA   sing N N 173 
LEU N   H    sing N N 174 
LEU N   H2   sing N N 175 
LEU CA  C    sing N N 176 
LEU CA  CB   sing N N 177 
LEU CA  HA   sing N N 178 
LEU C   O    doub N N 179 
LEU C   OXT  sing N N 180 
LEU CB  CG   sing N N 181 
LEU CB  HB2  sing N N 182 
LEU CB  HB3  sing N N 183 
LEU CG  CD1  sing N N 184 
LEU CG  CD2  sing N N 185 
LEU CG  HG   sing N N 186 
LEU CD1 HD11 sing N N 187 
LEU CD1 HD12 sing N N 188 
LEU CD1 HD13 sing N N 189 
LEU CD2 HD21 sing N N 190 
LEU CD2 HD22 sing N N 191 
LEU CD2 HD23 sing N N 192 
LEU OXT HXT  sing N N 193 
LYS N   CA   sing N N 194 
LYS N   H    sing N N 195 
LYS N   H2   sing N N 196 
LYS CA  C    sing N N 197 
LYS CA  CB   sing N N 198 
LYS CA  HA   sing N N 199 
LYS C   O    doub N N 200 
LYS C   OXT  sing N N 201 
LYS CB  CG   sing N N 202 
LYS CB  HB2  sing N N 203 
LYS CB  HB3  sing N N 204 
LYS CG  CD   sing N N 205 
LYS CG  HG2  sing N N 206 
LYS CG  HG3  sing N N 207 
LYS CD  CE   sing N N 208 
LYS CD  HD2  sing N N 209 
LYS CD  HD3  sing N N 210 
LYS CE  NZ   sing N N 211 
LYS CE  HE2  sing N N 212 
LYS CE  HE3  sing N N 213 
LYS NZ  HZ1  sing N N 214 
LYS NZ  HZ2  sing N N 215 
LYS NZ  HZ3  sing N N 216 
LYS OXT HXT  sing N N 217 
MSE N   CA   sing N N 218 
MSE N   H    sing N N 219 
MSE N   H2   sing N N 220 
MSE CA  C    sing N N 221 
MSE CA  CB   sing N N 222 
MSE CA  HA   sing N N 223 
MSE C   O    doub N N 224 
MSE C   OXT  sing N N 225 
MSE OXT HXT  sing N N 226 
MSE CB  CG   sing N N 227 
MSE CB  HB2  sing N N 228 
MSE CB  HB3  sing N N 229 
MSE CG  SE   sing N N 230 
MSE CG  HG2  sing N N 231 
MSE CG  HG3  sing N N 232 
MSE SE  CE   sing N N 233 
MSE CE  HE1  sing N N 234 
MSE CE  HE2  sing N N 235 
MSE CE  HE3  sing N N 236 
PHE N   CA   sing N N 237 
PHE N   H    sing N N 238 
PHE N   H2   sing N N 239 
PHE CA  C    sing N N 240 
PHE CA  CB   sing N N 241 
PHE CA  HA   sing N N 242 
PHE C   O    doub N N 243 
PHE C   OXT  sing N N 244 
PHE CB  CG   sing N N 245 
PHE CB  HB2  sing N N 246 
PHE CB  HB3  sing N N 247 
PHE CG  CD1  doub Y N 248 
PHE CG  CD2  sing Y N 249 
PHE CD1 CE1  sing Y N 250 
PHE CD1 HD1  sing N N 251 
PHE CD2 CE2  doub Y N 252 
PHE CD2 HD2  sing N N 253 
PHE CE1 CZ   doub Y N 254 
PHE CE1 HE1  sing N N 255 
PHE CE2 CZ   sing Y N 256 
PHE CE2 HE2  sing N N 257 
PHE CZ  HZ   sing N N 258 
PHE OXT HXT  sing N N 259 
PRO N   CA   sing N N 260 
PRO N   CD   sing N N 261 
PRO N   H    sing N N 262 
PRO CA  C    sing N N 263 
PRO CA  CB   sing N N 264 
PRO CA  HA   sing N N 265 
PRO C   O    doub N N 266 
PRO C   OXT  sing N N 267 
PRO CB  CG   sing N N 268 
PRO CB  HB2  sing N N 269 
PRO CB  HB3  sing N N 270 
PRO CG  CD   sing N N 271 
PRO CG  HG2  sing N N 272 
PRO CG  HG3  sing N N 273 
PRO CD  HD2  sing N N 274 
PRO CD  HD3  sing N N 275 
PRO OXT HXT  sing N N 276 
SER N   CA   sing N N 277 
SER N   H    sing N N 278 
SER N   H2   sing N N 279 
SER CA  C    sing N N 280 
SER CA  CB   sing N N 281 
SER CA  HA   sing N N 282 
SER C   O    doub N N 283 
SER C   OXT  sing N N 284 
SER CB  OG   sing N N 285 
SER CB  HB2  sing N N 286 
SER CB  HB3  sing N N 287 
SER OG  HG   sing N N 288 
SER OXT HXT  sing N N 289 
THR N   CA   sing N N 290 
THR N   H    sing N N 291 
THR N   H2   sing N N 292 
THR CA  C    sing N N 293 
THR CA  CB   sing N N 294 
THR CA  HA   sing N N 295 
THR C   O    doub N N 296 
THR C   OXT  sing N N 297 
THR CB  OG1  sing N N 298 
THR CB  CG2  sing N N 299 
THR CB  HB   sing N N 300 
THR OG1 HG1  sing N N 301 
THR CG2 HG21 sing N N 302 
THR CG2 HG22 sing N N 303 
THR CG2 HG23 sing N N 304 
THR OXT HXT  sing N N 305 
TRP N   CA   sing N N 306 
TRP N   H    sing N N 307 
TRP N   H2   sing N N 308 
TRP CA  C    sing N N 309 
TRP CA  CB   sing N N 310 
TRP CA  HA   sing N N 311 
TRP C   O    doub N N 312 
TRP C   OXT  sing N N 313 
TRP CB  CG   sing N N 314 
TRP CB  HB2  sing N N 315 
TRP CB  HB3  sing N N 316 
TRP CG  CD1  doub Y N 317 
TRP CG  CD2  sing Y N 318 
TRP CD1 NE1  sing Y N 319 
TRP CD1 HD1  sing N N 320 
TRP CD2 CE2  doub Y N 321 
TRP CD2 CE3  sing Y N 322 
TRP NE1 CE2  sing Y N 323 
TRP NE1 HE1  sing N N 324 
TRP CE2 CZ2  sing Y N 325 
TRP CE3 CZ3  doub Y N 326 
TRP CE3 HE3  sing N N 327 
TRP CZ2 CH2  doub Y N 328 
TRP CZ2 HZ2  sing N N 329 
TRP CZ3 CH2  sing Y N 330 
TRP CZ3 HZ3  sing N N 331 
TRP CH2 HH2  sing N N 332 
TRP OXT HXT  sing N N 333 
TYR N   CA   sing N N 334 
TYR N   H    sing N N 335 
TYR N   H2   sing N N 336 
TYR CA  C    sing N N 337 
TYR CA  CB   sing N N 338 
TYR CA  HA   sing N N 339 
TYR C   O    doub N N 340 
TYR C   OXT  sing N N 341 
TYR CB  CG   sing N N 342 
TYR CB  HB2  sing N N 343 
TYR CB  HB3  sing N N 344 
TYR CG  CD1  doub Y N 345 
TYR CG  CD2  sing Y N 346 
TYR CD1 CE1  sing Y N 347 
TYR CD1 HD1  sing N N 348 
TYR CD2 CE2  doub Y N 349 
TYR CD2 HD2  sing N N 350 
TYR CE1 CZ   doub Y N 351 
TYR CE1 HE1  sing N N 352 
TYR CE2 CZ   sing Y N 353 
TYR CE2 HE2  sing N N 354 
TYR CZ  OH   sing N N 355 
TYR OH  HH   sing N N 356 
TYR OXT HXT  sing N N 357 
VAL N   CA   sing N N 358 
VAL N   H    sing N N 359 
VAL N   H2   sing N N 360 
VAL CA  C    sing N N 361 
VAL CA  CB   sing N N 362 
VAL CA  HA   sing N N 363 
VAL C   O    doub N N 364 
VAL C   OXT  sing N N 365 
VAL CB  CG1  sing N N 366 
VAL CB  CG2  sing N N 367 
VAL CB  HB   sing N N 368 
VAL CG1 HG11 sing N N 369 
VAL CG1 HG12 sing N N 370 
VAL CG1 HG13 sing N N 371 
VAL CG2 HG21 sing N N 372 
VAL CG2 HG22 sing N N 373 
VAL CG2 HG23 sing N N 374 
VAL OXT HXT  sing N N 375 
# 
_atom_sites.entry_id                    3MZZ 
_atom_sites.fract_transf_matrix[1][1]   0.00748517 
_atom_sites.fract_transf_matrix[1][2]   -0.02289504 
_atom_sites.fract_transf_matrix[1][3]   0.00170741 
_atom_sites.fract_transf_matrix[2][1]   0.00612927 
_atom_sites.fract_transf_matrix[2][2]   0.00064519 
_atom_sites.fract_transf_matrix[2][3]   -0.01821878 
_atom_sites.fract_transf_matrix[3][1]   0.01518914 
_atom_sites.fract_transf_matrix[3][2]   0.00536109 
_atom_sites.fract_transf_matrix[3][3]   0.00529987 
_atom_sites.fract_transf_vector[1]      0.310052 
_atom_sites.fract_transf_vector[2]      -0.043298 
_atom_sites.fract_transf_vector[3]      0.053308 
# 
loop_
_atom_type.symbol 
C  
N  
O  
S  
SE 
# 
loop_
_atom_site.group_PDB 
_atom_site.id 
_atom_site.type_symbol 
_atom_site.label_atom_id 
_atom_site.label_alt_id 
_atom_site.label_comp_id 
_atom_site.label_asym_id 
_atom_site.label_entity_id 
_atom_site.label_seq_id 
_atom_site.pdbx_PDB_ins_code 
_atom_site.Cartn_x 
_atom_site.Cartn_y 
_atom_site.Cartn_z 
_atom_site.occupancy 
_atom_site.B_iso_or_equiv 
_atom_site.pdbx_formal_charge 
_atom_site.auth_seq_id 
_atom_site.auth_comp_id 
_atom_site.auth_asym_id 
_atom_site.auth_atom_id 
_atom_site.pdbx_PDB_model_num 
HETATM 1   N  N   . MSE A 1 1   ? 6.611   14.650  -2.966  1.00 28.15 ? 1   MSE A N   1 
HETATM 2   C  CA  . MSE A 1 1   ? 5.880   13.345  -2.808  1.00 27.15 ? 1   MSE A CA  1 
HETATM 3   C  C   . MSE A 1 1   ? 4.569   13.179  -3.589  1.00 25.86 ? 1   MSE A C   1 
HETATM 4   O  O   . MSE A 1 1   ? 3.600   13.946  -3.412  1.00 26.52 ? 1   MSE A O   1 
HETATM 5   C  CB  . MSE A 1 1   ? 5.538   13.067  -1.346  1.00 28.19 ? 1   MSE A CB  1 
HETATM 6   C  CG  . MSE A 1 1   ? 4.923   11.663  -1.177  1.00 28.39 ? 1   MSE A CG  1 
HETATM 7   SE SE  . MSE A 1 1   ? 5.014   10.993  0.628   0.60 30.45 ? 1   MSE A SE  1 
HETATM 8   C  CE  . MSE A 1 1   ? 6.989   11.146  0.896   1.00 30.78 ? 1   MSE A CE  1 
ATOM   9   N  N   . LYS A 1 2   ? 4.514   12.123  -4.395  1.00 34.14 ? 2   LYS A N   1 
ATOM   10  C  CA  . LYS A 1 2   ? 3.289   11.765  -5.075  1.00 32.00 ? 2   LYS A CA  1 
ATOM   11  C  C   . LYS A 1 2   ? 2.332   11.199  -4.014  1.00 28.46 ? 2   LYS A C   1 
ATOM   12  O  O   . LYS A 1 2   ? 2.742   10.431  -3.128  1.00 23.97 ? 2   LYS A O   1 
ATOM   13  C  CB  . LYS A 1 2   ? 3.555   10.732  -6.186  1.00 33.40 ? 2   LYS A CB  1 
ATOM   14  C  CG  . LYS A 1 2   ? 4.448   11.232  -7.374  1.00 38.00 ? 2   LYS A CG  1 
ATOM   15  C  CD  . LYS A 1 2   ? 5.322   10.113  -8.053  1.00 42.62 ? 2   LYS A CD  1 
ATOM   16  C  CE  . LYS A 1 2   ? 4.573   9.215   -9.058  1.00 45.09 ? 2   LYS A CE  1 
ATOM   17  N  NZ  . LYS A 1 2   ? 5.428   8.809   -10.287 1.00 48.31 ? 2   LYS A NZ  1 
ATOM   18  N  N   . SER A 1 3   ? 1.068   11.568  -4.180  1.00 26.54 ? 3   SER A N   1 
ATOM   19  C  CA  . SER A 1 3   ? -0.025  11.238  -3.297  1.00 25.99 ? 3   SER A CA  1 
ATOM   20  C  C   . SER A 1 3   ? -1.258  10.884  -4.128  1.00 24.27 ? 3   SER A C   1 
ATOM   21  O  O   . SER A 1 3   ? -1.473  11.455  -5.199  1.00 25.15 ? 3   SER A O   1 
ATOM   22  C  CB  . SER A 1 3   ? -0.371  12.504  -2.495  1.00 27.17 ? 3   SER A CB  1 
ATOM   23  O  OG  . SER A 1 3   ? -0.829  12.095  -1.254  1.00 33.68 ? 3   SER A OG  1 
ATOM   24  N  N   . ILE A 1 4   ? -2.107  10.014  -3.614  1.00 21.38 ? 4   ILE A N   1 
ATOM   25  C  CA  . ILE A 1 4   ? -3.410  9.751   -4.213  1.00 20.51 ? 4   ILE A CA  1 
ATOM   26  C  C   . ILE A 1 4   ? -4.443  9.623   -3.090  1.00 20.51 ? 4   ILE A C   1 
ATOM   27  O  O   . ILE A 1 4   ? -4.092  9.148   -2.003  1.00 20.23 ? 4   ILE A O   1 
ATOM   28  C  CB  . ILE A 1 4   ? -3.347  8.449   -5.065  1.00 20.05 ? 4   ILE A CB  1 
ATOM   29  C  CG1 . ILE A 1 4   ? -4.564  8.301   -5.994  1.00 21.01 ? 4   ILE A CG1 1 
ATOM   30  C  CG2 . ILE A 1 4   ? -3.111  7.218   -4.161  1.00 14.34 ? 4   ILE A CG2 1 
ATOM   31  C  CD1 . ILE A 1 4   ? -4.418  7.094   -7.024  1.00 23.17 ? 4   ILE A CD1 1 
ATOM   32  N  N   . THR A 1 5   ? -5.681  10.071  -3.330  1.00 20.29 ? 5   THR A N   1 
ATOM   33  C  CA  . THR A 1 5   ? -6.756  9.822   -2.375  1.00 20.12 ? 5   THR A CA  1 
ATOM   34  C  C   . THR A 1 5   ? -7.245  8.366   -2.514  1.00 19.46 ? 5   THR A C   1 
ATOM   35  O  O   . THR A 1 5   ? -7.021  7.682   -3.541  1.00 16.17 ? 5   THR A O   1 
ATOM   36  C  CB  . THR A 1 5   ? -7.913  10.821  -2.548  1.00 21.99 ? 5   THR A CB  1 
ATOM   37  O  OG1 . THR A 1 5   ? -8.612  10.530  -3.756  1.00 21.89 ? 5   THR A OG1 1 
ATOM   38  C  CG2 . THR A 1 5   ? -7.395  12.263  -2.609  1.00 23.12 ? 5   THR A CG2 1 
ATOM   39  N  N   . THR A 1 6   ? -7.934  7.890   -1.480  1.00 19.27 ? 6   THR A N   1 
ATOM   40  C  CA  . THR A 1 6   ? -8.516  6.583   -1.511  1.00 19.18 ? 6   THR A CA  1 
ATOM   41  C  C   . THR A 1 6   ? -9.600  6.505   -2.571  1.00 19.89 ? 6   THR A C   1 
ATOM   42  O  O   . THR A 1 6   ? -9.754  5.469   -3.209  1.00 19.24 ? 6   THR A O   1 
ATOM   43  C  CB  . THR A 1 6   ? -9.019  6.135   -0.103  1.00 18.89 ? 6   THR A CB  1 
ATOM   44  O  OG1 . THR A 1 6   ? -9.991  7.062   0.399   1.00 20.25 ? 6   THR A OG1 1 
ATOM   45  C  CG2 . THR A 1 6   ? -7.800  5.992   0.843   1.00 18.70 ? 6   THR A CG2 1 
ATOM   46  N  N   . ASP A 1 7   ? -10.318 7.601   -2.791  1.00 20.80 ? 7   ASP A N   1 
ATOM   47  C  CA  . ASP A 1 7   ? -11.390 7.620   -3.807  1.00 21.87 ? 7   ASP A CA  1 
ATOM   48  C  C   . ASP A 1 7   ? -10.757 7.408   -5.184  1.00 22.63 ? 7   ASP A C   1 
ATOM   49  O  O   . ASP A 1 7   ? -11.237 6.615   -5.990  1.00 22.94 ? 7   ASP A O   1 
ATOM   50  C  CB  . ASP A 1 7   ? -12.212 8.919   -3.735  1.00 22.69 ? 7   ASP A CB  1 
ATOM   51  N  N   . GLU A 1 8   ? -9.648  8.105   -5.433  1.00 23.35 ? 8   GLU A N   1 
ATOM   52  C  CA  . GLU A 1 8   ? -8.951  8.003   -6.696  1.00 24.09 ? 8   GLU A CA  1 
ATOM   53  C  C   . GLU A 1 8   ? -8.291  6.652   -6.887  1.00 23.26 ? 8   GLU A C   1 
ATOM   54  O  O   . GLU A 1 8   ? -8.190  6.161   -8.034  1.00 22.85 ? 8   GLU A O   1 
ATOM   55  C  CB  . GLU A 1 8   ? -7.897  9.079   -6.826  1.00 25.98 ? 8   GLU A CB  1 
ATOM   56  C  CG  . GLU A 1 8   ? -8.414  10.498  -6.958  1.00 30.11 ? 8   GLU A CG  1 
ATOM   57  C  CD  . GLU A 1 8   ? -7.267  11.590  -6.763  1.00 35.68 ? 8   GLU A CD  1 
ATOM   58  O  OE1 . GLU A 1 8   ? -6.189  11.378  -6.071  1.00 31.71 ? 8   GLU A OE1 1 
ATOM   59  O  OE2 . GLU A 1 8   ? -7.486  12.699  -7.318  1.00 41.78 ? 8   GLU A OE2 1 
ATOM   60  N  N   . LEU A 1 9   ? -7.825  6.051   -5.790  1.00 21.78 ? 9   LEU A N   1 
ATOM   61  C  CA  . LEU A 1 9   ? -7.234  4.718   -5.880  1.00 21.01 ? 9   LEU A CA  1 
ATOM   62  C  C   . LEU A 1 9   ? -8.326  3.676   -6.130  1.00 20.60 ? 9   LEU A C   1 
ATOM   63  O  O   . LEU A 1 9   ? -8.133  2.749   -6.913  1.00 21.39 ? 9   LEU A O   1 
ATOM   64  C  CB  . LEU A 1 9   ? -6.422  4.358   -4.642  1.00 19.59 ? 9   LEU A CB  1 
ATOM   65  C  CG  . LEU A 1 9   ? -5.644  3.046   -4.634  1.00 21.93 ? 9   LEU A CG  1 
ATOM   66  C  CD1 . LEU A 1 9   ? -4.756  2.882   -5.845  1.00 20.40 ? 9   LEU A CD1 1 
ATOM   67  C  CD2 . LEU A 1 9   ? -4.803  2.946   -3.317  1.00 20.23 ? 9   LEU A CD2 1 
ATOM   68  N  N   . LYS A 1 10  ? -9.471  3.834   -5.494  1.00 19.26 ? 10  LYS A N   1 
ATOM   69  C  CA  . LYS A 1 10  ? -10.577 2.942   -5.779  1.00 18.86 ? 10  LYS A CA  1 
ATOM   70  C  C   . LYS A 1 10  ? -11.002 3.016   -7.229  1.00 18.33 ? 10  LYS A C   1 
ATOM   71  O  O   . LYS A 1 10  ? -11.299 2.014   -7.838  1.00 18.98 ? 10  LYS A O   1 
ATOM   72  C  CB  . LYS A 1 10  ? -11.733 3.186   -4.815  1.00 19.57 ? 10  LYS A CB  1 
ATOM   73  C  CG  . LYS A 1 10  ? -11.404 2.741   -3.361  1.00 18.58 ? 10  LYS A CG  1 
ATOM   74  C  CD  . LYS A 1 10  ? -12.531 3.158   -2.372  1.00 19.42 ? 10  LYS A CD  1 
ATOM   75  C  CE  . LYS A 1 10  ? -12.157 2.858   -0.909  1.00 21.28 ? 10  LYS A CE  1 
ATOM   76  N  NZ  . LYS A 1 10  ? -13.237 3.104   0.053   1.00 15.24 ? 10  LYS A NZ  1 
ATOM   77  N  N   . ASN A 1 11  ? -10.984 4.203   -7.795  1.00 18.16 ? 11  ASN A N   1 
ATOM   78  C  CA  . ASN A 1 11  ? -11.370 4.393   -9.159  1.00 19.92 ? 11  ASN A CA  1 
ATOM   79  C  C   . ASN A 1 11  ? -10.498 3.553   -10.130 1.00 21.42 ? 11  ASN A C   1 
ATOM   80  O  O   . ASN A 1 11  ? -10.966 3.109   -11.185 1.00 20.92 ? 11  ASN A O   1 
ATOM   81  C  CB  . ASN A 1 11  ? -11.270 5.865   -9.493  1.00 21.02 ? 11  ASN A CB  1 
ATOM   82  C  CG  . ASN A 1 11  ? -12.343 6.684   -8.822  1.00 20.01 ? 11  ASN A CG  1 
ATOM   83  O  OD1 . ASN A 1 11  ? -13.191 6.165   -8.134  1.00 20.72 ? 11  ASN A OD1 1 
ATOM   84  N  ND2 . ASN A 1 11  ? -12.336 7.972   -9.077  1.00 22.74 ? 11  ASN A ND2 1 
ATOM   85  N  N   . LYS A 1 12  ? -9.261  3.275   -9.709  1.00 21.82 ? 12  LYS A N   1 
ATOM   86  C  CA  . LYS A 1 12  ? -8.335  2.488   -10.510 1.00 24.63 ? 12  LYS A CA  1 
ATOM   87  C  C   . LYS A 1 12  ? -8.703  0.997   -10.613 1.00 25.16 ? 12  LYS A C   1 
ATOM   88  O  O   . LYS A 1 12  ? -8.295  0.322   -11.551 1.00 27.18 ? 12  LYS A O   1 
ATOM   89  C  CB  . LYS A 1 12  ? -6.921  2.650   -9.972  1.00 24.31 ? 12  LYS A CB  1 
ATOM   90  C  CG  . LYS A 1 12  ? -6.387  4.052   -10.153 1.00 27.30 ? 12  LYS A CG  1 
ATOM   91  C  CD  . LYS A 1 12  ? -4.840  4.061   -10.035 1.00 30.98 ? 12  LYS A CD  1 
ATOM   92  C  CE  . LYS A 1 12  ? -4.300  5.411   -10.391 1.00 34.46 ? 12  LYS A CE  1 
ATOM   93  N  NZ  . LYS A 1 12  ? -4.307  5.687   -11.893 1.00 37.31 ? 12  LYS A NZ  1 
ATOM   94  N  N   . LEU A 1 13  ? -9.539  0.528   -9.682  1.00 25.55 ? 13  LEU A N   1 
ATOM   95  C  CA  . LEU A 1 13  ? -10.157 -0.791  -9.771  1.00 25.65 ? 13  LEU A CA  1 
ATOM   96  C  C   . LEU A 1 13  ? -10.991 -0.940  -11.026 1.00 27.34 ? 13  LEU A C   1 
ATOM   97  O  O   . LEU A 1 13  ? -11.246 -2.074  -11.469 1.00 29.39 ? 13  LEU A O   1 
ATOM   98  C  CB  . LEU A 1 13  ? -11.041 -1.036  -8.551  1.00 24.43 ? 13  LEU A CB  1 
ATOM   99  C  CG  . LEU A 1 13  ? -10.347 -1.156  -7.220  1.00 25.64 ? 13  LEU A CG  1 
ATOM   100 C  CD1 . LEU A 1 13  ? -11.378 -1.251  -6.102  1.00 24.10 ? 13  LEU A CD1 1 
ATOM   101 C  CD2 . LEU A 1 13  ? -9.470  -2.431  -7.280  1.00 29.50 ? 13  LEU A CD2 1 
ATOM   102 N  N   . LEU A 1 14  ? -11.459 0.180   -11.598 1.00 27.70 ? 14  LEU A N   1 
ATOM   103 C  CA  . LEU A 1 14  ? -12.189 0.146   -12.851 1.00 29.70 ? 14  LEU A CA  1 
ATOM   104 C  C   . LEU A 1 14  ? -11.301 0.069   -14.107 1.00 32.99 ? 14  LEU A C   1 
ATOM   105 O  O   . LEU A 1 14  ? -11.838 -0.061  -15.205 1.00 34.56 ? 14  LEU A O   1 
ATOM   106 C  CB  . LEU A 1 14  ? -13.161 1.338   -12.959 1.00 28.98 ? 14  LEU A CB  1 
ATOM   107 C  CG  . LEU A 1 14  ? -14.231 1.407   -11.862 1.00 26.80 ? 14  LEU A CG  1 
ATOM   108 C  CD1 . LEU A 1 14  ? -15.048 2.670   -11.968 1.00 23.26 ? 14  LEU A CD1 1 
ATOM   109 C  CD2 . LEU A 1 14  ? -15.134 0.141   -11.855 1.00 22.75 ? 14  LEU A CD2 1 
ATOM   110 N  N   . GLU A 1 15  ? -9.980  0.172   -13.952 1.00 34.76 ? 15  GLU A N   1 
ATOM   111 C  CA  . GLU A 1 15  ? -9.040  0.148   -15.084 1.00 37.92 ? 15  GLU A CA  1 
ATOM   112 C  C   . GLU A 1 15  ? -8.612  -1.266  -15.426 1.00 40.07 ? 15  GLU A C   1 
ATOM   113 O  O   . GLU A 1 15  ? -8.719  -2.159  -14.610 1.00 38.16 ? 15  GLU A O   1 
ATOM   114 C  CB  . GLU A 1 15  ? -7.788  0.955   -14.750 1.00 38.04 ? 15  GLU A CB  1 
ATOM   115 C  CG  . GLU A 1 15  ? -8.001  2.452   -14.743 1.00 40.28 ? 15  GLU A CG  1 
ATOM   116 C  CD  . GLU A 1 15  ? -6.927  3.229   -13.978 1.00 44.44 ? 15  GLU A CD  1 
ATOM   117 O  OE1 . GLU A 1 15  ? -5.815  2.674   -13.677 1.00 45.90 ? 15  GLU A OE1 1 
ATOM   118 O  OE2 . GLU A 1 15  ? -7.233  4.408   -13.663 1.00 48.12 ? 15  GLU A OE2 1 
ATOM   119 N  N   . SER A 1 16  ? -8.078  -1.461  -16.637 1.00 44.91 ? 16  SER A N   1 
ATOM   120 C  CA  . SER A 1 16  ? -7.634  -2.802  -17.050 1.00 48.57 ? 16  SER A CA  1 
ATOM   121 C  C   . SER A 1 16  ? -6.306  -3.208  -16.368 1.00 49.01 ? 16  SER A C   1 
ATOM   122 O  O   . SER A 1 16  ? -6.215  -4.307  -15.786 1.00 49.46 ? 16  SER A O   1 
ATOM   123 C  CB  . SER A 1 16  ? -7.586  -2.920  -18.583 1.00 51.85 ? 16  SER A CB  1 
ATOM   124 O  OG  . SER A 1 16  ? -7.681  -1.630  -19.195 1.00 56.09 ? 16  SER A OG  1 
ATOM   125 N  N   . LYS A 1 17  ? -5.308  -2.330  -16.380 1.00 49.96 ? 17  LYS A N   1 
ATOM   126 C  CA  . LYS A 1 17  ? -4.050  -2.630  -15.657 1.00 50.31 ? 17  LYS A CA  1 
ATOM   127 C  C   . LYS A 1 17  ? -4.276  -2.697  -14.128 1.00 47.34 ? 17  LYS A C   1 
ATOM   128 O  O   . LYS A 1 17  ? -4.745  -1.729  -13.547 1.00 46.47 ? 17  LYS A O   1 
ATOM   129 C  CB  . LYS A 1 17  ? -2.986  -1.569  -15.949 1.00 51.74 ? 17  LYS A CB  1 
ATOM   130 C  CG  . LYS A 1 17  ? -3.473  -0.104  -15.744 1.00 55.29 ? 17  LYS A CG  1 
ATOM   131 C  CD  . LYS A 1 17  ? -2.355  0.867   -15.304 1.00 59.32 ? 17  LYS A CD  1 
ATOM   132 C  CE  . LYS A 1 17  ? -2.970  2.024   -14.487 1.00 61.18 ? 17  LYS A CE  1 
ATOM   133 N  NZ  . LYS A 1 17  ? -1.966  2.981   -13.942 1.00 62.64 ? 17  LYS A NZ  1 
ATOM   134 N  N   . PRO A 1 18  ? -3.926  -3.826  -13.475 1.00 46.23 ? 18  PRO A N   1 
ATOM   135 C  CA  . PRO A 1 18  ? -4.058  -3.951  -12.026 1.00 43.55 ? 18  PRO A CA  1 
ATOM   136 C  C   . PRO A 1 18  ? -3.105  -3.013  -11.319 1.00 40.81 ? 18  PRO A C   1 
ATOM   137 O  O   . PRO A 1 18  ? -2.024  -2.779  -11.796 1.00 42.09 ? 18  PRO A O   1 
ATOM   138 C  CB  . PRO A 1 18  ? -3.640  -5.393  -11.739 1.00 44.21 ? 18  PRO A CB  1 
ATOM   139 C  CG  . PRO A 1 18  ? -3.675  -6.079  -13.061 1.00 47.29 ? 18  PRO A CG  1 
ATOM   140 C  CD  . PRO A 1 18  ? -3.318  -5.035  -14.055 1.00 48.62 ? 18  PRO A CD  1 
ATOM   141 N  N   . VAL A 1 19  ? -3.534  -2.462  -10.201 1.00 37.81 ? 19  VAL A N   1 
ATOM   142 C  CA  . VAL A 1 19  ? -2.713  -1.530  -9.465  1.00 34.86 ? 19  VAL A CA  1 
ATOM   143 C  C   . VAL A 1 19  ? -2.029  -2.340  -8.388  1.00 32.36 ? 19  VAL A C   1 
ATOM   144 O  O   . VAL A 1 19  ? -2.576  -3.320  -7.898  1.00 31.53 ? 19  VAL A O   1 
ATOM   145 C  CB  . VAL A 1 19  ? -3.530  -0.351  -8.924  1.00 34.25 ? 19  VAL A CB  1 
ATOM   146 C  CG1 . VAL A 1 19  ? -3.738  0.666   -10.064 1.00 38.39 ? 19  VAL A CG1 1 
ATOM   147 C  CG2 . VAL A 1 19  ? -4.872  -0.824  -8.403  1.00 34.61 ? 19  VAL A CG2 1 
ATOM   148 N  N   A GLN A 1 20  ? -0.791  -1.960  -8.082  0.50 30.67 ? 20  GLN A N   1 
ATOM   149 N  N   B GLN A 1 20  ? -0.824  -1.905  -8.042  0.50 30.65 ? 20  GLN A N   1 
ATOM   150 C  CA  A GLN A 1 20  ? 0.026   -2.613  -7.073  0.50 28.98 ? 20  GLN A CA  1 
ATOM   151 C  CA  B GLN A 1 20  ? 0.012   -2.561  -7.067  0.50 29.09 ? 20  GLN A CA  1 
ATOM   152 C  C   A GLN A 1 20  ? -0.127  -1.795  -5.797  0.50 26.66 ? 20  GLN A C   1 
ATOM   153 C  C   B GLN A 1 20  ? -0.127  -1.776  -5.784  0.50 26.71 ? 20  GLN A C   1 
ATOM   154 O  O   A GLN A 1 20  ? 0.273   -0.620  -5.756  0.50 25.83 ? 20  GLN A O   1 
ATOM   155 O  O   B GLN A 1 20  ? 0.280   -0.607  -5.719  0.50 25.89 ? 20  GLN A O   1 
ATOM   156 C  CB  A GLN A 1 20  ? 1.494   -2.653  -7.515  0.50 29.76 ? 20  GLN A CB  1 
ATOM   157 C  CB  B GLN A 1 20  ? 1.454   -2.551  -7.548  0.50 29.89 ? 20  GLN A CB  1 
ATOM   158 C  CG  A GLN A 1 20  ? 1.843   -3.689  -8.600  0.50 31.51 ? 20  GLN A CG  1 
ATOM   159 C  CG  B GLN A 1 20  ? 1.633   -3.187  -8.905  0.50 32.15 ? 20  GLN A CG  1 
ATOM   160 C  CD  A GLN A 1 20  ? 2.613   -4.895  -8.069  0.50 32.57 ? 20  GLN A CD  1 
ATOM   161 C  CD  B GLN A 1 20  ? 1.103   -4.596  -8.934  0.50 33.45 ? 20  GLN A CD  1 
ATOM   162 O  OE1 A GLN A 1 20  ? 2.496   -5.259  -6.900  0.50 31.42 ? 20  GLN A OE1 1 
ATOM   163 O  OE1 B GLN A 1 20  ? 0.330   -4.970  -9.822  0.50 35.73 ? 20  GLN A OE1 1 
ATOM   164 N  NE2 A GLN A 1 20  ? 3.404   -5.532  -8.943  0.50 34.93 ? 20  GLN A NE2 1 
ATOM   165 N  NE2 B GLN A 1 20  ? 1.493   -5.387  -7.942  0.50 32.31 ? 20  GLN A NE2 1 
ATOM   166 N  N   . ILE A 1 21  ? -0.753  -2.401  -4.793  1.00 24.59 ? 21  ILE A N   1 
ATOM   167 C  CA  . ILE A 1 21  ? -0.978  -1.779  -3.507  1.00 22.73 ? 21  ILE A CA  1 
ATOM   168 C  C   . ILE A 1 21  ? -0.150  -2.574  -2.512  1.00 21.72 ? 21  ILE A C   1 
ATOM   169 O  O   . ILE A 1 21  ? -0.188  -3.829  -2.518  1.00 21.81 ? 21  ILE A O   1 
ATOM   170 C  CB  . ILE A 1 21  ? -2.508  -1.760  -3.114  1.00 22.36 ? 21  ILE A CB  1 
ATOM   171 C  CG1 . ILE A 1 21  ? -3.326  -0.945  -4.134  1.00 23.05 ? 21  ILE A CG1 1 
ATOM   172 C  CG2 . ILE A 1 21  ? -2.710  -1.138  -1.692  1.00 22.88 ? 21  ILE A CG2 1 
ATOM   173 C  CD1 . ILE A 1 21  ? -4.856  -0.985  -3.944  1.00 21.81 ? 21  ILE A CD1 1 
ATOM   174 N  N   . VAL A 1 22  ? 0.586   -1.841  -1.660  1.00 20.42 ? 22  VAL A N   1 
ATOM   175 C  CA  . VAL A 1 22  ? 1.417   -2.408  -0.618  1.00 20.05 ? 22  VAL A CA  1 
ATOM   176 C  C   . VAL A 1 22  ? 0.969   -1.897  0.748   1.00 18.86 ? 22  VAL A C   1 
ATOM   177 O  O   . VAL A 1 22  ? 0.960   -0.681  0.994   1.00 18.58 ? 22  VAL A O   1 
ATOM   178 C  CB  . VAL A 1 22  ? 2.927   -2.055  -0.868  1.00 20.88 ? 22  VAL A CB  1 
ATOM   179 C  CG1 . VAL A 1 22  ? 3.877   -2.759  0.175   1.00 18.49 ? 22  VAL A CG1 1 
ATOM   180 C  CG2 . VAL A 1 22  ? 3.312   -2.420  -2.299  1.00 22.50 ? 22  VAL A CG2 1 
ATOM   181 N  N   . ASP A 1 23  ? 0.575   -2.824  1.623   1.00 18.22 ? 23  ASP A N   1 
ATOM   182 C  CA  . ASP A 1 23  ? 0.028   -2.477  2.944   1.00 17.84 ? 23  ASP A CA  1 
ATOM   183 C  C   . ASP A 1 23  ? 1.190   -2.671  3.889   1.00 17.32 ? 23  ASP A C   1 
ATOM   184 O  O   . ASP A 1 23  ? 1.670   -3.798  4.018   1.00 18.30 ? 23  ASP A O   1 
ATOM   185 C  CB  . ASP A 1 23  ? -1.142  -3.397  3.273   1.00 17.18 ? 23  ASP A CB  1 
ATOM   186 C  CG  . ASP A 1 23  ? -1.792  -3.132  4.619   1.00 19.82 ? 23  ASP A CG  1 
ATOM   187 O  OD1 . ASP A 1 23  ? -2.970  -3.559  4.759   1.00 20.35 ? 23  ASP A OD1 1 
ATOM   188 O  OD2 . ASP A 1 23  ? -1.146  -2.559  5.539   1.00 18.34 ? 23  ASP A OD2 1 
ATOM   189 N  N   . VAL A 1 24  ? 1.622   -1.590  4.545   1.00 16.77 ? 24  VAL A N   1 
ATOM   190 C  CA  . VAL A 1 24  ? 2.855   -1.608  5.340   1.00 16.61 ? 24  VAL A CA  1 
ATOM   191 C  C   . VAL A 1 24  ? 2.542   -1.607  6.847   1.00 17.31 ? 24  VAL A C   1 
ATOM   192 O  O   . VAL A 1 24  ? 3.427   -1.393  7.666   1.00 17.79 ? 24  VAL A O   1 
ATOM   193 C  CB  . VAL A 1 24  ? 3.863   -0.477  4.962   1.00 16.53 ? 24  VAL A CB  1 
ATOM   194 C  CG1 . VAL A 1 24  ? 4.336   -0.635  3.540   1.00 16.60 ? 24  VAL A CG1 1 
ATOM   195 C  CG2 . VAL A 1 24  ? 3.314   0.951   5.258   1.00 15.81 ? 24  VAL A CG2 1 
ATOM   196 N  N   . ARG A 1 25  ? 1.284   -1.886  7.187   1.00 17.35 ? 25  ARG A N   1 
ATOM   197 C  CA  . ARG A 1 25  ? 0.864   -2.063  8.583   1.00 18.93 ? 25  ARG A CA  1 
ATOM   198 C  C   . ARG A 1 25  ? 1.473   -3.323  9.203   1.00 18.96 ? 25  ARG A C   1 
ATOM   199 O  O   . ARG A 1 25  ? 2.018   -4.168  8.490   1.00 18.92 ? 25  ARG A O   1 
ATOM   200 C  CB  . ARG A 1 25  ? -0.670  -2.131  8.647   1.00 19.28 ? 25  ARG A CB  1 
ATOM   201 C  CG  . ARG A 1 25  ? -1.361  -0.833  8.252   1.00 19.37 ? 25  ARG A CG  1 
ATOM   202 C  CD  . ARG A 1 25  ? -2.880  -0.901  8.379   1.00 15.61 ? 25  ARG A CD  1 
ATOM   203 N  NE  . ARG A 1 25  ? -3.375  -1.912  7.493   1.00 13.64 ? 25  ARG A NE  1 
ATOM   204 C  CZ  . ARG A 1 25  ? -4.548  -2.546  7.621   1.00 17.42 ? 25  ARG A CZ  1 
ATOM   205 N  NH1 . ARG A 1 25  ? -5.381  -2.268  8.615   1.00 18.42 ? 25  ARG A NH1 1 
ATOM   206 N  NH2 . ARG A 1 25  ? -4.900  -3.458  6.726   1.00 17.68 ? 25  ARG A NH2 1 
ATOM   207 N  N   . THR A 1 26  ? 1.404   -3.442  10.534  1.00 19.81 ? 26  THR A N   1 
ATOM   208 C  CA  . THR A 1 26  ? 1.861   -4.634  11.204  1.00 19.31 ? 26  THR A CA  1 
ATOM   209 C  C   . THR A 1 26  ? 0.936   -5.798  10.867  1.00 19.44 ? 26  THR A C   1 
ATOM   210 O  O   . THR A 1 26  ? -0.186  -5.572  10.369  1.00 18.46 ? 26  THR A O   1 
ATOM   211 C  CB  . THR A 1 26  ? 1.890   -4.443  12.755  1.00 20.09 ? 26  THR A CB  1 
ATOM   212 O  OG1 . THR A 1 26  ? 0.551   -4.201  13.216  1.00 20.11 ? 26  THR A OG1 1 
ATOM   213 C  CG2 . THR A 1 26  ? 2.824   -3.261  13.161  1.00 19.99 ? 26  THR A CG2 1 
ATOM   214 N  N   . ASP A 1 27  ? 1.381   -7.022  11.202  1.00 20.41 ? 27  ASP A N   1 
ATOM   215 C  CA  . ASP A 1 27  ? 0.599   -8.231  10.940  1.00 21.51 ? 27  ASP A CA  1 
ATOM   216 C  C   . ASP A 1 27  ? -0.656  -8.250  11.783  1.00 22.44 ? 27  ASP A C   1 
ATOM   217 O  O   . ASP A 1 27  ? -1.712  -8.743  11.371  1.00 22.01 ? 27  ASP A O   1 
ATOM   218 C  CB  . ASP A 1 27  ? 1.409   -9.483  11.240  1.00 22.95 ? 27  ASP A CB  1 
ATOM   219 C  CG  . ASP A 1 27  ? 2.521   -9.730  10.225  1.00 24.84 ? 27  ASP A CG  1 
ATOM   220 O  OD1 . ASP A 1 27  ? 2.422   -9.294  9.052   1.00 25.33 ? 27  ASP A OD1 1 
ATOM   221 O  OD2 . ASP A 1 27  ? 3.500   -10.365 10.638  1.00 27.41 ? 27  ASP A OD2 1 
ATOM   222 N  N   . GLU A 1 28  ? -0.537  -7.726  12.998  1.00 23.02 ? 28  GLU A N   1 
ATOM   223 C  CA  . GLU A 1 28  ? -1.691  -7.588  13.873  1.00 24.69 ? 28  GLU A CA  1 
ATOM   224 C  C   . GLU A 1 28  ? -2.818  -6.771  13.292  1.00 22.93 ? 28  GLU A C   1 
ATOM   225 O  O   . GLU A 1 28  ? -3.977  -7.098  13.492  1.00 23.19 ? 28  GLU A O   1 
ATOM   226 C  CB  . GLU A 1 28  ? -1.257  -6.929  15.171  1.00 27.23 ? 28  GLU A CB  1 
ATOM   227 C  CG  . GLU A 1 28  ? -0.868  -7.933  16.159  1.00 33.43 ? 28  GLU A CG  1 
ATOM   228 C  CD  . GLU A 1 28  ? 0.328   -7.557  16.897  1.00 42.66 ? 28  GLU A CD  1 
ATOM   229 O  OE1 . GLU A 1 28  ? 1.404   -7.556  16.235  1.00 48.03 ? 28  GLU A OE1 1 
ATOM   230 O  OE2 . GLU A 1 28  ? 0.193   -7.335  18.128  1.00 48.95 ? 28  GLU A OE2 1 
ATOM   231 N  N   . GLU A 1 29  ? -2.452  -5.676  12.636  1.00 20.90 ? 29  GLU A N   1 
ATOM   232 C  CA  . GLU A 1 29  ? -3.386  -4.823  11.966  1.00 20.61 ? 29  GLU A CA  1 
ATOM   233 C  C   . GLU A 1 29  ? -3.963  -5.463  10.683  1.00 19.81 ? 29  GLU A C   1 
ATOM   234 O  O   . GLU A 1 29  ? -5.191  -5.524  10.487  1.00 19.40 ? 29  GLU A O   1 
ATOM   235 C  CB  . GLU A 1 29  ? -2.701  -3.514  11.561  1.00 20.19 ? 29  GLU A CB  1 
ATOM   236 C  CG  . GLU A 1 29  ? -2.365  -2.611  12.727  1.00 21.35 ? 29  GLU A CG  1 
ATOM   237 C  CD  . GLU A 1 29  ? -1.414  -1.493  12.299  1.00 23.63 ? 29  GLU A CD  1 
ATOM   238 O  OE1 . GLU A 1 29  ? -0.186  -1.728  12.276  1.00 21.32 ? 29  GLU A OE1 1 
ATOM   239 O  OE2 . GLU A 1 29  ? -1.931  -0.392  11.939  1.00 26.89 ? 29  GLU A OE2 1 
ATOM   240 N  N   . THR A 1 30  ? -3.084  -5.965  9.834   1.00 17.81 ? 30  THR A N   1 
ATOM   241 C  CA  . THR A 1 30  ? -3.539  -6.525  8.588   1.00 18.63 ? 30  THR A CA  1 
ATOM   242 C  C   . THR A 1 30  ? -4.384  -7.747  8.760   1.00 19.87 ? 30  THR A C   1 
ATOM   243 O  O   . THR A 1 30  ? -5.187  -8.056  7.872   1.00 19.49 ? 30  THR A O   1 
ATOM   244 C  CB  . THR A 1 30  ? -2.377  -6.856  7.600   1.00 18.74 ? 30  THR A CB  1 
ATOM   245 O  OG1 . THR A 1 30  ? -1.614  -7.936  8.115   1.00 20.32 ? 30  THR A OG1 1 
ATOM   246 C  CG2 . THR A 1 30  ? -1.496  -5.628  7.328   1.00 17.69 ? 30  THR A CG2 1 
ATOM   247 N  N   . ALA A 1 31  ? -4.266  -8.415  9.918   1.00 21.24 ? 31  ALA A N   1 
ATOM   248 C  CA  . ALA A 1 31  ? -5.001  -9.629  10.202  1.00 22.59 ? 31  ALA A CA  1 
ATOM   249 C  C   . ALA A 1 31  ? -6.481  -9.321  10.307  1.00 24.49 ? 31  ALA A C   1 
ATOM   250 O  O   . ALA A 1 31  ? -7.320  -10.217 10.137  1.00 23.26 ? 31  ALA A O   1 
ATOM   251 C  CB  . ALA A 1 31  ? -4.485  -10.281 11.496  1.00 22.66 ? 31  ALA A CB  1 
HETATM 252 N  N   . MSE A 1 32  ? -6.800  -8.062  10.601  1.00 24.61 ? 32  MSE A N   1 
HETATM 253 C  CA  . MSE A 1 32  ? -8.185  -7.651  10.767  1.00 26.41 ? 32  MSE A CA  1 
HETATM 254 C  C   . MSE A 1 32  ? -8.841  -7.337  9.433   1.00 25.15 ? 32  MSE A C   1 
HETATM 255 O  O   . MSE A 1 32  ? -10.015 -7.068  9.390   1.00 25.68 ? 32  MSE A O   1 
HETATM 256 C  CB  . MSE A 1 32  ? -8.256  -6.384  11.633  1.00 27.92 ? 32  MSE A CB  1 
HETATM 257 C  CG  . MSE A 1 32  ? -7.759  -6.517  13.072  1.00 34.09 ? 32  MSE A CG  1 
HETATM 258 SE SE  . MSE A 1 32  ? -8.266  -8.235  13.969  0.75 48.88 ? 32  MSE A SE  1 
HETATM 259 C  CE  . MSE A 1 32  ? -10.237 -8.195  14.002  1.00 46.29 ? 32  MSE A CE  1 
ATOM   260 N  N   . GLY A 1 33  ? -8.076  -7.328  8.361   1.00 21.83 ? 33  GLY A N   1 
ATOM   261 C  CA  . GLY A 1 33  ? -8.630  -7.155  7.034   1.00 21.60 ? 33  GLY A CA  1 
ATOM   262 C  C   . GLY A 1 33  ? -7.690  -6.262  6.235   1.00 19.94 ? 33  GLY A C   1 
ATOM   263 O  O   . GLY A 1 33  ? -7.155  -5.266  6.745   1.00 18.98 ? 33  GLY A O   1 
ATOM   264 N  N   . TYR A 1 34  ? -7.476  -6.602  4.988   1.00 19.42 ? 34  TYR A N   1 
ATOM   265 C  CA  . TYR A 1 34  ? -6.671  -5.734  4.113   1.00 19.55 ? 34  TYR A CA  1 
ATOM   266 C  C   . TYR A 1 34  ? -7.321  -5.670  2.726   1.00 19.85 ? 34  TYR A C   1 
ATOM   267 O  O   . TYR A 1 34  ? -8.265  -6.434  2.421   1.00 20.79 ? 34  TYR A O   1 
ATOM   268 C  CB  . TYR A 1 34  ? -5.237  -6.288  4.007   1.00 20.36 ? 34  TYR A CB  1 
ATOM   269 C  CG  . TYR A 1 34  ? -5.228  -7.752  3.615   1.00 21.83 ? 34  TYR A CG  1 
ATOM   270 C  CD1 . TYR A 1 34  ? -5.146  -8.128  2.282   1.00 24.93 ? 34  TYR A CD1 1 
ATOM   271 C  CD2 . TYR A 1 34  ? -5.302  -8.753  4.582   1.00 21.22 ? 34  TYR A CD2 1 
ATOM   272 C  CE1 . TYR A 1 34  ? -5.154  -9.503  1.920   1.00 26.21 ? 34  TYR A CE1 1 
ATOM   273 C  CE2 . TYR A 1 34  ? -5.279  -10.099 4.242   1.00 27.10 ? 34  TYR A CE2 1 
ATOM   274 C  CZ  . TYR A 1 34  ? -5.215  -10.467 2.911   1.00 26.71 ? 34  TYR A CZ  1 
ATOM   275 O  OH  . TYR A 1 34  ? -5.223  -11.801 2.595   1.00 28.17 ? 34  TYR A OH  1 
ATOM   276 N  N   . ILE A 1 35  ? -6.795  -4.786  1.887   1.00 19.24 ? 35  ILE A N   1 
ATOM   277 C  CA  . ILE A 1 35  ? -7.295  -4.589  0.528   1.00 18.79 ? 35  ILE A CA  1 
ATOM   278 C  C   . ILE A 1 35  ? -6.976  -5.830  -0.329  1.00 20.00 ? 35  ILE A C   1 
ATOM   279 O  O   . ILE A 1 35  ? -5.826  -6.267  -0.365  1.00 19.26 ? 35  ILE A O   1 
ATOM   280 C  CB  . ILE A 1 35  ? -6.687  -3.355  -0.095  1.00 17.19 ? 35  ILE A CB  1 
ATOM   281 C  CG1 . ILE A 1 35  ? -7.130  -2.104  0.698   1.00 17.79 ? 35  ILE A CG1 1 
ATOM   282 C  CG2 . ILE A 1 35  ? -7.106  -3.250  -1.626  1.00 18.60 ? 35  ILE A CG2 1 
ATOM   283 C  CD1 . ILE A 1 35  ? -6.398  -0.806  0.224   1.00 16.23 ? 35  ILE A CD1 1 
ATOM   284 N  N   . PRO A 1 36  ? -8.007  -6.412  -1.001  1.00 21.30 ? 36  PRO A N   1 
ATOM   285 C  CA  . PRO A 1 36  ? -7.768  -7.646  -1.754  1.00 22.86 ? 36  PRO A CA  1 
ATOM   286 C  C   . PRO A 1 36  ? -6.611  -7.463  -2.725  1.00 23.23 ? 36  PRO A C   1 
ATOM   287 O  O   . PRO A 1 36  ? -6.518  -6.407  -3.366  1.00 20.71 ? 36  PRO A O   1 
ATOM   288 C  CB  . PRO A 1 36  ? -9.106  -7.900  -2.480  1.00 24.46 ? 36  PRO A CB  1 
ATOM   289 C  CG  . PRO A 1 36  ? -10.176 -7.260  -1.541  1.00 23.27 ? 36  PRO A CG  1 
ATOM   290 C  CD  . PRO A 1 36  ? -9.446  -6.039  -0.968  1.00 22.12 ? 36  PRO A CD  1 
ATOM   291 N  N   . ASN A 1 37  ? -5.721  -8.460  -2.781  1.00 24.09 ? 37  ASN A N   1 
ATOM   292 C  CA  . ASN A 1 37  ? -4.559  -8.416  -3.675  1.00 26.41 ? 37  ASN A CA  1 
ATOM   293 C  C   . ASN A 1 37  ? -3.444  -7.450  -3.283  1.00 23.93 ? 37  ASN A C   1 
ATOM   294 O  O   . ASN A 1 37  ? -2.459  -7.349  -3.980  1.00 25.25 ? 37  ASN A O   1 
ATOM   295 C  CB  . ASN A 1 37  ? -4.965  -8.159  -5.129  1.00 27.59 ? 37  ASN A CB  1 
ATOM   296 C  CG  . ASN A 1 37  ? -5.932  -9.204  -5.645  1.00 34.60 ? 37  ASN A CG  1 
ATOM   297 O  OD1 . ASN A 1 37  ? -5.741  -10.425 -5.432  1.00 41.77 ? 37  ASN A OD1 1 
ATOM   298 N  ND2 . ASN A 1 37  ? -6.972  -8.746  -6.346  1.00 37.33 ? 37  ASN A ND2 1 
ATOM   299 N  N   . ALA A 1 38  ? -3.554  -6.799  -2.141  1.00 21.61 ? 38  ALA A N   1 
ATOM   300 C  CA  . ALA A 1 38  ? -2.452  -5.991  -1.638  1.00 20.66 ? 38  ALA A CA  1 
ATOM   301 C  C   . ALA A 1 38  ? -1.251  -6.862  -1.241  1.00 21.02 ? 38  ALA A C   1 
ATOM   302 O  O   . ALA A 1 38  ? -1.414  -7.990  -0.768  1.00 21.87 ? 38  ALA A O   1 
ATOM   303 C  CB  . ALA A 1 38  ? -2.919  -5.159  -0.473  1.00 19.05 ? 38  ALA A CB  1 
ATOM   304 N  N   . LYS A 1 39  ? -0.045  -6.364  -1.457  1.00 21.73 ? 39  LYS A N   1 
ATOM   305 C  CA  . LYS A 1 39  ? 1.144   -7.063  -0.975  1.00 23.74 ? 39  LYS A CA  1 
ATOM   306 C  C   . LYS A 1 39  ? 1.270   -6.682  0.489   1.00 21.85 ? 39  LYS A C   1 
ATOM   307 O  O   . LYS A 1 39  ? 1.206   -5.482  0.808   1.00 21.95 ? 39  LYS A O   1 
ATOM   308 C  CB  . LYS A 1 39  ? 2.393   -6.548  -1.676  1.00 25.75 ? 39  LYS A CB  1 
ATOM   309 C  CG  . LYS A 1 39  ? 2.455   -6.772  -3.170  1.00 31.90 ? 39  LYS A CG  1 
ATOM   310 C  CD  . LYS A 1 39  ? 3.758   -6.129  -3.735  1.00 38.18 ? 39  LYS A CD  1 
ATOM   311 C  CE  . LYS A 1 39  ? 4.751   -7.206  -4.225  1.00 43.68 ? 39  LYS A CE  1 
ATOM   312 N  NZ  . LYS A 1 39  ? 4.233   -7.809  -5.470  1.00 44.60 ? 39  LYS A NZ  1 
ATOM   313 N  N   . LEU A 1 40  ? 1.467   -7.635  1.381   1.00 20.11 ? 40  LEU A N   1 
ATOM   314 C  CA  . LEU A 1 40  ? 1.522   -7.294  2.826   1.00 19.72 ? 40  LEU A CA  1 
ATOM   315 C  C   . LEU A 1 40  ? 2.949   -7.309  3.261   1.00 20.40 ? 40  LEU A C   1 
ATOM   316 O  O   . LEU A 1 40  ? 3.552   -8.399  3.414   1.00 20.63 ? 40  LEU A O   1 
ATOM   317 C  CB  . LEU A 1 40  ? 0.692   -8.270  3.683   1.00 20.77 ? 40  LEU A CB  1 
ATOM   318 C  CG  . LEU A 1 40  ? -0.778  -8.436  3.243   1.00 19.36 ? 40  LEU A CG  1 
ATOM   319 C  CD1 . LEU A 1 40  ? -1.487  -9.521  4.154   1.00 22.73 ? 40  LEU A CD1 1 
ATOM   320 C  CD2 . LEU A 1 40  ? -1.533  -7.089  3.248   1.00 17.87 ? 40  LEU A CD2 1 
ATOM   321 N  N   . ILE A 1 41  ? 3.524   -6.117  3.427   1.00 18.36 ? 41  ILE A N   1 
ATOM   322 C  CA  . ILE A 1 41  ? 4.960   -6.007  3.764   1.00 20.00 ? 41  ILE A CA  1 
ATOM   323 C  C   . ILE A 1 41  ? 5.087   -5.011  4.858   1.00 18.69 ? 41  ILE A C   1 
ATOM   324 O  O   . ILE A 1 41  ? 5.123   -3.827  4.571   1.00 19.48 ? 41  ILE A O   1 
ATOM   325 C  CB  . ILE A 1 41  ? 5.857   -5.548  2.600   1.00 19.23 ? 41  ILE A CB  1 
ATOM   326 C  CG1 . ILE A 1 41  ? 5.646   -6.449  1.352   1.00 21.69 ? 41  ILE A CG1 1 
ATOM   327 C  CG2 . ILE A 1 41  ? 7.371   -5.567  3.070   1.00 20.13 ? 41  ILE A CG2 1 
ATOM   328 C  CD1 . ILE A 1 41  ? 6.411   -5.985  0.109   1.00 21.48 ? 41  ILE A CD1 1 
ATOM   329 N  N   . PRO A 1 42  ? 5.140   -5.479  6.116   1.00 19.17 ? 42  PRO A N   1 
ATOM   330 C  CA  . PRO A 1 42  ? 5.143   -4.509  7.197   1.00 18.35 ? 42  PRO A CA  1 
ATOM   331 C  C   . PRO A 1 42  ? 6.379   -3.626  7.105   1.00 18.88 ? 42  PRO A C   1 
ATOM   332 O  O   . PRO A 1 42  ? 7.463   -4.066  6.661   1.00 17.47 ? 42  PRO A O   1 
ATOM   333 C  CB  . PRO A 1 42  ? 5.170   -5.380  8.458   1.00 19.60 ? 42  PRO A CB  1 
ATOM   334 C  CG  . PRO A 1 42  ? 4.508   -6.624  8.073   1.00 20.46 ? 42  PRO A CG  1 
ATOM   335 C  CD  . PRO A 1 42  ? 4.852   -6.837  6.608   1.00 20.25 ? 42  PRO A CD  1 
HETATM 336 N  N   . MSE A 1 43  ? 6.209   -2.377  7.517   1.00 19.77 ? 43  MSE A N   1 
HETATM 337 C  CA  . MSE A 1 43  ? 7.216   -1.362  7.276   1.00 22.48 ? 43  MSE A CA  1 
HETATM 338 C  C   . MSE A 1 43  ? 8.568   -1.785  7.783   1.00 23.33 ? 43  MSE A C   1 
HETATM 339 O  O   . MSE A 1 43  ? 9.554   -1.606  7.075   1.00 23.54 ? 43  MSE A O   1 
HETATM 340 C  CB  . MSE A 1 43  ? 6.827   -0.046  7.971   1.00 22.92 ? 43  MSE A CB  1 
HETATM 341 C  CG  . MSE A 1 43  ? 7.946   0.925   7.971   1.00 27.65 ? 43  MSE A CG  1 
HETATM 342 SE SE  . MSE A 1 43  ? 7.326   2.613   8.767   1.00 43.56 ? 43  MSE A SE  1 
HETATM 343 C  CE  . MSE A 1 43  ? 7.266   2.012   10.634  1.00 35.22 ? 43  MSE A CE  1 
ATOM   344 N  N   . ASP A 1 44  ? 8.634   -2.317  8.998   1.00 24.32 ? 44  ASP A N   1 
ATOM   345 C  CA  . ASP A 1 44  ? 9.939   -2.728  9.550   1.00 26.51 ? 44  ASP A CA  1 
ATOM   346 C  C   . ASP A 1 44  ? 10.630  -3.852  8.798   1.00 25.50 ? 44  ASP A C   1 
ATOM   347 O  O   . ASP A 1 44  ? 11.786  -4.119  9.057   1.00 26.68 ? 44  ASP A O   1 
ATOM   348 C  CB  . ASP A 1 44  ? 9.836   -3.069  11.054  1.00 28.90 ? 44  ASP A CB  1 
ATOM   349 C  CG  . ASP A 1 44  ? 9.064   -4.388  11.345  1.00 34.93 ? 44  ASP A CG  1 
ATOM   350 O  OD1 . ASP A 1 44  ? 8.236   -4.856  10.520  1.00 41.04 ? 44  ASP A OD1 1 
ATOM   351 O  OD2 . ASP A 1 44  ? 9.275   -4.947  12.453  1.00 45.44 ? 44  ASP A OD2 1 
ATOM   352 N  N   . THR A 1 45  ? 9.932   -4.504  7.868   1.00 24.62 ? 45  THR A N   1 
ATOM   353 C  CA  . THR A 1 45  ? 10.516  -5.508  6.985   1.00 23.93 ? 45  THR A CA  1 
ATOM   354 C  C   . THR A 1 45  ? 10.777  -5.029  5.563   1.00 22.98 ? 45  THR A C   1 
ATOM   355 O  O   . THR A 1 45  ? 11.334  -5.777  4.756   1.00 24.72 ? 45  THR A O   1 
ATOM   356 C  CB  . THR A 1 45  ? 9.605   -6.748  6.847   1.00 25.49 ? 45  THR A CB  1 
ATOM   357 O  OG1 . THR A 1 45  ? 8.485   -6.453  5.969   1.00 22.76 ? 45  THR A OG1 1 
ATOM   358 C  CG2 . THR A 1 45  ? 9.128   -7.265  8.269   1.00 26.32 ? 45  THR A CG2 1 
ATOM   359 N  N   . ILE A 1 46  ? 10.394  -3.799  5.240   1.00 21.19 ? 46  ILE A N   1 
ATOM   360 C  CA  . ILE A 1 46  ? 10.561  -3.272  3.913   1.00 20.62 ? 46  ILE A CA  1 
ATOM   361 C  C   . ILE A 1 46  ? 12.032  -3.322  3.408   1.00 21.53 ? 46  ILE A C   1 
ATOM   362 O  O   . ILE A 1 46  ? 12.248  -3.718  2.269   1.00 21.31 ? 46  ILE A O   1 
ATOM   363 C  CB  . ILE A 1 46  ? 9.975   -1.827  3.794   1.00 20.82 ? 46  ILE A CB  1 
ATOM   364 C  CG1 . ILE A 1 46  ? 8.427   -1.836  3.682   1.00 19.90 ? 46  ILE A CG1 1 
ATOM   365 C  CG2 . ILE A 1 46  ? 10.642  -1.068  2.667   1.00 20.65 ? 46  ILE A CG2 1 
ATOM   366 C  CD1 . ILE A 1 46  ? 7.818   -2.282  2.365   1.00 21.50 ? 46  ILE A CD1 1 
ATOM   367 N  N   . PRO A 1 47  ? 13.025  -2.972  4.247   1.00 20.96 ? 47  PRO A N   1 
ATOM   368 C  CA  . PRO A 1 47  ? 14.402  -3.056  3.744   1.00 23.68 ? 47  PRO A CA  1 
ATOM   369 C  C   . PRO A 1 47  ? 14.862  -4.468  3.424   1.00 25.45 ? 47  PRO A C   1 
ATOM   370 O  O   . PRO A 1 47  ? 15.843  -4.632  2.726   1.00 27.52 ? 47  PRO A O   1 
ATOM   371 C  CB  . PRO A 1 47  ? 15.245  -2.449  4.885   1.00 23.73 ? 47  PRO A CB  1 
ATOM   372 C  CG  . PRO A 1 47  ? 14.254  -1.509  5.590   1.00 22.41 ? 47  PRO A CG  1 
ATOM   373 C  CD  . PRO A 1 47  ? 12.949  -2.227  5.523   1.00 21.07 ? 47  PRO A CD  1 
ATOM   374 N  N   . ASP A 1 48  ? 14.154  -5.479  3.913   1.00 26.97 ? 48  ASP A N   1 
ATOM   375 C  CA  . ASP A 1 48  ? 14.479  -6.884  3.583   1.00 29.33 ? 48  ASP A CA  1 
ATOM   376 C  C   . ASP A 1 48  ? 13.692  -7.413  2.388   1.00 29.09 ? 48  ASP A C   1 
ATOM   377 O  O   . ASP A 1 48  ? 13.768  -8.590  2.067   1.00 30.36 ? 48  ASP A O   1 
ATOM   378 C  CB  . ASP A 1 48  ? 14.215  -7.761  4.810   1.00 30.29 ? 48  ASP A CB  1 
ATOM   379 C  CG  . ASP A 1 48  ? 15.115  -7.402  5.965   1.00 33.72 ? 48  ASP A CG  1 
ATOM   380 O  OD1 . ASP A 1 48  ? 16.327  -7.241  5.726   1.00 40.16 ? 48  ASP A OD1 1 
ATOM   381 O  OD2 . ASP A 1 48  ? 14.635  -7.270  7.089   1.00 36.20 ? 48  ASP A OD2 1 
ATOM   382 N  N   . ASN A 1 49  ? 12.948  -6.534  1.726   1.00 28.41 ? 49  ASN A N   1 
ATOM   383 C  CA  . ASN A 1 49  ? 12.029  -6.952  0.697   1.00 29.04 ? 49  ASN A CA  1 
ATOM   384 C  C   . ASN A 1 49  ? 12.101  -6.082  -0.564  1.00 29.14 ? 49  ASN A C   1 
ATOM   385 O  O   . ASN A 1 49  ? 11.140  -6.006  -1.334  1.00 29.51 ? 49  ASN A O   1 
ATOM   386 C  CB  . ASN A 1 49  ? 10.617  -6.988  1.310   1.00 27.79 ? 49  ASN A CB  1 
ATOM   387 C  CG  . ASN A 1 49  ? 10.410  -8.208  2.202   1.00 29.36 ? 49  ASN A CG  1 
ATOM   388 O  OD1 . ASN A 1 49  ? 10.232  -9.298  1.680   1.00 31.50 ? 49  ASN A OD1 1 
ATOM   389 N  ND2 . ASN A 1 49  ? 10.442  -8.037  3.543   1.00 28.29 ? 49  ASN A ND2 1 
ATOM   390 N  N   . LEU A 1 50  ? 13.247  -5.454  -0.805  1.00 29.48 ? 50  LEU A N   1 
ATOM   391 C  CA  . LEU A 1 50  ? 13.413  -4.618  -2.013  1.00 30.56 ? 50  LEU A CA  1 
ATOM   392 C  C   . LEU A 1 50  ? 13.113  -5.434  -3.267  1.00 32.78 ? 50  LEU A C   1 
ATOM   393 O  O   . LEU A 1 50  ? 12.566  -4.890  -4.248  1.00 31.82 ? 50  LEU A O   1 
ATOM   394 C  CB  . LEU A 1 50  ? 14.822  -3.989  -2.084  1.00 31.23 ? 50  LEU A CB  1 
ATOM   395 C  CG  . LEU A 1 50  ? 15.074  -2.863  -1.088  1.00 28.98 ? 50  LEU A CG  1 
ATOM   396 C  CD1 . LEU A 1 50  ? 16.545  -2.372  -1.215  1.00 31.70 ? 50  LEU A CD1 1 
ATOM   397 C  CD2 . LEU A 1 50  ? 14.043  -1.739  -1.303  1.00 28.32 ? 50  LEU A CD2 1 
ATOM   398 N  N   . ASN A 1 51  ? 13.422  -6.742  -3.212  1.00 34.74 ? 51  ASN A N   1 
ATOM   399 C  CA  . ASN A 1 51  ? 13.114  -7.646  -4.310  1.00 38.11 ? 51  ASN A CA  1 
ATOM   400 C  C   . ASN A 1 51  ? 11.643  -7.731  -4.670  1.00 37.56 ? 51  ASN A C   1 
ATOM   401 O  O   . ASN A 1 51  ? 11.331  -8.117  -5.762  1.00 37.91 ? 51  ASN A O   1 
ATOM   402 C  CB  . ASN A 1 51  ? 13.656  -9.066  -4.053  1.00 40.31 ? 51  ASN A CB  1 
ATOM   403 C  CG  . ASN A 1 51  ? 15.166  -9.124  -4.082  1.00 45.05 ? 51  ASN A CG  1 
ATOM   404 O  OD1 . ASN A 1 51  ? 15.830  -8.158  -4.495  1.00 49.95 ? 51  ASN A OD1 1 
ATOM   405 N  ND2 . ASN A 1 51  ? 15.737  -10.261 -3.628  1.00 50.40 ? 51  ASN A ND2 1 
ATOM   406 N  N   . SER A 1 52  ? 10.743  -7.366  -3.765  1.00 36.08 ? 52  SER A N   1 
ATOM   407 C  CA  . SER A 1 52  ? 9.323   -7.336  -4.106  1.00 35.75 ? 52  SER A CA  1 
ATOM   408 C  C   . SER A 1 52  ? 8.939   -6.204  -5.055  1.00 35.27 ? 52  SER A C   1 
ATOM   409 O  O   . SER A 1 52  ? 7.833   -6.193  -5.597  1.00 34.81 ? 52  SER A O   1 
ATOM   410 C  CB  . SER A 1 52  ? 8.480   -7.247  -2.839  1.00 34.39 ? 52  SER A CB  1 
ATOM   411 O  OG  . SER A 1 52  ? 8.688   -8.413  -2.045  1.00 36.32 ? 52  SER A OG  1 
ATOM   412 N  N   . PHE A 1 53  ? 9.823   -5.224  -5.227  1.00 35.23 ? 53  PHE A N   1 
ATOM   413 C  CA  . PHE A 1 53  ? 9.499   -4.061  -6.048  1.00 34.97 ? 53  PHE A CA  1 
ATOM   414 C  C   . PHE A 1 53  ? 10.342  -4.122  -7.295  1.00 37.46 ? 53  PHE A C   1 
ATOM   415 O  O   . PHE A 1 53  ? 11.486  -4.560  -7.243  1.00 37.86 ? 53  PHE A O   1 
ATOM   416 C  CB  . PHE A 1 53  ? 9.798   -2.773  -5.281  1.00 32.97 ? 53  PHE A CB  1 
ATOM   417 C  CG  . PHE A 1 53  ? 9.070   -2.676  -3.991  1.00 29.12 ? 53  PHE A CG  1 
ATOM   418 C  CD1 . PHE A 1 53  ? 9.578   -3.270  -2.848  1.00 25.69 ? 53  PHE A CD1 1 
ATOM   419 C  CD2 . PHE A 1 53  ? 7.874   -1.999  -3.914  1.00 25.43 ? 53  PHE A CD2 1 
ATOM   420 C  CE1 . PHE A 1 53  ? 8.884   -3.185  -1.643  1.00 24.08 ? 53  PHE A CE1 1 
ATOM   421 C  CE2 . PHE A 1 53  ? 7.172   -1.914  -2.707  1.00 23.42 ? 53  PHE A CE2 1 
ATOM   422 C  CZ  . PHE A 1 53  ? 7.678   -2.504  -1.584  1.00 20.76 ? 53  PHE A CZ  1 
ATOM   423 N  N   . ASN A 1 54  ? 9.782   -3.697  -8.409  1.00 39.51 ? 54  ASN A N   1 
ATOM   424 C  CA  . ASN A 1 54  ? 10.605  -3.501  -9.581  1.00 43.39 ? 54  ASN A CA  1 
ATOM   425 C  C   . ASN A 1 54  ? 10.469  -2.099  -10.123 1.00 43.94 ? 54  ASN A C   1 
ATOM   426 O  O   . ASN A 1 54  ? 9.521   -1.377  -9.806  1.00 42.56 ? 54  ASN A O   1 
ATOM   427 C  CB  . ASN A 1 54  ? 10.303  -4.549  -10.635 1.00 46.07 ? 54  ASN A CB  1 
ATOM   428 C  CG  . ASN A 1 54  ? 8.890   -4.517  -11.086 1.00 48.07 ? 54  ASN A CG  1 
ATOM   429 O  OD1 . ASN A 1 54  ? 8.444   -3.506  -11.633 1.00 52.50 ? 54  ASN A OD1 1 
ATOM   430 N  ND2 . ASN A 1 54  ? 8.164   -5.632  -10.890 1.00 49.63 ? 54  ASN A ND2 1 
ATOM   431 N  N   . LYS A 1 55  ? 11.431  -1.717  -10.943 1.00 46.09 ? 55  LYS A N   1 
ATOM   432 C  CA  . LYS A 1 55  ? 11.580  -0.324  -11.340 1.00 46.98 ? 55  LYS A CA  1 
ATOM   433 C  C   . LYS A 1 55  ? 10.622  0.047   -12.449 1.00 47.70 ? 55  LYS A C   1 
ATOM   434 O  O   . LYS A 1 55  ? 10.618  1.183   -12.908 1.00 48.64 ? 55  LYS A O   1 
ATOM   435 C  CB  . LYS A 1 55  ? 13.039  -0.039  -11.750 1.00 48.73 ? 55  LYS A CB  1 
ATOM   436 C  CG  . LYS A 1 55  ? 14.040  -0.225  -10.583 1.00 49.46 ? 55  LYS A CG  1 
ATOM   437 C  CD  . LYS A 1 55  ? 15.367  0.589   -10.741 1.00 52.09 ? 55  LYS A CD  1 
ATOM   438 C  CE  . LYS A 1 55  ? 16.155  0.626   -9.398  1.00 52.85 ? 55  LYS A CE  1 
ATOM   439 N  NZ  . LYS A 1 55  ? 17.395  1.486   -9.402  1.00 54.74 ? 55  LYS A NZ  1 
ATOM   440 N  N   . ASN A 1 56  ? 9.793   -0.902  -12.863 1.00 47.86 ? 56  ASN A N   1 
ATOM   441 C  CA  . ASN A 1 56  ? 8.841   -0.679  -13.946 1.00 48.76 ? 56  ASN A CA  1 
ATOM   442 C  C   . ASN A 1 56  ? 7.441   -0.250  -13.499 1.00 45.85 ? 56  ASN A C   1 
ATOM   443 O  O   . ASN A 1 56  ? 6.689   0.292   -14.316 1.00 46.47 ? 56  ASN A O   1 
ATOM   444 C  CB  . ASN A 1 56  ? 8.717   -1.956  -14.801 1.00 51.44 ? 56  ASN A CB  1 
ATOM   445 C  CG  . ASN A 1 56  ? 9.947   -2.208  -15.659 1.00 55.93 ? 56  ASN A CG  1 
ATOM   446 O  OD1 . ASN A 1 56  ? 10.963  -1.503  -15.555 1.00 60.09 ? 56  ASN A OD1 1 
ATOM   447 N  ND2 . ASN A 1 56  ? 9.865   -3.225  -16.518 1.00 61.61 ? 56  ASN A ND2 1 
ATOM   448 N  N   . GLU A 1 57  ? 7.081   -0.505  -12.236 1.00 41.61 ? 57  GLU A N   1 
ATOM   449 C  CA  . GLU A 1 57  ? 5.722   -0.278  -11.778 1.00 39.42 ? 57  GLU A CA  1 
ATOM   450 C  C   . GLU A 1 57  ? 5.616   0.866   -10.772 1.00 35.71 ? 57  GLU A C   1 
ATOM   451 O  O   . GLU A 1 57  ? 6.595   1.289   -10.184 1.00 34.46 ? 57  GLU A O   1 
ATOM   452 C  CB  . GLU A 1 57  ? 5.158   -1.532  -11.119 1.00 39.56 ? 57  GLU A CB  1 
ATOM   453 C  CG  . GLU A 1 57  ? 5.597   -2.837  -11.740 1.00 45.27 ? 57  GLU A CG  1 
ATOM   454 C  CD  . GLU A 1 57  ? 4.472   -3.864  -11.864 1.00 51.68 ? 57  GLU A CD  1 
ATOM   455 O  OE1 . GLU A 1 57  ? 3.270   -3.484  -11.667 1.00 51.12 ? 57  GLU A OE1 1 
ATOM   456 O  OE2 . GLU A 1 57  ? 4.820   -5.046  -12.184 1.00 54.45 ? 57  GLU A OE2 1 
ATOM   457 N  N   . ILE A 1 58  ? 4.401   1.349   -10.578 1.00 32.72 ? 58  ILE A N   1 
ATOM   458 C  CA  . ILE A 1 58  ? 4.115   2.337   -9.555  1.00 30.70 ? 58  ILE A CA  1 
ATOM   459 C  C   . ILE A 1 58  ? 3.500   1.577   -8.396  1.00 28.11 ? 58  ILE A C   1 
ATOM   460 O  O   . ILE A 1 58  ? 2.638   0.718   -8.619  1.00 26.95 ? 58  ILE A O   1 
ATOM   461 C  CB  . ILE A 1 58  ? 3.094   3.369   -10.011 1.00 31.69 ? 58  ILE A CB  1 
ATOM   462 C  CG1 . ILE A 1 58  ? 3.612   4.155   -11.195 1.00 35.61 ? 58  ILE A CG1 1 
ATOM   463 C  CG2 . ILE A 1 58  ? 2.783   4.334   -8.887  1.00 31.03 ? 58  ILE A CG2 1 
ATOM   464 C  CD1 . ILE A 1 58  ? 2.798   5.500   -11.431 1.00 39.54 ? 58  ILE A CD1 1 
ATOM   465 N  N   . TYR A 1 59  ? 3.937   1.883   -7.171  1.00 25.18 ? 59  TYR A N   1 
ATOM   466 C  CA  . TYR A 1 59  ? 3.454   1.200   -5.973  1.00 22.27 ? 59  TYR A CA  1 
ATOM   467 C  C   . TYR A 1 59  ? 2.690   2.141   -5.071  1.00 21.15 ? 59  TYR A C   1 
ATOM   468 O  O   . TYR A 1 59  ? 3.194   3.191   -4.697  1.00 19.97 ? 59  TYR A O   1 
ATOM   469 C  CB  . TYR A 1 59  ? 4.619   0.579   -5.217  1.00 22.66 ? 59  TYR A CB  1 
ATOM   470 C  CG  . TYR A 1 59  ? 5.222   -0.549  -5.995  1.00 24.74 ? 59  TYR A CG  1 
ATOM   471 C  CD1 . TYR A 1 59  ? 4.717   -1.853  -5.896  1.00 25.84 ? 59  TYR A CD1 1 
ATOM   472 C  CD2 . TYR A 1 59  ? 6.276   -0.323  -6.845  1.00 25.05 ? 59  TYR A CD2 1 
ATOM   473 C  CE1 . TYR A 1 59  ? 5.289   -2.912  -6.649  1.00 28.27 ? 59  TYR A CE1 1 
ATOM   474 C  CE2 . TYR A 1 59  ? 6.833   -1.358  -7.614  1.00 28.92 ? 59  TYR A CE2 1 
ATOM   475 C  CZ  . TYR A 1 59  ? 6.319   -2.654  -7.513  1.00 29.43 ? 59  TYR A CZ  1 
ATOM   476 O  OH  . TYR A 1 59  ? 6.896   -3.665  -8.251  1.00 33.84 ? 59  TYR A OH  1 
ATOM   477 N  N   . TYR A 1 60  ? 1.468   1.775   -4.716  1.00 19.01 ? 60  TYR A N   1 
ATOM   478 C  CA  . TYR A 1 60  ? 0.627   2.652   -3.894  1.00 18.43 ? 60  TYR A CA  1 
ATOM   479 C  C   . TYR A 1 60  ? 0.728   2.139   -2.479  1.00 17.69 ? 60  TYR A C   1 
ATOM   480 O  O   . TYR A 1 60  ? 0.331   1.018   -2.229  1.00 18.66 ? 60  TYR A O   1 
ATOM   481 C  CB  . TYR A 1 60  ? -0.830  2.607   -4.388  1.00 18.22 ? 60  TYR A CB  1 
ATOM   482 C  CG  . TYR A 1 60  ? -0.941  3.236   -5.754  1.00 20.15 ? 60  TYR A CG  1 
ATOM   483 C  CD1 . TYR A 1 60  ? -1.015  4.602   -5.901  1.00 20.48 ? 60  TYR A CD1 1 
ATOM   484 C  CD2 . TYR A 1 60  ? -0.893  2.463   -6.905  1.00 21.34 ? 60  TYR A CD2 1 
ATOM   485 C  CE1 . TYR A 1 60  ? -1.066  5.170   -7.143  1.00 20.64 ? 60  TYR A CE1 1 
ATOM   486 C  CE2 . TYR A 1 60  ? -0.940  3.044   -8.172  1.00 21.74 ? 60  TYR A CE2 1 
ATOM   487 C  CZ  . TYR A 1 60  ? -1.039  4.397   -8.267  1.00 23.25 ? 60  TYR A CZ  1 
ATOM   488 O  OH  . TYR A 1 60  ? -1.086  5.002   -9.513  1.00 26.81 ? 60  TYR A OH  1 
ATOM   489 N  N   . ILE A 1 61  ? 1.209   2.980   -1.556  1.00 17.67 ? 61  ILE A N   1 
ATOM   490 C  CA  . ILE A 1 61  ? 1.577   2.567   -0.219  1.00 16.22 ? 61  ILE A CA  1 
ATOM   491 C  C   . ILE A 1 61  ? 0.528   3.011   0.779   1.00 16.43 ? 61  ILE A C   1 
ATOM   492 O  O   . ILE A 1 61  ? 0.198   4.210   0.863   1.00 16.54 ? 61  ILE A O   1 
ATOM   493 C  CB  . ILE A 1 61  ? 2.981   3.124   0.214   1.00 16.13 ? 61  ILE A CB  1 
ATOM   494 C  CG1 . ILE A 1 61  ? 4.040   2.991   -0.912  1.00 17.71 ? 61  ILE A CG1 1 
ATOM   495 C  CG2 . ILE A 1 61  ? 3.490   2.361   1.455   1.00 14.37 ? 61  ILE A CG2 1 
ATOM   496 C  CD1 . ILE A 1 61  ? 4.458   1.512   -1.300  1.00 17.30 ? 61  ILE A CD1 1 
ATOM   497 N  N   . VAL A 1 62  ? 0.006   2.041   1.536   1.00 16.45 ? 62  VAL A N   1 
ATOM   498 C  CA  . VAL A 1 62  ? -1.059  2.294   2.475   1.00 17.81 ? 62  VAL A CA  1 
ATOM   499 C  C   . VAL A 1 62  ? -0.677  1.784   3.874   1.00 18.37 ? 62  VAL A C   1 
ATOM   500 O  O   . VAL A 1 62  ? -0.104  0.700   4.050   1.00 17.65 ? 62  VAL A O   1 
ATOM   501 C  CB  . VAL A 1 62  ? -2.403  1.646   1.995   1.00 18.66 ? 62  VAL A CB  1 
ATOM   502 C  CG1 . VAL A 1 62  ? -2.359  0.133   2.109   1.00 20.61 ? 62  VAL A CG1 1 
ATOM   503 C  CG2 . VAL A 1 62  ? -3.581  2.166   2.806   1.00 21.39 ? 62  VAL A CG2 1 
ATOM   504 N  N   A CYS A 1 63  ? -1.017  2.587   4.874   0.50 18.17 ? 63  CYS A N   1 
ATOM   505 N  N   B CYS A 1 63  ? -1.017  2.608   4.862   0.50 19.96 ? 63  CYS A N   1 
ATOM   506 C  CA  A CYS A 1 63  ? -0.887  2.211   6.273   0.50 18.08 ? 63  CYS A CA  1 
ATOM   507 C  CA  B CYS A 1 63  ? -0.871  2.289   6.271   0.50 21.63 ? 63  CYS A CA  1 
ATOM   508 C  C   A CYS A 1 63  ? -2.204  2.572   6.978   0.50 19.48 ? 63  CYS A C   1 
ATOM   509 C  C   B CYS A 1 63  ? -2.209  2.545   6.977   0.50 21.23 ? 63  CYS A C   1 
ATOM   510 O  O   A CYS A 1 63  ? -3.230  2.725   6.318   0.50 19.01 ? 63  CYS A O   1 
ATOM   511 O  O   B CYS A 1 63  ? -3.250  2.597   6.325   0.50 20.72 ? 63  CYS A O   1 
ATOM   512 C  CB  A CYS A 1 63  ? 0.341   2.905   6.877   0.50 18.07 ? 63  CYS A CB  1 
ATOM   513 C  CB  B CYS A 1 63  ? 0.247   3.140   6.874   0.50 22.23 ? 63  CYS A CB  1 
ATOM   514 S  SG  A CYS A 1 63  ? 0.198   4.674   7.096   0.50 14.37 ? 63  CYS A SG  1 
ATOM   515 S  SG  B CYS A 1 63  ? 0.707   2.550   8.508   0.50 31.36 ? 63  CYS A SG  1 
ATOM   516 N  N   . ALA A 1 64  ? -2.192  2.681   8.301   1.00 20.62 ? 64  ALA A N   1 
ATOM   517 C  CA  . ALA A 1 64  ? -3.431  2.892   9.056   1.00 22.60 ? 64  ALA A CA  1 
ATOM   518 C  C   . ALA A 1 64  ? -3.983  4.276   8.724   1.00 24.20 ? 64  ALA A C   1 
ATOM   519 O  O   . ALA A 1 64  ? -5.185  4.458   8.588   1.00 23.27 ? 64  ALA A O   1 
ATOM   520 C  CB  . ALA A 1 64  ? -3.224  2.733   10.602  1.00 22.35 ? 64  ALA A CB  1 
ATOM   521 N  N   . GLY A 1 65  ? -3.090  5.247   8.584   1.00 25.30 ? 65  GLY A N   1 
ATOM   522 C  CA  . GLY A 1 65  ? -3.518  6.607   8.554   1.00 28.02 ? 65  GLY A CA  1 
ATOM   523 C  C   . GLY A 1 65  ? -2.731  7.503   7.647   1.00 29.46 ? 65  GLY A C   1 
ATOM   524 O  O   . GLY A 1 65  ? -2.931  8.714   7.703   1.00 32.26 ? 65  GLY A O   1 
ATOM   525 N  N   . GLY A 1 66  ? -1.798  6.942   6.879   1.00 29.59 ? 66  GLY A N   1 
ATOM   526 C  CA  . GLY A 1 66  ? -1.056  7.707   5.894   1.00 30.53 ? 66  GLY A CA  1 
ATOM   527 C  C   . GLY A 1 66  ? 0.299   8.260   6.333   1.00 31.87 ? 66  GLY A C   1 
ATOM   528 O  O   . GLY A 1 66  ? 0.949   8.940   5.523   1.00 33.71 ? 66  GLY A O   1 
ATOM   529 N  N   . VAL A 1 67  ? 0.726   7.976   7.574   1.00 31.42 ? 67  VAL A N   1 
ATOM   530 C  CA  . VAL A 1 67  ? 2.025   8.498   8.156   1.00 31.61 ? 67  VAL A CA  1 
ATOM   531 C  C   . VAL A 1 67  ? 3.246   7.551   7.920   1.00 29.53 ? 67  VAL A C   1 
ATOM   532 O  O   . VAL A 1 67  ? 4.197   7.914   7.280   1.00 28.39 ? 67  VAL A O   1 
ATOM   533 C  CB  . VAL A 1 67  ? 1.884   8.725   9.670   1.00 32.67 ? 67  VAL A CB  1 
ATOM   534 C  CG1 . VAL A 1 67  ? 3.174   9.400   10.260  1.00 34.08 ? 67  VAL A CG1 1 
ATOM   535 C  CG2 . VAL A 1 67  ? 0.595   9.547   9.995   1.00 33.61 ? 67  VAL A CG2 1 
ATOM   536 N  N   . ARG A 1 68  ? 3.177   6.310   8.405   1.00 29.21 ? 68  ARG A N   1 
ATOM   537 C  CA  . ARG A 1 68  ? 4.221   5.334   8.123   1.00 29.11 ? 68  ARG A CA  1 
ATOM   538 C  C   . ARG A 1 68  ? 4.390   5.209   6.586   1.00 27.04 ? 68  ARG A C   1 
ATOM   539 O  O   . ARG A 1 68  ? 5.506   5.047   6.075   1.00 26.25 ? 68  ARG A O   1 
ATOM   540 C  CB  . ARG A 1 68  ? 3.879   3.951   8.702   1.00 30.31 ? 68  ARG A CB  1 
ATOM   541 C  CG  . ARG A 1 68  ? 4.044   3.814   10.249  1.00 34.22 ? 68  ARG A CG  1 
ATOM   542 C  CD  . ARG A 1 68  ? 3.451   2.466   10.771  1.00 37.12 ? 68  ARG A CD  1 
ATOM   543 N  NE  . ARG A 1 68  ? 1.979   2.502   10.842  1.00 41.41 ? 68  ARG A NE  1 
ATOM   544 C  CZ  . ARG A 1 68  ? 1.177   1.461   11.126  1.00 40.24 ? 68  ARG A CZ  1 
ATOM   545 N  NH1 . ARG A 1 68  ? -0.143  1.644   11.137  1.00 40.51 ? 68  ARG A NH1 1 
ATOM   546 N  NH2 . ARG A 1 68  ? 1.665   0.244   11.371  1.00 36.91 ? 68  ARG A NH2 1 
ATOM   547 N  N   . SER A 1 69  ? 3.273   5.299   5.854   1.00 24.63 ? 69  SER A N   1 
ATOM   548 C  CA  . SER A 1 69  ? 3.322   5.042   4.437   1.00 22.89 ? 69  SER A CA  1 
ATOM   549 C  C   . SER A 1 69  ? 4.186   6.098   3.754   1.00 21.82 ? 69  SER A C   1 
ATOM   550 O  O   . SER A 1 69  ? 4.935   5.742   2.816   1.00 21.93 ? 69  SER A O   1 
ATOM   551 C  CB  . SER A 1 69  ? 1.924   4.952   3.821   1.00 22.56 ? 69  SER A CB  1 
ATOM   552 O  OG  . SER A 1 69  ? 1.160   6.105   4.142   1.00 21.75 ? 69  SER A OG  1 
ATOM   553 N  N   . ALA A 1 70  ? 4.102   7.357   4.208   1.00 19.74 ? 70  ALA A N   1 
ATOM   554 C  CA  . ALA A 1 70  ? 4.922   8.427   3.639   1.00 20.54 ? 70  ALA A CA  1 
ATOM   555 C  C   . ALA A 1 70  ? 6.419   8.178   3.798   1.00 21.36 ? 70  ALA A C   1 
ATOM   556 O  O   . ALA A 1 70  ? 7.198   8.561   2.942   1.00 20.02 ? 70  ALA A O   1 
ATOM   557 C  CB  . ALA A 1 70  ? 4.565   9.808   4.228   1.00 22.00 ? 70  ALA A CB  1 
ATOM   558 N  N   . LYS A 1 71  ? 6.796   7.561   4.906   1.00 21.34 ? 71  LYS A N   1 
ATOM   559 C  CA  . LYS A 1 71  ? 8.183   7.251   5.201   1.00 22.86 ? 71  LYS A CA  1 
ATOM   560 C  C   . LYS A 1 71  ? 8.650   6.139   4.233   1.00 20.53 ? 71  LYS A C   1 
ATOM   561 O  O   . LYS A 1 71  ? 9.766   6.179   3.722   1.00 20.14 ? 71  LYS A O   1 
ATOM   562 C  CB  . LYS A 1 71  ? 8.333   6.782   6.667   1.00 22.82 ? 71  LYS A CB  1 
ATOM   563 C  CG  . LYS A 1 71  ? 8.158   7.913   7.702   1.00 27.49 ? 71  LYS A CG  1 
ATOM   564 C  CD  . LYS A 1 71  ? 8.760   7.535   9.121   1.00 33.95 ? 71  LYS A CD  1 
ATOM   565 C  CE  . LYS A 1 71  ? 7.878   6.486   9.879   1.00 39.28 ? 71  LYS A CE  1 
ATOM   566 N  NZ  . LYS A 1 71  ? 8.225   6.247   11.376  1.00 42.24 ? 71  LYS A NZ  1 
ATOM   567 N  N   . VAL A 1 72  ? 7.794   5.149   4.022   1.00 18.58 ? 72  VAL A N   1 
ATOM   568 C  CA  . VAL A 1 72  ? 8.100   4.098   3.094   1.00 18.01 ? 72  VAL A CA  1 
ATOM   569 C  C   . VAL A 1 72  ? 8.233   4.664   1.658   1.00 17.71 ? 72  VAL A C   1 
ATOM   570 O  O   . VAL A 1 72  ? 9.105   4.263   0.924   1.00 18.18 ? 72  VAL A O   1 
ATOM   571 C  CB  . VAL A 1 72  ? 7.054   2.942   3.121   1.00 17.78 ? 72  VAL A CB  1 
ATOM   572 C  CG1 . VAL A 1 72  ? 7.381   1.905   2.016   1.00 15.02 ? 72  VAL A CG1 1 
ATOM   573 C  CG2 . VAL A 1 72  ? 7.066   2.230   4.471   1.00 17.77 ? 72  VAL A CG2 1 
ATOM   574 N  N   . VAL A 1 73  ? 7.359   5.578   1.269   1.00 16.99 ? 73  VAL A N   1 
ATOM   575 C  CA  . VAL A 1 73  ? 7.485   6.236   -0.031  1.00 17.98 ? 73  VAL A CA  1 
ATOM   576 C  C   . VAL A 1 73  ? 8.870   6.857   -0.168  1.00 18.90 ? 73  VAL A C   1 
ATOM   577 O  O   . VAL A 1 73  ? 9.535   6.653   -1.177  1.00 18.77 ? 73  VAL A O   1 
ATOM   578 C  CB  . VAL A 1 73  ? 6.365   7.286   -0.270  1.00 18.53 ? 73  VAL A CB  1 
ATOM   579 C  CG1 . VAL A 1 73  ? 6.672   8.148   -1.523  1.00 20.13 ? 73  VAL A CG1 1 
ATOM   580 C  CG2 . VAL A 1 73  ? 4.951   6.562   -0.367  1.00 15.05 ? 73  VAL A CG2 1 
ATOM   581 N  N   . GLU A 1 74  ? 9.313   7.603   0.841   1.00 19.40 ? 74  GLU A N   1 
ATOM   582 C  CA  . GLU A 1 74  ? 10.659  8.185   0.809   1.00 21.33 ? 74  GLU A CA  1 
ATOM   583 C  C   . GLU A 1 74  ? 11.778  7.154   0.672   1.00 19.70 ? 74  GLU A C   1 
ATOM   584 O  O   . GLU A 1 74  ? 12.701  7.315   -0.157  1.00 21.18 ? 74  GLU A O   1 
ATOM   585 C  CB  . GLU A 1 74  ? 10.932  8.977   2.083   1.00 23.27 ? 74  GLU A CB  1 
ATOM   586 C  CG  . GLU A 1 74  ? 10.090  10.181  2.257   1.00 30.00 ? 74  GLU A CG  1 
ATOM   587 C  CD  . GLU A 1 74  ? 10.532  10.965  3.500   1.00 38.21 ? 74  GLU A CD  1 
ATOM   588 O  OE1 . GLU A 1 74  ? 11.769  11.135  3.699   1.00 42.25 ? 74  GLU A OE1 1 
ATOM   589 O  OE2 . GLU A 1 74  ? 9.640   11.371  4.282   1.00 44.62 ? 74  GLU A OE2 1 
ATOM   590 N  N   . TYR A 1 75  ? 11.655  6.072   1.443   1.00 18.25 ? 75  TYR A N   1 
ATOM   591 C  CA  . TYR A 1 75  ? 12.598  4.982   1.452   1.00 17.90 ? 75  TYR A CA  1 
ATOM   592 C  C   . TYR A 1 75  ? 12.669  4.329   0.072   1.00 18.52 ? 75  TYR A C   1 
ATOM   593 O  O   . TYR A 1 75  ? 13.769  4.118   -0.488  1.00 18.93 ? 75  TYR A O   1 
ATOM   594 C  CB  . TYR A 1 75  ? 12.248  3.970   2.557   1.00 17.89 ? 75  TYR A CB  1 
ATOM   595 C  CG  . TYR A 1 75  ? 13.124  2.730   2.450   1.00 17.67 ? 75  TYR A CG  1 
ATOM   596 C  CD1 . TYR A 1 75  ? 14.390  2.685   3.038   1.00 17.70 ? 75  TYR A CD1 1 
ATOM   597 C  CD2 . TYR A 1 75  ? 12.712  1.633   1.682   1.00 19.14 ? 75  TYR A CD2 1 
ATOM   598 C  CE1 . TYR A 1 75  ? 15.207  1.558   2.886   1.00 19.17 ? 75  TYR A CE1 1 
ATOM   599 C  CE2 . TYR A 1 75  ? 13.536  0.498   1.523   1.00 18.13 ? 75  TYR A CE2 1 
ATOM   600 C  CZ  . TYR A 1 75  ? 14.775  0.472   2.110   1.00 17.97 ? 75  TYR A CZ  1 
ATOM   601 O  OH  . TYR A 1 75  ? 15.564  -0.648  1.937   1.00 19.90 ? 75  TYR A OH  1 
ATOM   602 N  N   . LEU A 1 76  ? 11.504  4.087   -0.524  1.00 17.94 ? 76  LEU A N   1 
ATOM   603 C  CA  . LEU A 1 76  ? 11.446  3.452   -1.808  1.00 18.94 ? 76  LEU A CA  1 
ATOM   604 C  C   . LEU A 1 76  ? 11.985  4.340   -2.915  1.00 20.12 ? 76  LEU A C   1 
ATOM   605 O  O   . LEU A 1 76  ? 12.714  3.857   -3.806  1.00 20.34 ? 76  LEU A O   1 
ATOM   606 C  CB  . LEU A 1 76  ? 10.018  2.955   -2.111  1.00 19.54 ? 76  LEU A CB  1 
ATOM   607 C  CG  . LEU A 1 76  ? 9.523   1.744   -1.269  1.00 19.00 ? 76  LEU A CG  1 
ATOM   608 C  CD1 . LEU A 1 76  ? 8.024   1.490   -1.542  1.00 19.04 ? 76  LEU A CD1 1 
ATOM   609 C  CD2 . LEU A 1 76  ? 10.336  0.469   -1.476  1.00 17.66 ? 76  LEU A CD2 1 
ATOM   610 N  N   A GLU A 1 77  ? 11.654  5.622   -2.886  0.50 20.23 ? 77  GLU A N   1 
ATOM   611 N  N   B GLU A 1 77  ? 11.615  5.626   -2.872  0.50 20.34 ? 77  GLU A N   1 
ATOM   612 C  CA  A GLU A 1 77  ? 12.188  6.528   -3.890  0.50 21.44 ? 77  GLU A CA  1 
ATOM   613 C  CA  B GLU A 1 77  ? 12.184  6.643   -3.770  0.50 21.68 ? 77  GLU A CA  1 
ATOM   614 C  C   A GLU A 1 77  ? 13.727  6.685   -3.784  0.50 21.38 ? 77  GLU A C   1 
ATOM   615 C  C   B GLU A 1 77  ? 13.709  6.603   -3.776  0.50 21.44 ? 77  GLU A C   1 
ATOM   616 O  O   A GLU A 1 77  ? 14.390  6.892   -4.790  0.50 22.52 ? 77  GLU A O   1 
ATOM   617 O  O   B GLU A 1 77  ? 14.337  6.610   -4.830  0.50 22.35 ? 77  GLU A O   1 
ATOM   618 C  CB  A GLU A 1 77  ? 11.445  7.867   -3.836  0.50 22.04 ? 77  GLU A CB  1 
ATOM   619 C  CB  B GLU A 1 77  ? 11.747  8.062   -3.357  0.50 22.30 ? 77  GLU A CB  1 
ATOM   620 C  CG  A GLU A 1 77  ? 9.943   7.748   -4.233  0.50 23.67 ? 77  GLU A CG  1 
ATOM   621 C  CG  B GLU A 1 77  ? 10.411  8.510   -3.913  0.50 25.37 ? 77  GLU A CG  1 
ATOM   622 C  CD  A GLU A 1 77  ? 9.674   7.821   -5.759  0.50 25.48 ? 77  GLU A CD  1 
ATOM   623 C  CD  B GLU A 1 77  ? 10.165  9.999   -3.743  0.50 28.76 ? 77  GLU A CD  1 
ATOM   624 O  OE1 A GLU A 1 77  ? 10.650  7.985   -6.552  0.50 26.51 ? 77  GLU A OE1 1 
ATOM   625 O  OE1 B GLU A 1 77  ? 11.090  10.815  -3.998  0.50 32.60 ? 77  GLU A OE1 1 
ATOM   626 O  OE2 A GLU A 1 77  ? 8.475   7.708   -6.156  0.50 22.51 ? 77  GLU A OE2 1 
ATOM   627 O  OE2 B GLU A 1 77  ? 9.035   10.344  -3.362  0.50 31.17 ? 77  GLU A OE2 1 
ATOM   628 N  N   . ALA A 1 78  ? 14.288  6.548   -2.581  1.00 20.43 ? 78  ALA A N   1 
ATOM   629 C  CA  . ALA A 1 78  ? 15.754  6.555   -2.403  1.00 20.94 ? 78  ALA A CA  1 
ATOM   630 C  C   . ALA A 1 78  ? 16.460  5.266   -2.946  1.00 20.52 ? 78  ALA A C   1 
ATOM   631 O  O   . ALA A 1 78  ? 17.658  5.231   -3.134  1.00 20.98 ? 78  ALA A O   1 
ATOM   632 C  CB  . ALA A 1 78  ? 16.081  6.802   -0.948  1.00 19.68 ? 78  ALA A CB  1 
ATOM   633 N  N   . ASN A 1 79  ? 15.642  4.258   -3.236  1.00 20.61 ? 79  ASN A N   1 
ATOM   634 C  CA  . ASN A 1 79  ? 16.044  2.992   -3.820  1.00 22.36 ? 79  ASN A CA  1 
ATOM   635 C  C   . ASN A 1 79  ? 15.585  2.824   -5.280  1.00 22.92 ? 79  ASN A C   1 
ATOM   636 O  O   . ASN A 1 79  ? 15.667  1.723   -5.839  1.00 23.17 ? 79  ASN A O   1 
ATOM   637 C  CB  . ASN A 1 79  ? 15.527  1.862   -2.923  1.00 20.89 ? 79  ASN A CB  1 
ATOM   638 C  CG  . ASN A 1 79  ? 16.381  1.704   -1.653  1.00 22.57 ? 79  ASN A CG  1 
ATOM   639 O  OD1 . ASN A 1 79  ? 17.509  1.211   -1.700  1.00 23.04 ? 79  ASN A OD1 1 
ATOM   640 N  ND2 . ASN A 1 79  ? 15.857  2.158   -0.538  1.00 18.76 ? 79  ASN A ND2 1 
ATOM   641 N  N   . GLY A 1 80  ? 15.123  3.927   -5.882  1.00 22.96 ? 80  GLY A N   1 
ATOM   642 C  CA  . GLY A 1 80  ? 14.736  3.953   -7.275  1.00 24.84 ? 80  GLY A CA  1 
ATOM   643 C  C   . GLY A 1 80  ? 13.398  3.325   -7.624  1.00 25.46 ? 80  GLY A C   1 
ATOM   644 O  O   . GLY A 1 80  ? 13.171  2.912   -8.776  1.00 28.14 ? 80  GLY A O   1 
ATOM   645 N  N   . ILE A 1 81  ? 12.495  3.287   -6.653  1.00 25.81 ? 81  ILE A N   1 
ATOM   646 C  CA  . ILE A 1 81  ? 11.208  2.627   -6.822  1.00 26.35 ? 81  ILE A CA  1 
ATOM   647 C  C   . ILE A 1 81  ? 10.160  3.714   -6.798  1.00 26.13 ? 81  ILE A C   1 
ATOM   648 O  O   . ILE A 1 81  ? 10.167  4.587   -5.927  1.00 25.95 ? 81  ILE A O   1 
ATOM   649 C  CB  . ILE A 1 81  ? 10.955  1.599   -5.733  1.00 25.28 ? 81  ILE A CB  1 
ATOM   650 C  CG1 . ILE A 1 81  ? 11.923  0.403   -5.903  1.00 26.68 ? 81  ILE A CG1 1 
ATOM   651 C  CG2 . ILE A 1 81  ? 9.507   1.101   -5.787  1.00 24.22 ? 81  ILE A CG2 1 
ATOM   652 C  CD1 . ILE A 1 81  ? 12.293  -0.250  -4.526  1.00 28.23 ? 81  ILE A CD1 1 
ATOM   653 N  N   . ASP A 1 82  ? 9.279   3.659   -7.782  1.00 26.48 ? 82  ASP A N   1 
ATOM   654 C  CA  . ASP A 1 82  ? 8.250   4.676   -7.957  1.00 27.00 ? 82  ASP A CA  1 
ATOM   655 C  C   . ASP A 1 82  ? 7.087   4.329   -7.009  1.00 24.13 ? 82  ASP A C   1 
ATOM   656 O  O   . ASP A 1 82  ? 6.414   3.317   -7.187  1.00 24.22 ? 82  ASP A O   1 
ATOM   657 C  CB  . ASP A 1 82  ? 7.817   4.687   -9.408  1.00 29.27 ? 82  ASP A CB  1 
ATOM   658 C  CG  . ASP A 1 82  ? 6.919   5.853   -9.770  1.00 34.98 ? 82  ASP A CG  1 
ATOM   659 O  OD1 . ASP A 1 82  ? 6.599   6.728   -8.913  1.00 38.62 ? 82  ASP A OD1 1 
ATOM   660 O  OD2 . ASP A 1 82  ? 6.546   5.881   -10.975 1.00 43.81 ? 82  ASP A OD2 1 
ATOM   661 N  N   . ALA A 1 83  ? 6.866   5.175   -6.017  1.00 20.93 ? 83  ALA A N   1 
ATOM   662 C  CA  . ALA A 1 83  ? 5.890   4.900   -4.950  1.00 19.27 ? 83  ALA A CA  1 
ATOM   663 C  C   . ALA A 1 83  ? 5.068   6.111   -4.718  1.00 18.83 ? 83  ALA A C   1 
ATOM   664 O  O   . ALA A 1 83  ? 5.568   7.239   -4.907  1.00 19.29 ? 83  ALA A O   1 
ATOM   665 C  CB  . ALA A 1 83  ? 6.602   4.433   -3.638  1.00 17.07 ? 83  ALA A CB  1 
ATOM   666 N  N   . VAL A 1 84  ? 3.797   5.906   -4.327  1.00 18.58 ? 84  VAL A N   1 
ATOM   667 C  CA  . VAL A 1 84  ? 2.829   7.006   -4.165  1.00 18.16 ? 84  VAL A CA  1 
ATOM   668 C  C   . VAL A 1 84  ? 2.159   6.810   -2.800  1.00 17.92 ? 84  VAL A C   1 
ATOM   669 O  O   . VAL A 1 84  ? 1.790   5.669   -2.471  1.00 16.95 ? 84  VAL A O   1 
ATOM   670 C  CB  . VAL A 1 84  ? 1.782   6.946   -5.291  1.00 19.06 ? 84  VAL A CB  1 
ATOM   671 C  CG1 . VAL A 1 84  ? 0.692   7.954   -5.065  1.00 17.16 ? 84  VAL A CG1 1 
ATOM   672 C  CG2 . VAL A 1 84  ? 2.470   7.109   -6.684  1.00 19.52 ? 84  VAL A CG2 1 
ATOM   673 N  N   . ASN A 1 85  ? 2.041   7.867   -2.010  1.00 17.49 ? 85  ASN A N   1 
ATOM   674 C  CA  . ASN A 1 85  ? 1.410   7.735   -0.705  1.00 18.74 ? 85  ASN A CA  1 
ATOM   675 C  C   . ASN A 1 85  ? -0.106  7.710   -0.872  1.00 18.78 ? 85  ASN A C   1 
ATOM   676 O  O   . ASN A 1 85  ? -0.668  8.540   -1.601  1.00 18.05 ? 85  ASN A O   1 
ATOM   677 C  CB  . ASN A 1 85  ? 1.764   8.883   0.233   1.00 19.32 ? 85  ASN A CB  1 
ATOM   678 C  CG  . ASN A 1 85  ? 1.426   8.553   1.689   1.00 20.69 ? 85  ASN A CG  1 
ATOM   679 O  OD1 . ASN A 1 85  ? 1.649   7.452   2.113   1.00 23.96 ? 85  ASN A OD1 1 
ATOM   680 N  ND2 . ASN A 1 85  ? 0.874   9.501   2.425   1.00 20.75 ? 85  ASN A ND2 1 
ATOM   681 N  N   . VAL A 1 86  ? -0.762  6.755   -0.215  1.00 17.88 ? 86  VAL A N   1 
ATOM   682 C  CA  . VAL A 1 86  ? -2.249  6.776   -0.120  1.00 17.86 ? 86  VAL A CA  1 
ATOM   683 C  C   . VAL A 1 86  ? -2.747  7.660   1.057   1.00 18.68 ? 86  VAL A C   1 
ATOM   684 O  O   . VAL A 1 86  ? -2.705  7.271   2.264   1.00 19.14 ? 86  VAL A O   1 
ATOM   685 C  CB  . VAL A 1 86  ? -2.815  5.360   -0.058  1.00 17.41 ? 86  VAL A CB  1 
ATOM   686 C  CG1 . VAL A 1 86  ? -4.374  5.381   -0.023  1.00 17.40 ? 86  VAL A CG1 1 
ATOM   687 C  CG2 . VAL A 1 86  ? -2.277  4.487   -1.238  1.00 15.08 ? 86  VAL A CG2 1 
ATOM   688 N  N   . GLU A 1 87  ? -3.246  8.844   0.709   1.00 20.66 ? 87  GLU A N   1 
ATOM   689 C  CA  . GLU A 1 87  ? -3.660  9.842   1.686   1.00 22.27 ? 87  GLU A CA  1 
ATOM   690 C  C   . GLU A 1 87  ? -4.772  9.260   2.576   1.00 21.11 ? 87  GLU A C   1 
ATOM   691 O  O   . GLU A 1 87  ? -5.752  8.722   2.059   1.00 21.68 ? 87  GLU A O   1 
ATOM   692 C  CB  . GLU A 1 87  ? -4.228  11.090  0.994   1.00 24.88 ? 87  GLU A CB  1 
ATOM   693 C  CG  . GLU A 1 87  ? -3.311  11.773  0.047   1.00 31.25 ? 87  GLU A CG  1 
ATOM   694 C  CD  . GLU A 1 87  ? -4.007  12.924  -0.712  1.00 40.94 ? 87  GLU A CD  1 
ATOM   695 O  OE1 . GLU A 1 87  ? -4.885  13.574  -0.067  1.00 42.57 ? 87  GLU A OE1 1 
ATOM   696 O  OE2 . GLU A 1 87  ? -3.675  13.161  -1.935  1.00 42.27 ? 87  GLU A OE2 1 
ATOM   697 N  N   . GLY A 1 88  ? -4.610  9.362   3.893   1.00 19.70 ? 88  GLY A N   1 
ATOM   698 C  CA  . GLY A 1 88  ? -5.651  8.944   4.822   1.00 20.13 ? 88  GLY A CA  1 
ATOM   699 C  C   . GLY A 1 88  ? -5.606  7.458   5.148   1.00 18.75 ? 88  GLY A C   1 
ATOM   700 O  O   . GLY A 1 88  ? -6.271  7.017   6.080   1.00 19.03 ? 88  GLY A O   1 
ATOM   701 N  N   . GLY A 1 89  ? -4.751  6.708   4.451   1.00 17.99 ? 89  GLY A N   1 
ATOM   702 C  CA  . GLY A 1 89  ? -4.624  5.267   4.662   1.00 17.93 ? 89  GLY A CA  1 
ATOM   703 C  C   . GLY A 1 89  ? -5.943  4.500   4.808   1.00 17.66 ? 89  GLY A C   1 
ATOM   704 O  O   . GLY A 1 89  ? -6.971  4.857   4.217   1.00 16.36 ? 89  GLY A O   1 
HETATM 705 N  N   . MSE A 1 90  ? -5.926  3.456   5.645   1.00 16.96 ? 90  MSE A N   1 
HETATM 706 C  CA  . MSE A 1 90  ? -7.104  2.612   5.849   1.00 17.14 ? 90  MSE A CA  1 
HETATM 707 C  C   . MSE A 1 90  ? -8.228  3.317   6.581   1.00 17.51 ? 90  MSE A C   1 
HETATM 708 O  O   . MSE A 1 90  ? -9.399  2.941   6.442   1.00 17.76 ? 90  MSE A O   1 
HETATM 709 C  CB  . MSE A 1 90  ? -6.736  1.310   6.554   1.00 18.44 ? 90  MSE A CB  1 
HETATM 710 C  CG  . MSE A 1 90  ? -5.718  0.474   5.762   1.00 18.90 ? 90  MSE A CG  1 
HETATM 711 SE SE  . MSE A 1 90  ? -6.403  -0.059  3.998   0.85 26.27 ? 90  MSE A SE  1 
HETATM 712 C  CE  . MSE A 1 90  ? -7.967  -1.162  4.551   1.00 16.79 ? 90  MSE A CE  1 
ATOM   713 N  N   . HIS A 1 91  ? -7.882  4.340   7.361   1.00 17.58 ? 91  HIS A N   1 
ATOM   714 C  CA  . HIS A 1 91  ? -8.878  5.220   7.961   1.00 19.05 ? 91  HIS A CA  1 
ATOM   715 C  C   . HIS A 1 91  ? -9.794  5.775   6.860   1.00 18.83 ? 91  HIS A C   1 
ATOM   716 O  O   . HIS A 1 91  ? -11.018 5.632   6.909   1.00 18.48 ? 91  HIS A O   1 
ATOM   717 C  CB  . HIS A 1 91  ? -8.140  6.349   8.791   1.00 20.62 ? 91  HIS A CB  1 
ATOM   718 C  CG  . HIS A 1 91  ? -9.083  7.270   9.513   1.00 21.80 ? 91  HIS A CG  1 
ATOM   719 N  ND1 . HIS A 1 91  ? -8.760  7.900   10.689  1.00 24.16 ? 91  HIS A ND1 1 
ATOM   720 C  CD2 . HIS A 1 91  ? -10.318 7.718   9.171   1.00 22.04 ? 91  HIS A CD2 1 
ATOM   721 C  CE1 . HIS A 1 91  ? -9.771  8.673   11.053  1.00 24.94 ? 91  HIS A CE1 1 
ATOM   722 N  NE2 . HIS A 1 91  ? -10.732 8.562   10.150  1.00 22.41 ? 91  HIS A NE2 1 
ATOM   723 N  N   . ALA A 1 92  ? -9.192  6.322   5.806   1.00 18.19 ? 92  ALA A N   1 
ATOM   724 C  CA  . ALA A 1 92  ? -9.973  6.813   4.668   1.00 17.97 ? 92  ALA A CA  1 
ATOM   725 C  C   . ALA A 1 92  ? -10.624 5.686   3.812   1.00 17.11 ? 92  ALA A C   1 
ATOM   726 O  O   . ALA A 1 92  ? -11.775 5.812   3.363   1.00 16.92 ? 92  ALA A O   1 
ATOM   727 C  CB  . ALA A 1 92  ? -9.119  7.749   3.819   1.00 18.18 ? 92  ALA A CB  1 
ATOM   728 N  N   . TRP A 1 93  ? -9.883  4.610   3.543   1.00 17.24 ? 93  TRP A N   1 
ATOM   729 C  CA  . TRP A 1 93  ? -10.382 3.516   2.747   1.00 17.69 ? 93  TRP A CA  1 
ATOM   730 C  C   . TRP A 1 93  ? -11.652 2.859   3.320   1.00 18.99 ? 93  TRP A C   1 
ATOM   731 O  O   . TRP A 1 93  ? -12.550 2.464   2.580   1.00 18.98 ? 93  TRP A O   1 
ATOM   732 C  CB  . TRP A 1 93  ? -9.316  2.430   2.612   1.00 17.84 ? 93  TRP A CB  1 
ATOM   733 C  CG  . TRP A 1 93  ? -9.662  1.382   1.597   1.00 16.69 ? 93  TRP A CG  1 
ATOM   734 C  CD1 . TRP A 1 93  ? -10.427 0.267   1.801   1.00 17.12 ? 93  TRP A CD1 1 
ATOM   735 C  CD2 . TRP A 1 93  ? -9.230  1.330   0.227   1.00 15.86 ? 93  TRP A CD2 1 
ATOM   736 N  NE1 . TRP A 1 93  ? -10.473 -0.482  0.661   1.00 16.25 ? 93  TRP A NE1 1 
ATOM   737 C  CE2 . TRP A 1 93  ? -9.757  0.148   -0.328  1.00 14.03 ? 93  TRP A CE2 1 
ATOM   738 C  CE3 . TRP A 1 93  ? -8.425  2.154   -0.572  1.00 19.08 ? 93  TRP A CE3 1 
ATOM   739 C  CZ2 . TRP A 1 93  ? -9.540  -0.220  -1.673  1.00 16.23 ? 93  TRP A CZ2 1 
ATOM   740 C  CZ3 . TRP A 1 93  ? -8.199  1.789   -1.893  1.00 18.10 ? 93  TRP A CZ3 1 
ATOM   741 C  CH2 . TRP A 1 93  ? -8.747  0.607   -2.428  1.00 16.39 ? 93  TRP A CH2 1 
ATOM   742 N  N   . GLY A 1 94  ? -11.713 2.761   4.644   1.00 20.45 ? 94  GLY A N   1 
ATOM   743 C  CA  . GLY A 1 94  ? -12.839 2.153   5.363   1.00 21.65 ? 94  GLY A CA  1 
ATOM   744 C  C   . GLY A 1 94  ? -12.591 0.684   5.634   1.00 22.89 ? 94  GLY A C   1 
ATOM   745 O  O   . GLY A 1 94  ? -11.551 0.142   5.251   1.00 21.93 ? 94  GLY A O   1 
ATOM   746 N  N   . ASP A 1 95  ? -13.545 0.037   6.304   1.00 25.63 ? 95  ASP A N   1 
ATOM   747 C  CA  . ASP A 1 95  ? -13.426 -1.398  6.617   1.00 27.71 ? 95  ASP A CA  1 
ATOM   748 C  C   . ASP A 1 95  ? -14.356 -2.331  5.829   1.00 27.25 ? 95  ASP A C   1 
ATOM   749 O  O   . ASP A 1 95  ? -14.601 -3.456  6.244   1.00 27.17 ? 95  ASP A O   1 
ATOM   750 C  CB  . ASP A 1 95  ? -13.601 -1.621  8.116   1.00 29.63 ? 95  ASP A CB  1 
ATOM   751 C  CG  . ASP A 1 95  ? -14.864 -1.030  8.652   1.00 34.54 ? 95  ASP A CG  1 
ATOM   752 O  OD1 . ASP A 1 95  ? -15.790 -0.737  7.870   1.00 37.74 ? 95  ASP A OD1 1 
ATOM   753 O  OD2 . ASP A 1 95  ? -14.915 -0.841  9.894   1.00 43.55 ? 95  ASP A OD2 1 
ATOM   754 N  N   A GLU A 1 96  ? -14.810 -1.880  4.665   0.50 26.43 ? 96  GLU A N   1 
ATOM   755 N  N   B GLU A 1 96  ? -14.887 -1.839  4.705   0.50 26.74 ? 96  GLU A N   1 
ATOM   756 C  CA  A GLU A 1 96  ? -15.744 -2.637  3.861   0.50 26.39 ? 96  GLU A CA  1 
ATOM   757 C  CA  B GLU A 1 96  ? -15.764 -2.614  3.834   0.50 26.93 ? 96  GLU A CA  1 
ATOM   758 C  C   A GLU A 1 96  ? -15.057 -3.135  2.597   0.50 25.71 ? 96  GLU A C   1 
ATOM   759 C  C   B GLU A 1 96  ? -14.977 -3.178  2.658   0.50 25.96 ? 96  GLU A C   1 
ATOM   760 O  O   A GLU A 1 96  ? -14.289 -2.402  1.973   0.50 24.86 ? 96  GLU A O   1 
ATOM   761 O  O   B GLU A 1 96  ? -14.068 -2.531  2.146   0.50 25.15 ? 96  GLU A O   1 
ATOM   762 C  CB  A GLU A 1 96  ? -16.949 -1.755  3.542   0.50 26.72 ? 96  GLU A CB  1 
ATOM   763 C  CB  B GLU A 1 96  ? -16.903 -1.743  3.286   0.50 27.37 ? 96  GLU A CB  1 
ATOM   764 C  CG  A GLU A 1 96  ? -17.518 -1.146  4.820   0.50 27.78 ? 96  GLU A CG  1 
ATOM   765 C  CG  B GLU A 1 96  ? -17.870 -1.235  4.349   0.50 30.14 ? 96  GLU A CG  1 
ATOM   766 C  CD  A GLU A 1 96  ? -18.570 -0.097  4.579   0.50 28.05 ? 96  GLU A CD  1 
ATOM   767 C  CD  B GLU A 1 96  ? -18.414 -2.349  5.216   0.50 33.20 ? 96  GLU A CD  1 
ATOM   768 O  OE1 A GLU A 1 96  ? -18.230 1.004   4.110   0.50 26.48 ? 96  GLU A OE1 1 
ATOM   769 O  OE1 B GLU A 1 96  ? -18.763 -3.409  4.665   0.50 35.16 ? 96  GLU A OE1 1 
ATOM   770 O  OE2 A GLU A 1 96  ? -19.743 -0.370  4.887   0.50 29.12 ? 96  GLU A OE2 1 
ATOM   771 O  OE2 B GLU A 1 96  ? -18.482 -2.173  6.459   0.50 39.44 ? 96  GLU A OE2 1 
ATOM   772 N  N   . GLY A 1 97  ? -15.350 -4.378  2.229   1.00 25.69 ? 97  GLY A N   1 
ATOM   773 C  CA  . GLY A 1 97  ? -14.767 -5.004  1.047   1.00 25.92 ? 97  GLY A CA  1 
ATOM   774 C  C   . GLY A 1 97  ? -13.362 -5.531  1.266   1.00 25.79 ? 97  GLY A C   1 
ATOM   775 O  O   . GLY A 1 97  ? -12.635 -5.757  0.316   1.00 25.37 ? 97  GLY A O   1 
ATOM   776 N  N   . LEU A 1 98  ? -12.985 -5.732  2.518   1.00 25.80 ? 98  LEU A N   1 
ATOM   777 C  CA  . LEU A 1 98  ? -11.611 -6.131  2.839   1.00 26.61 ? 98  LEU A CA  1 
ATOM   778 C  C   . LEU A 1 98  ? -11.506 -7.648  2.861   1.00 29.28 ? 98  LEU A C   1 
ATOM   779 O  O   . LEU A 1 98  ? -12.502 -8.361  3.040   1.00 29.44 ? 98  LEU A O   1 
ATOM   780 C  CB  . LEU A 1 98  ? -11.202 -5.596  4.205   1.00 25.37 ? 98  LEU A CB  1 
ATOM   781 C  CG  . LEU A 1 98  ? -11.186 -4.080  4.289   1.00 23.45 ? 98  LEU A CG  1 
ATOM   782 C  CD1 . LEU A 1 98  ? -10.639 -3.657  5.657   1.00 19.34 ? 98  LEU A CD1 1 
ATOM   783 C  CD2 . LEU A 1 98  ? -10.386 -3.464  3.125   1.00 23.25 ? 98  LEU A CD2 1 
ATOM   784 N  N   . GLU A 1 99  ? -10.295 -8.130  2.683   1.00 30.40 ? 99  GLU A N   1 
ATOM   785 C  CA  . GLU A 1 99  ? -10.021 -9.549  2.732   1.00 33.91 ? 99  GLU A CA  1 
ATOM   786 C  C   . GLU A 1 99  ? -9.346  -9.977  4.051   1.00 35.74 ? 99  GLU A C   1 
ATOM   787 O  O   . GLU A 1 99  ? -8.562  -9.225  4.637   1.00 32.16 ? 99  GLU A O   1 
ATOM   788 C  CB  . GLU A 1 99  ? -9.153  -9.878  1.544   1.00 34.39 ? 99  GLU A CB  1 
ATOM   789 C  CG  . GLU A 1 99  ? -8.605  -11.241 1.546   1.00 38.13 ? 99  GLU A CG  1 
ATOM   790 C  CD  . GLU A 1 99  ? -7.891  -11.526 0.282   1.00 41.44 ? 99  GLU A CD  1 
ATOM   791 O  OE1 . GLU A 1 99  ? -6.681  -11.858 0.365   1.00 43.55 ? 99  GLU A OE1 1 
ATOM   792 O  OE2 . GLU A 1 99  ? -8.535  -11.408 -0.785  1.00 44.36 ? 99  GLU A OE2 1 
ATOM   793 N  N   . ILE A 1 100 ? -9.707  -11.162 4.530   1.00 39.60 ? 100 ILE A N   1 
ATOM   794 C  CA  . ILE A 1 100 ? -8.893  -11.853 5.519   1.00 44.27 ? 100 ILE A CA  1 
ATOM   795 C  C   . ILE A 1 100 ? -8.626  -13.253 4.999   1.00 48.74 ? 100 ILE A C   1 
ATOM   796 O  O   . ILE A 1 100 ? -9.480  -13.832 4.330   1.00 50.72 ? 100 ILE A O   1 
ATOM   797 C  CB  . ILE A 1 100 ? -9.564  -11.920 6.918   1.00 45.12 ? 100 ILE A CB  1 
ATOM   798 C  CG1 . ILE A 1 100 ? -10.748 -12.890 6.938   1.00 47.47 ? 100 ILE A CG1 1 
ATOM   799 C  CG2 . ILE A 1 100 ? -10.008 -10.530 7.390   1.00 42.21 ? 100 ILE A CG2 1 
ATOM   800 C  CD1 . ILE A 1 100 ? -10.989 -13.527 8.328   1.00 50.42 ? 100 ILE A CD1 1 
ATOM   801 N  N   . LYS A 1 101 ? -7.462  -13.813 5.285   1.00 52.82 ? 101 LYS A N   1 
ATOM   802 C  CA  . LYS A 1 101 ? -7.215  -15.209 4.862   1.00 57.60 ? 101 LYS A CA  1 
ATOM   803 C  C   . LYS A 1 101 ? -7.630  -16.235 5.934   1.00 60.58 ? 101 LYS A C   1 
ATOM   804 O  O   . LYS A 1 101 ? -7.368  -16.046 7.125   1.00 61.07 ? 101 LYS A O   1 
ATOM   805 C  CB  . LYS A 1 101 ? -5.744  -15.390 4.470   1.00 58.40 ? 101 LYS A CB  1 
ATOM   806 C  CG  . LYS A 1 101 ? -5.541  -15.901 3.038   1.00 61.22 ? 101 LYS A CG  1 
ATOM   807 C  CD  . LYS A 1 101 ? -6.160  -14.969 1.987   1.00 61.38 ? 101 LYS A CD  1 
ATOM   808 C  CE  . LYS A 1 101 ? -5.894  -15.474 0.573   1.00 63.27 ? 101 LYS A CE  1 
ATOM   809 N  NZ  . LYS A 1 101 ? -6.979  -15.055 -0.373  1.00 64.04 ? 101 LYS A NZ  1 
ATOM   810 N  N   . SER A 1 102 ? -8.304  -17.305 5.512   1.00 63.65 ? 102 SER A N   1 
ATOM   811 C  CA  . SER A 1 102 ? -8.569  -18.438 6.406   1.00 67.00 ? 102 SER A CA  1 
ATOM   812 C  C   . SER A 1 102 ? -7.438  -19.495 6.372   1.00 69.15 ? 102 SER A C   1 
ATOM   813 O  O   . SER A 1 102 ? -7.417  -20.373 7.240   1.00 71.20 ? 102 SER A O   1 
ATOM   814 C  CB  . SER A 1 102 ? -9.924  -19.106 6.090   1.00 68.49 ? 102 SER A CB  1 
ATOM   815 O  OG  . SER A 1 102 ? -10.205 -20.145 7.031   1.00 71.78 ? 102 SER A OG  1 
ATOM   816 N  N   . ILE A 1 103 ? -6.551  -19.425 5.363   1.00 69.14 ? 103 ILE A N   1 
ATOM   817 C  CA  . ILE A 1 103 ? -5.312  -20.245 5.275   1.00 70.89 ? 103 ILE A CA  1 
ATOM   818 C  C   . ILE A 1 103 ? -4.225  -19.448 4.541   1.00 69.41 ? 103 ILE A C   1 
ATOM   819 O  O   . ILE A 1 103 ? -3.668  -18.489 5.073   1.00 67.66 ? 103 ILE A O   1 
ATOM   820 C  CB  . ILE A 1 103 ? -5.476  -21.609 4.509   1.00 73.52 ? 103 ILE A CB  1 
ATOM   821 C  CG1 . ILE A 1 103 ? -6.579  -22.499 5.106   1.00 75.94 ? 103 ILE A CG1 1 
ATOM   822 C  CG2 . ILE A 1 103 ? -4.142  -22.391 4.503   1.00 75.15 ? 103 ILE A CG2 1 
ATOM   823 C  CD1 . ILE A 1 103 ? -6.606  -23.950 4.548   1.00 78.65 ? 103 ILE A CD1 1 
HETATM 824 O  O   . HOH B 2 .   ? -4.735  -3.045  2.832   1.00 12.90 ? 104 HOH A O   1 
HETATM 825 O  O   . HOH B 2 .   ? 0.507   -10.295 18.301  1.00 12.81 ? 105 HOH A O   1 
HETATM 826 O  O   . HOH B 2 .   ? -1.466  5.367   3.705   1.00 9.98  ? 106 HOH A O   1 
HETATM 827 O  O   . HOH B 2 .   ? -7.671  -3.701  8.772   1.00 18.92 ? 107 HOH A O   1 
HETATM 828 O  O   . HOH B 2 .   ? 18.051  -0.280  2.445   1.00 18.68 ? 108 HOH A O   1 
HETATM 829 O  O   . HOH B 2 .   ? -14.150 0.311   2.772   1.00 14.24 ? 109 HOH A O   1 
HETATM 830 O  O   . HOH B 2 .   ? -8.022  9.724   0.864   1.00 14.34 ? 110 HOH A O   1 
HETATM 831 O  O   . HOH B 2 .   ? -14.513 -5.774  4.839   1.00 18.29 ? 111 HOH A O   1 
HETATM 832 O  O   . HOH B 2 .   ? 15.950  -6.227  0.550   1.00 21.39 ? 112 HOH A O   1 
HETATM 833 O  O   . HOH B 2 .   ? -14.398 5.157   3.508   1.00 19.02 ? 113 HOH A O   1 
HETATM 834 O  O   . HOH B 2 .   ? 6.359   -2.558  10.971  1.00 21.73 ? 114 HOH A O   1 
HETATM 835 O  O   . HOH B 2 .   ? -2.376  10.934  4.881   1.00 20.17 ? 115 HOH A O   1 
HETATM 836 O  O   . HOH B 2 .   ? -7.699  7.496   -10.270 1.00 14.97 ? 116 HOH A O   1 
HETATM 837 O  O   . HOH B 2 .   ? 4.025   -0.979  10.313  1.00 15.80 ? 117 HOH A O   1 
HETATM 838 O  O   . HOH B 2 .   ? 1.630   -10.238 0.548   1.00 24.76 ? 118 HOH A O   1 
HETATM 839 O  O   . HOH B 2 .   ? -2.014  -4.927  -5.382  1.00 23.45 ? 119 HOH A O   1 
HETATM 840 O  O   . HOH B 2 .   ? -2.843  -10.294 -0.856  1.00 35.15 ? 120 HOH A O   1 
HETATM 841 O  O   . HOH B 2 .   ? 6.759   9.865   -4.687  1.00 31.54 ? 121 HOH A O   1 
HETATM 842 O  O   . HOH B 2 .   ? 18.144  -3.083  2.647   1.00 17.68 ? 122 HOH A O   1 
HETATM 843 O  O   . HOH B 2 .   ? 2.448   -7.371  14.269  1.00 22.29 ? 123 HOH A O   1 
HETATM 844 O  O   . HOH B 2 .   ? 4.209   -7.065  11.938  1.00 16.31 ? 124 HOH A O   1 
HETATM 845 O  O   . HOH B 2 .   ? 9.211   1.406   -9.583  1.00 14.78 ? 125 HOH A O   1 
HETATM 846 O  O   . HOH B 2 .   ? -11.654 -2.853  -0.397  1.00 16.44 ? 126 HOH A O   1 
HETATM 847 O  O   . HOH B 2 .   ? -17.866 -5.349  3.731   1.00 35.01 ? 127 HOH A O   1 
HETATM 848 O  O   . HOH B 2 .   ? 0.297   0.199   -9.776  1.00 21.05 ? 128 HOH A O   1 
HETATM 849 O  O   . HOH B 2 .   ? 11.036  -9.502  -1.206  1.00 27.75 ? 129 HOH A O   1 
HETATM 850 O  O   . HOH B 2 .   ? 1.935   -13.117 10.409  1.00 21.97 ? 130 HOH A O   1 
HETATM 851 O  O   . HOH B 2 .   ? -8.399  -4.650  -4.456  1.00 23.12 ? 131 HOH A O   1 
HETATM 852 O  O   . HOH B 2 .   ? 19.352  0.465   0.112   1.00 13.14 ? 132 HOH A O   1 
HETATM 853 O  O   . HOH B 2 .   ? -6.416  -3.322  11.681  1.00 20.37 ? 133 HOH A O   1 
HETATM 854 O  O   . HOH B 2 .   ? 0.850   -7.956  7.216   1.00 13.07 ? 134 HOH A O   1 
HETATM 855 O  O   . HOH B 2 .   ? -12.416 -12.195 3.152   1.00 30.38 ? 135 HOH A O   1 
HETATM 856 O  O   . HOH B 2 .   ? -18.657 -4.250  0.731   1.00 23.03 ? 136 HOH A O   1 
HETATM 857 O  O   . HOH B 2 .   ? -16.565 1.862   2.313   1.00 18.85 ? 137 HOH A O   1 
HETATM 858 O  O   . HOH B 2 .   ? -6.859  -12.683 9.529   1.00 17.87 ? 138 HOH A O   1 
HETATM 859 O  O   . HOH B 2 .   ? 5.918   -4.703  12.190  1.00 22.60 ? 139 HOH A O   1 
HETATM 860 O  O   . HOH B 2 .   ? -12.115 11.929  -6.727  1.00 32.00 ? 140 HOH A O   1 
HETATM 861 O  O   . HOH B 2 .   ? -15.741 4.071   5.537   1.00 22.37 ? 141 HOH A O   1 
HETATM 862 O  O   . HOH B 2 .   ? -10.479 12.335  -4.285  1.00 24.13 ? 142 HOH A O   1 
HETATM 863 O  O   . HOH B 2 .   ? -4.915  -4.536  -4.508  1.00 28.92 ? 143 HOH A O   1 
HETATM 864 O  O   . HOH B 2 .   ? -15.626 4.081   1.621   1.00 22.59 ? 144 HOH A O   1 
HETATM 865 O  O   . HOH B 2 .   ? -5.498  0.085   10.196  1.00 29.12 ? 145 HOH A O   1 
HETATM 866 O  O   . HOH B 2 .   ? 14.996  -8.137  -1.018  1.00 27.20 ? 146 HOH A O   1 
HETATM 867 O  O   . HOH B 2 .   ? 1.776   -5.480  6.178   1.00 13.27 ? 147 HOH A O   1 
HETATM 868 O  O   . HOH B 2 .   ? -5.395  -11.048 -1.567  1.00 25.89 ? 148 HOH A O   1 
HETATM 869 O  O   . HOH B 2 .   ? 3.921   -10.321 6.920   1.00 28.83 ? 149 HOH A O   1 
HETATM 870 O  O   . HOH B 2 .   ? 7.063   3.731   -12.892 1.00 34.22 ? 150 HOH A O   1 
HETATM 871 O  O   . HOH B 2 .   ? -5.938  8.249   11.325  1.00 30.94 ? 151 HOH A O   1 
HETATM 872 O  O   . HOH B 2 .   ? -10.761 9.773   -0.655  1.00 13.19 ? 152 HOH A O   1 
HETATM 873 O  O   . HOH B 2 .   ? -9.614  11.371  2.021   1.00 26.57 ? 153 HOH A O   1 
HETATM 874 O  O   . HOH B 2 .   ? 13.561  9.921   -0.228  1.00 19.73 ? 154 HOH A O   1 
HETATM 875 O  O   . HOH B 2 .   ? -16.035 1.599   6.122   1.00 26.07 ? 155 HOH A O   1 
HETATM 876 O  O   . HOH B 2 .   ? 7.573   -9.000  5.333   1.00 23.01 ? 156 HOH A O   1 
HETATM 877 O  O   . HOH B 2 .   ? -6.895  -2.010  -11.500 1.00 21.60 ? 157 HOH A O   1 
HETATM 878 O  O   . HOH B 2 .   ? 0.461   -3.481  15.926  1.00 29.26 ? 158 HOH A O   1 
HETATM 879 O  O   . HOH B 2 .   ? 19.130  -3.224  5.013   1.00 24.82 ? 159 HOH A O   1 
HETATM 880 O  O   . HOH B 2 .   ? -0.036  12.120  1.188   1.00 31.14 ? 160 HOH A O   1 
HETATM 881 O  O   . HOH B 2 .   ? 14.222  -3.403  -6.142  1.00 36.09 ? 161 HOH A O   1 
HETATM 882 O  O   . HOH B 2 .   ? 5.553   -6.032  -7.922  1.00 39.50 ? 162 HOH A O   1 
HETATM 883 O  O   . HOH B 2 .   ? 9.208   11.679  -1.127  1.00 32.23 ? 163 HOH A O   1 
HETATM 884 O  O   . HOH B 2 .   ? -4.507  -0.051  12.259  1.00 27.52 ? 164 HOH A O   1 
HETATM 885 O  O   . HOH B 2 .   ? 12.965  11.061  -2.614  1.00 25.21 ? 165 HOH A O   1 
HETATM 886 O  O   . HOH B 2 .   ? -2.085  -11.834 0.799   1.00 43.92 ? 166 HOH A O   1 
HETATM 887 O  O   . HOH B 2 .   ? 1.507   -6.092  20.299  1.00 33.63 ? 167 HOH A O   1 
HETATM 888 O  O   . HOH B 2 .   ? 19.978  -3.869  0.862   1.00 37.25 ? 168 HOH A O   1 
HETATM 889 O  O   . HOH B 2 .   ? 16.163  10.477  0.746   1.00 26.56 ? 169 HOH A O   1 
HETATM 890 O  O   . HOH B 2 .   ? -17.354 5.592   -0.230  1.00 31.04 ? 170 HOH A O   1 
HETATM 891 O  O   . HOH B 2 .   ? 0.754   13.734  -6.416  1.00 29.16 ? 171 HOH A O   1 
HETATM 892 O  O   . HOH B 2 .   ? -9.043  14.509  -5.287  1.00 37.46 ? 172 HOH A O   1 
HETATM 893 O  O   . HOH B 2 .   ? -6.644  15.426  -1.130  1.00 40.78 ? 173 HOH A O   1 
HETATM 894 O  O   . HOH B 2 .   ? -11.050 4.749   -13.057 1.00 33.24 ? 174 HOH A O   1 
HETATM 895 O  O   . HOH B 2 .   ? -8.001  1.389   -18.376 1.00 36.50 ? 175 HOH A O   1 
HETATM 896 O  O   . HOH B 2 .   ? 6.058   -9.806  3.209   1.00 40.56 ? 176 HOH A O   1 
HETATM 897 O  O   . HOH B 2 .   ? 17.065  -7.554  9.406   1.00 43.62 ? 177 HOH A O   1 
HETATM 898 O  O   . HOH B 2 .   ? 13.506  -4.135  -11.359 1.00 42.61 ? 178 HOH A O   1 
HETATM 899 O  O   . HOH B 2 .   ? -0.891  4.034   -11.940 1.00 30.79 ? 179 HOH A O   1 
HETATM 900 O  O   . HOH B 2 .   ? -0.942  1.551   -11.917 1.00 38.85 ? 180 HOH A O   1 
HETATM 901 O  O   . HOH B 2 .   ? 0.159   5.043   9.491   1.00 17.53 ? 181 HOH A O   1 
HETATM 902 O  O   . HOH B 2 .   ? -9.725  -2.936  9.139   1.00 46.59 ? 182 HOH A O   1 
HETATM 903 O  O   . HOH B 2 .   ? 5.755   -4.275  15.260  1.00 34.32 ? 183 HOH A O   1 
HETATM 904 O  O   . HOH B 2 .   ? 18.289  -6.323  0.196   1.00 34.95 ? 184 HOH A O   1 
HETATM 905 O  O   . HOH B 2 .   ? 1.021   -13.167 7.022   1.00 43.29 ? 185 HOH A O   1 
HETATM 906 O  O   . HOH B 2 .   ? -10.762 -5.972  -5.667  1.00 27.42 ? 186 HOH A O   1 
HETATM 907 O  O   . HOH B 2 .   ? -11.566 -11.117 -1.033  1.00 39.70 ? 187 HOH A O   1 
HETATM 908 O  O   . HOH B 2 .   ? 10.876  -10.171 5.681   1.00 43.58 ? 188 HOH A O   1 
HETATM 909 O  O   . HOH B 2 .   ? 11.301  2.886   -10.731 1.00 31.11 ? 189 HOH A O   1 
HETATM 910 O  O   . HOH B 2 .   ? -3.786  -13.507 4.402   1.00 37.11 ? 190 HOH A O   1 
HETATM 911 O  O   . HOH B 2 .   ? -4.541  13.138  -4.828  1.00 35.75 ? 191 HOH A O   1 
HETATM 912 O  O   . HOH B 2 .   ? 5.066   -9.811  -1.374  1.00 47.34 ? 192 HOH A O   1 
HETATM 913 O  O   . HOH B 2 .   ? 3.943   -8.842  -8.887  1.00 48.49 ? 193 HOH A O   1 
HETATM 914 O  O   . HOH B 2 .   ? -5.636  -4.543  -8.199  1.00 47.46 ? 194 HOH A O   1 
HETATM 915 O  O   . HOH B 2 .   ? 0.494   10.272  -8.843  1.00 38.76 ? 195 HOH A O   1 
HETATM 916 O  O   . HOH B 2 .   ? 0.340   15.996  -3.942  1.00 48.39 ? 196 HOH A O   1 
# 
loop_
_atom_site_anisotrop.id 
_atom_site_anisotrop.type_symbol 
_atom_site_anisotrop.pdbx_label_atom_id 
_atom_site_anisotrop.pdbx_label_alt_id 
_atom_site_anisotrop.pdbx_label_comp_id 
_atom_site_anisotrop.pdbx_label_asym_id 
_atom_site_anisotrop.pdbx_label_seq_id 
_atom_site_anisotrop.pdbx_PDB_ins_code 
_atom_site_anisotrop.U[1][1] 
_atom_site_anisotrop.U[2][2] 
_atom_site_anisotrop.U[3][3] 
_atom_site_anisotrop.U[1][2] 
_atom_site_anisotrop.U[1][3] 
_atom_site_anisotrop.U[2][3] 
_atom_site_anisotrop.pdbx_auth_seq_id 
_atom_site_anisotrop.pdbx_auth_comp_id 
_atom_site_anisotrop.pdbx_auth_asym_id 
_atom_site_anisotrop.pdbx_auth_atom_id 
9   N  N   . LYS A 2   ? 0.4268 0.3869 0.4835 -0.0499 0.0004  0.0816  2   LYS A N   
10  C  CA  . LYS A 2   ? 0.4018 0.3680 0.4463 -0.0478 -0.0005 0.0860  2   LYS A CA  
11  C  C   . LYS A 2   ? 0.3639 0.3152 0.4023 -0.0389 -0.0005 0.0664  2   LYS A C   
12  O  O   . LYS A 2   ? 0.3113 0.2587 0.3406 -0.0353 0.0036  0.0500  2   LYS A O   
13  C  CB  . LYS A 2   ? 0.4192 0.4113 0.4388 -0.0509 0.0062  0.0886  2   LYS A CB  
14  C  CG  . LYS A 2   ? 0.4683 0.4851 0.4906 -0.0605 0.0075  0.1095  2   LYS A CG  
15  C  CD  . LYS A 2   ? 0.5251 0.5686 0.5254 -0.0622 0.0169  0.1019  2   LYS A CD  
16  C  CE  . LYS A 2   ? 0.5570 0.6222 0.5341 -0.0618 0.0197  0.0984  2   LYS A CE  
17  N  NZ  . LYS A 2   ? 0.5891 0.6936 0.5526 -0.0679 0.0267  0.1028  2   LYS A NZ  
18  N  N   . SER A 3   ? 0.3391 0.2859 0.3835 -0.0361 -0.0054 0.0709  3   SER A N   
19  C  CA  . SER A 3   ? 0.3362 0.2728 0.3786 -0.0285 -0.0061 0.0564  3   SER A CA  
20  C  C   . SER A 3   ? 0.3145 0.2601 0.3477 -0.0278 -0.0078 0.0637  3   SER A C   
21  O  O   . SER A 3   ? 0.3206 0.2753 0.3596 -0.0322 -0.0118 0.0823  3   SER A O   
22  C  CB  . SER A 3   ? 0.3469 0.2669 0.4186 -0.0249 -0.0125 0.0535  3   SER A CB  
23  O  OG  . SER A 3   ? 0.4326 0.3467 0.5005 -0.0180 -0.0106 0.0334  3   SER A OG  
24  N  N   . ILE A 4   ? 0.2820 0.2268 0.3034 -0.0227 -0.0058 0.0510  4   ILE A N   
25  C  CA  . ILE A 4   ? 0.2704 0.2222 0.2868 -0.0215 -0.0085 0.0559  4   ILE A CA  
26  C  C   . ILE A 4   ? 0.2711 0.2145 0.2934 -0.0143 -0.0090 0.0429  4   ILE A C   
27  O  O   . ILE A 4   ? 0.2707 0.2091 0.2889 -0.0114 -0.0052 0.0286  4   ILE A O   
28  C  CB  . ILE A 4   ? 0.2675 0.2351 0.2590 -0.0251 -0.0044 0.0539  4   ILE A CB  
29  C  CG1 . ILE A 4   ? 0.2772 0.2572 0.2637 -0.0264 -0.0086 0.0622  4   ILE A CG1 
30  C  CG2 . ILE A 4   ? 0.2007 0.1634 0.1805 -0.0220 0.0009  0.0358  4   ILE A CG2 
31  C  CD1 . ILE A 4   ? 0.3060 0.3052 0.2692 -0.0310 -0.0055 0.0582  4   ILE A CD1 
32  N  N   . THR A 5   ? 0.2645 0.2092 0.2974 -0.0114 -0.0138 0.0486  5   THR A N   
33  C  CA  . THR A 5   ? 0.2615 0.2045 0.2983 -0.0048 -0.0133 0.0365  5   THR A CA  
34  C  C   . THR A 5   ? 0.2573 0.2100 0.2719 -0.0065 -0.0099 0.0316  5   THR A C   
35  O  O   . THR A 5   ? 0.2180 0.1792 0.2173 -0.0119 -0.0096 0.0373  5   THR A O   
36  C  CB  . THR A 5   ? 0.2778 0.2197 0.3379 -0.0003 -0.0198 0.0435  5   THR A CB  
37  O  OG1 . THR A 5   ? 0.2751 0.2289 0.3278 -0.0040 -0.0233 0.0579  5   THR A OG1 
38  C  CG2 . THR A 5   ? 0.2867 0.2173 0.3745 0.0003  -0.0251 0.0509  5   THR A CG2 
39  N  N   . THR A 6   ? 0.2545 0.2083 0.2694 -0.0022 -0.0078 0.0205  6   THR A N   
40  C  CA  . THR A 6   ? 0.2555 0.2171 0.2561 -0.0041 -0.0060 0.0174  6   THR A CA  
41  C  C   . THR A 6   ? 0.2617 0.2320 0.2621 -0.0059 -0.0106 0.0264  6   THR A C   
42  O  O   . THR A 6   ? 0.2556 0.2327 0.2427 -0.0105 -0.0106 0.0263  6   THR A O   
43  C  CB  . THR A 6   ? 0.2499 0.2149 0.2528 -0.0002 -0.0028 0.0068  6   THR A CB  
44  O  OG1 . THR A 6   ? 0.2604 0.2287 0.2803 0.0058  -0.0047 0.0046  6   THR A OG1 
45  C  CG2 . THR A 6   ? 0.2504 0.2109 0.2494 -0.0002 0.0011  -0.0010 6   THR A CG2 
46  N  N   . ASP A 7   ? 0.2673 0.2383 0.2848 -0.0026 -0.0152 0.0338  7   ASP A N   
47  C  CA  . ASP A 7   ? 0.2766 0.2585 0.2958 -0.0044 -0.0209 0.0447  7   ASP A CA  
48  C  C   . ASP A 7   ? 0.2884 0.2781 0.2934 -0.0118 -0.0228 0.0548  7   ASP A C   
49  O  O   . ASP A 7   ? 0.2923 0.2947 0.2846 -0.0163 -0.0246 0.0561  7   ASP A O   
50  C  CB  . ASP A 7   ? 0.2785 0.2593 0.3242 0.0018  -0.0263 0.0520  7   ASP A CB  
51  N  N   . GLU A 8   ? 0.2984 0.2830 0.3058 -0.0135 -0.0223 0.0608  8   GLU A N   
52  C  CA  . GLU A 8   ? 0.3080 0.3050 0.3023 -0.0208 -0.0230 0.0710  8   GLU A CA  
53  C  C   . GLU A 8   ? 0.3033 0.3057 0.2748 -0.0246 -0.0173 0.0581  8   GLU A C   
54  O  O   . GLU A 8   ? 0.2968 0.3173 0.2540 -0.0303 -0.0181 0.0609  8   GLU A O   
55  C  CB  . GLU A 8   ? 0.3301 0.3216 0.3355 -0.0223 -0.0235 0.0816  8   GLU A CB  
56  C  CG  . GLU A 8   ? 0.3745 0.3618 0.4077 -0.0200 -0.0312 0.0982  8   GLU A CG  
57  C  CD  . GLU A 8   ? 0.4430 0.4185 0.4941 -0.0214 -0.0319 0.1059  8   GLU A CD  
58  O  OE1 . GLU A 8   ? 0.3976 0.3635 0.4436 -0.0213 -0.0261 0.0937  8   GLU A OE1 
59  O  OE2 . GLU A 8   ? 0.5122 0.4889 0.5861 -0.0228 -0.0395 0.1259  8   GLU A OE2 
60  N  N   . LEU A 9   ? 0.2892 0.2788 0.2593 -0.0214 -0.0120 0.0437  9   LEU A N   
61  C  CA  . LEU A 9   ? 0.2838 0.2759 0.2385 -0.0239 -0.0076 0.0313  9   LEU A CA  
62  C  C   . LEU A 9   ? 0.2780 0.2771 0.2274 -0.0252 -0.0100 0.0251  9   LEU A C   
63  O  O   . LEU A 9   ? 0.2884 0.2975 0.2267 -0.0293 -0.0096 0.0181  9   LEU A O   
64  C  CB  . LEU A 9   ? 0.2696 0.2479 0.2269 -0.0207 -0.0025 0.0211  9   LEU A CB  
65  C  CG  . LEU A 9   ? 0.3023 0.2808 0.2503 -0.0222 0.0014  0.0096  9   LEU A CG  
66  C  CD1 . LEU A 9   ? 0.2820 0.2729 0.2201 -0.0263 0.0033  0.0093  9   LEU A CD1 
67  C  CD2 . LEU A 9   ? 0.2830 0.2493 0.2365 -0.0190 0.0051  0.0043  9   LEU A CD2 
68  N  N   . LYS A 10  ? 0.2589 0.2548 0.2182 -0.0221 -0.0127 0.0267  10  LYS A N   
69  C  CA  . LYS A 10  ? 0.2518 0.2558 0.2090 -0.0245 -0.0160 0.0231  10  LYS A CA  
70  C  C   . LYS A 10  ? 0.2417 0.2637 0.1911 -0.0294 -0.0211 0.0292  10  LYS A C   
71  O  O   . LYS A 10  ? 0.2495 0.2808 0.1910 -0.0337 -0.0229 0.0211  10  LYS A O   
72  C  CB  . LYS A 10  ? 0.2573 0.2585 0.2279 -0.0201 -0.0174 0.0249  10  LYS A CB  
73  C  CG  . LYS A 10  ? 0.2467 0.2378 0.2213 -0.0170 -0.0123 0.0169  10  LYS A CG  
74  C  CD  . LYS A 10  ? 0.2516 0.2467 0.2398 -0.0123 -0.0125 0.0183  10  LYS A CD  
75  C  CE  . LYS A 10  ? 0.2752 0.2672 0.2660 -0.0097 -0.0074 0.0121  10  LYS A CE  
76  N  NZ  . LYS A 10  ? 0.1915 0.1939 0.1935 -0.0058 -0.0065 0.0115  10  LYS A NZ  
77  N  N   . ASN A 11  ? 0.2361 0.2645 0.1893 -0.0294 -0.0241 0.0437  11  ASN A N   
78  C  CA  . ASN A 11  ? 0.2536 0.3040 0.1994 -0.0348 -0.0297 0.0535  11  ASN A CA  
79  C  C   . ASN A 11  ? 0.2739 0.3398 0.2003 -0.0408 -0.0269 0.0440  11  ASN A C   
80  O  O   . ASN A 11  ? 0.2636 0.3518 0.1795 -0.0461 -0.0310 0.0426  11  ASN A O   
81  C  CB  . ASN A 11  ? 0.2626 0.3160 0.2201 -0.0339 -0.0333 0.0740  11  ASN A CB  
82  C  CG  . ASN A 11  ? 0.2456 0.2897 0.2253 -0.0277 -0.0378 0.0818  11  ASN A CG  
83  O  OD1 . ASN A 11  ? 0.2546 0.2940 0.2387 -0.0244 -0.0375 0.0725  11  ASN A OD1 
84  N  ND2 . ASN A 11  ? 0.2745 0.3186 0.2710 -0.0263 -0.0423 0.0995  11  ASN A ND2 
85  N  N   . LYS A 12  ? 0.2835 0.3390 0.2064 -0.0395 -0.0201 0.0352  12  LYS A N   
86  C  CA  . LYS A 12  ? 0.3192 0.3892 0.2272 -0.0435 -0.0162 0.0234  12  LYS A CA  
87  C  C   . LYS A 12  ? 0.3270 0.3983 0.2307 -0.0449 -0.0167 0.0023  12  LYS A C   
88  O  O   . LYS A 12  ? 0.3499 0.4402 0.2426 -0.0486 -0.0157 -0.0099 12  LYS A O   
89  C  CB  . LYS A 12  ? 0.3187 0.3770 0.2280 -0.0412 -0.0092 0.0206  12  LYS A CB  
90  C  CG  . LYS A 12  ? 0.3538 0.4154 0.2680 -0.0421 -0.0094 0.0404  12  LYS A CG  
91  C  CD  . LYS A 12  ? 0.4017 0.4620 0.3135 -0.0423 -0.0023 0.0365  12  LYS A CD  
92  C  CE  . LYS A 12  ? 0.4413 0.5084 0.3596 -0.0453 -0.0035 0.0578  12  LYS A CE  
93  N  NZ  . LYS A 12  ? 0.4695 0.5718 0.3763 -0.0529 -0.0058 0.0709  12  LYS A NZ  
94  N  N   . LEU A 13  ? 0.3339 0.3879 0.2488 -0.0421 -0.0187 -0.0015 13  LEU A N   
95  C  CA  . LEU A 13  ? 0.3344 0.3889 0.2514 -0.0446 -0.0216 -0.0173 13  LEU A CA  
96  C  C   . LEU A 13  ? 0.3502 0.4301 0.2586 -0.0504 -0.0282 -0.0188 13  LEU A C   
97  O  O   . LEU A 13  ? 0.3740 0.4603 0.2822 -0.0539 -0.0309 -0.0364 13  LEU A O   
98  C  CB  . LEU A 13  ? 0.3200 0.3564 0.2519 -0.0418 -0.0233 -0.0144 13  LEU A CB  
99  C  CG  . LEU A 13  ? 0.3395 0.3549 0.2798 -0.0371 -0.0179 -0.0151 13  LEU A CG  
100 C  CD1 . LEU A 13  ? 0.3185 0.3255 0.2717 -0.0354 -0.0196 -0.0095 13  LEU A CD1 
101 C  CD2 . LEU A 13  ? 0.3897 0.3994 0.3318 -0.0381 -0.0156 -0.0317 13  LEU A CD2 
102 N  N   . LEU A 14  ? 0.3509 0.4464 0.2550 -0.0518 -0.0318 -0.0005 14  LEU A N   
103 C  CA  . LEU A 14  ? 0.3695 0.4949 0.2639 -0.0581 -0.0388 0.0011  14  LEU A CA  
104 C  C   . LEU A 14  ? 0.4076 0.5625 0.2834 -0.0630 -0.0367 -0.0049 14  LEU A C   
105 O  O   . LEU A 14  ? 0.4207 0.6064 0.2859 -0.0691 -0.0425 -0.0061 14  LEU A O   
106 C  CB  . LEU A 14  ? 0.3557 0.4885 0.2569 -0.0577 -0.0451 0.0256  14  LEU A CB  
107 C  CG  . LEU A 14  ? 0.3287 0.4412 0.2483 -0.0530 -0.0474 0.0296  14  LEU A CG  
108 C  CD1 . LEU A 14  ? 0.2780 0.3973 0.2085 -0.0509 -0.0531 0.0526  14  LEU A CD1 
109 C  CD2 . LEU A 14  ? 0.2758 0.3904 0.1983 -0.0566 -0.0515 0.0139  14  LEU A CD2 
110 N  N   . GLU A 15  ? 0.4328 0.5827 0.3051 -0.0607 -0.0288 -0.0082 15  GLU A N   
111 C  CA  . GLU A 15  ? 0.4678 0.6495 0.3233 -0.0651 -0.0252 -0.0135 15  GLU A CA  
112 C  C   . GLU A 15  ? 0.4943 0.6825 0.3456 -0.0655 -0.0223 -0.0458 15  GLU A C   
113 O  O   . GLU A 15  ? 0.4747 0.6357 0.3394 -0.0618 -0.0218 -0.0611 15  GLU A O   
114 C  CB  . GLU A 15  ? 0.4715 0.6460 0.3279 -0.0626 -0.0181 -0.0014 15  GLU A CB  
115 C  CG  . GLU A 15  ? 0.4976 0.6735 0.3595 -0.0636 -0.0215 0.0303  15  GLU A CG  
116 C  CD  . GLU A 15  ? 0.5538 0.7093 0.4255 -0.0599 -0.0157 0.0407  15  GLU A CD  
117 O  OE1 . GLU A 15  ? 0.5753 0.7241 0.4446 -0.0578 -0.0080 0.0256  15  GLU A OE1 
118 O  OE2 . GLU A 15  ? 0.5994 0.7452 0.4837 -0.0591 -0.0196 0.0635  15  GLU A OE2 
119 N  N   . SER A 16  ? 0.5483 0.7749 0.3831 -0.0703 -0.0204 -0.0561 16  SER A N   
120 C  CA  . SER A 16  ? 0.5918 0.8279 0.4258 -0.0698 -0.0177 -0.0913 16  SER A CA  
121 C  C   . SER A 16  ? 0.6012 0.8160 0.4448 -0.0632 -0.0084 -0.1034 16  SER A C   
122 O  O   . SER A 16  ? 0.6096 0.8003 0.4694 -0.0590 -0.0082 -0.1250 16  SER A O   
123 C  CB  . SER A 16  ? 0.6223 0.9123 0.4353 -0.0769 -0.0188 -0.1022 16  SER A CB  
124 O  OG  . SER A 16  ? 0.6713 0.9898 0.4701 -0.0822 -0.0205 -0.0706 16  SER A OG  
125 N  N   . LYS A 17  ? 0.6128 0.8352 0.4503 -0.0625 -0.0018 -0.0874 17  LYS A N   
126 C  CA  . LYS A 17  ? 0.6204 0.8226 0.4686 -0.0562 0.0065  -0.0961 17  LYS A CA  
127 C  C   . LYS A 17  ? 0.5926 0.7463 0.4600 -0.0505 0.0051  -0.0887 17  LYS A C   
128 O  O   . LYS A 17  ? 0.5857 0.7251 0.4550 -0.0506 0.0025  -0.0647 17  LYS A O   
129 C  CB  . LYS A 17  ? 0.6352 0.8561 0.4745 -0.0578 0.0131  -0.0774 17  LYS A CB  
130 C  CG  . LYS A 17  ? 0.6824 0.8985 0.5201 -0.0612 0.0088  -0.0411 17  LYS A CG  
131 C  CD  . LYS A 17  ? 0.7338 0.9432 0.5768 -0.0603 0.0145  -0.0223 17  LYS A CD  
132 C  CE  . LYS A 17  ? 0.7629 0.9446 0.6172 -0.0597 0.0090  0.0049  17  LYS A CE  
133 N  NZ  . LYS A 17  ? 0.7820 0.9523 0.6459 -0.0590 0.0128  0.0215  17  LYS A NZ  
134 N  N   . PRO A 18  ? 0.5805 0.7118 0.4643 -0.0454 0.0065  -0.1090 18  PRO A N   
135 C  CA  . PRO A 18  ? 0.5538 0.6459 0.4551 -0.0409 0.0054  -0.1009 18  PRO A CA  
136 C  C   . PRO A 18  ? 0.5225 0.6042 0.4239 -0.0379 0.0109  -0.0837 18  PRO A C   
137 O  O   . PRO A 18  ? 0.5350 0.6332 0.4309 -0.0377 0.0170  -0.0862 18  PRO A O   
138 C  CB  . PRO A 18  ? 0.5605 0.6391 0.4803 -0.0369 0.0056  -0.1258 18  PRO A CB  
139 C  CG  . PRO A 18  ? 0.5917 0.6999 0.5052 -0.0396 0.0050  -0.1508 18  PRO A CG  
140 C  CD  . PRO A 18  ? 0.6048 0.7486 0.4941 -0.0435 0.0092  -0.1404 18  PRO A CD  
141 N  N   . VAL A 19  ? 0.4903 0.5477 0.3989 -0.0361 0.0088  -0.0671 19  VAL A N   
142 C  CA  . VAL A 19  ? 0.4556 0.5027 0.3663 -0.0337 0.0128  -0.0525 19  VAL A CA  
143 C  C   . VAL A 19  ? 0.4261 0.4517 0.3517 -0.0288 0.0151  -0.0612 19  VAL A C   
144 O  O   . VAL A 19  ? 0.4164 0.4286 0.3531 -0.0275 0.0116  -0.0695 19  VAL A O   
145 C  CB  . VAL A 19  ? 0.4509 0.4885 0.3620 -0.0344 0.0091  -0.0315 19  VAL A CB  
146 C  CG1 . VAL A 19  ? 0.4992 0.5610 0.3986 -0.0394 0.0075  -0.0178 19  VAL A CG1 
147 C  CG2 . VAL A 19  ? 0.4573 0.4828 0.3747 -0.0340 0.0034  -0.0325 19  VAL A CG2 
148 N  N   A GLN A 20  ? 0.4043 0.4291 0.3319 -0.0266 0.0204  -0.0583 20  GLN A N   
149 N  N   B GLN A 20  ? 0.4043 0.4284 0.3318 -0.0266 0.0201  -0.0573 20  GLN A N   
150 C  CA  A GLN A 20  ? 0.3836 0.3917 0.3259 -0.0219 0.0222  -0.0637 20  GLN A CA  
151 C  CA  B GLN A 20  ? 0.3851 0.3931 0.3269 -0.0221 0.0222  -0.0630 20  GLN A CA  
152 C  C   A GLN A 20  ? 0.3588 0.3497 0.3045 -0.0209 0.0207  -0.0476 20  GLN A C   
153 C  C   B GLN A 20  ? 0.3594 0.3503 0.3052 -0.0209 0.0207  -0.0474 20  GLN A C   
154 O  O   A GLN A 20  ? 0.3489 0.3430 0.2896 -0.0221 0.0225  -0.0362 20  GLN A O   
155 O  O   B GLN A 20  ? 0.3497 0.3434 0.2907 -0.0220 0.0225  -0.0360 20  GLN A O   
156 C  CB  A GLN A 20  ? 0.3887 0.4101 0.3319 -0.0203 0.0288  -0.0708 20  GLN A CB  
157 C  CB  B GLN A 20  ? 0.3905 0.4127 0.3325 -0.0207 0.0287  -0.0696 20  GLN A CB  
158 C  CG  A GLN A 20  ? 0.4043 0.4440 0.3488 -0.0193 0.0313  -0.0932 20  GLN A CG  
159 C  CG  B GLN A 20  ? 0.4128 0.4598 0.3491 -0.0216 0.0313  -0.0873 20  GLN A CG  
160 C  CD  A GLN A 20  ? 0.4144 0.4424 0.3807 -0.0133 0.0322  -0.1084 20  GLN A CD  
161 C  CD  B GLN A 20  ? 0.4278 0.4664 0.3767 -0.0193 0.0275  -0.1068 20  GLN A CD  
162 O  OE1 A GLN A 20  ? 0.4030 0.4074 0.3834 -0.0109 0.0285  -0.1023 20  GLN A OE1 
163 O  OE1 B GLN A 20  ? 0.4544 0.5063 0.3969 -0.0222 0.0248  -0.1174 20  GLN A OE1 
164 N  NE2 A GLN A 20  ? 0.4366 0.4836 0.4073 -0.0107 0.0369  -0.1285 20  GLN A NE2 
165 N  NE2 B GLN A 20  ? 0.4137 0.4308 0.3830 -0.0147 0.0263  -0.1105 20  GLN A NE2 
166 N  N   . ILE A 21  ? 0.3345 0.3097 0.2901 -0.0193 0.0170  -0.0471 21  ILE A N   
167 C  CA  . ILE A 21  ? 0.3137 0.2774 0.2726 -0.0181 0.0158  -0.0353 21  ILE A CA  
168 C  C   . ILE A 21  ? 0.2995 0.2545 0.2713 -0.0152 0.0163  -0.0376 21  ILE A C   
169 O  O   . ILE A 21  ? 0.2981 0.2489 0.2816 -0.0145 0.0143  -0.0451 21  ILE A O   
170 C  CB  . ILE A 21  ? 0.3103 0.2699 0.2694 -0.0194 0.0111  -0.0298 21  ILE A CB  
171 C  CG1 . ILE A 21  ? 0.3192 0.2889 0.2678 -0.0220 0.0096  -0.0259 21  ILE A CG1 
172 C  CG2 . ILE A 21  ? 0.3178 0.2708 0.2808 -0.0175 0.0107  -0.0206 21  ILE A CG2 
173 C  CD1 . ILE A 21  ? 0.3032 0.2721 0.2535 -0.0231 0.0050  -0.0217 21  ILE A CD1 
174 N  N   . VAL A 22  ? 0.2835 0.2364 0.2559 -0.0140 0.0179  -0.0307 22  VAL A N   
175 C  CA  . VAL A 22  ? 0.2766 0.2247 0.2604 -0.0118 0.0177  -0.0296 22  VAL A CA  
176 C  C   . VAL A 22  ? 0.2622 0.2082 0.2461 -0.0119 0.0155  -0.0203 22  VAL A C   
177 O  O   . VAL A 22  ? 0.2603 0.2082 0.2374 -0.0122 0.0164  -0.0171 22  VAL A O   
178 C  CB  . VAL A 22  ? 0.2849 0.2383 0.2702 -0.0105 0.0218  -0.0321 22  VAL A CB  
179 C  CG1 . VAL A 22  ? 0.2507 0.2012 0.2507 -0.0078 0.0207  -0.0306 22  VAL A CG1 
180 C  CG2 . VAL A 22  ? 0.3030 0.2657 0.2861 -0.0105 0.0253  -0.0426 22  VAL A CG2 
181 N  N   . ASP A 23  ? 0.2516 0.1956 0.2449 -0.0119 0.0122  -0.0162 23  ASP A N   
182 C  CA  . ASP A 23  ? 0.2455 0.1945 0.2378 -0.0127 0.0103  -0.0078 23  ASP A CA  
183 C  C   . ASP A 23  ? 0.2354 0.1883 0.2345 -0.0117 0.0099  -0.0040 23  ASP A C   
184 O  O   . ASP A 23  ? 0.2438 0.1946 0.2567 -0.0112 0.0076  -0.0015 23  ASP A O   
185 C  CB  . ASP A 23  ? 0.2346 0.1846 0.2337 -0.0147 0.0068  -0.0024 23  ASP A CB  
186 C  CG  . ASP A 23  ? 0.2644 0.2263 0.2622 -0.0160 0.0057  0.0066  23  ASP A CG  
187 O  OD1 . ASP A 23  ? 0.2688 0.2347 0.2698 -0.0183 0.0037  0.0113  23  ASP A OD1 
188 O  OD2 . ASP A 23  ? 0.2440 0.2142 0.2387 -0.0151 0.0066  0.0083  23  ASP A OD2 
189 N  N   . VAL A 24  ? 0.2285 0.1877 0.2210 -0.0114 0.0111  -0.0039 24  VAL A N   
190 C  CA  . VAL A 24  ? 0.2227 0.1879 0.2205 -0.0110 0.0103  -0.0015 24  VAL A CA  
191 C  C   . VAL A 24  ? 0.2268 0.2068 0.2240 -0.0124 0.0075  0.0055  24  VAL A C   
192 O  O   . VAL A 24  ? 0.2292 0.2190 0.2278 -0.0126 0.0062  0.0074  24  VAL A O   
193 C  CB  . VAL A 24  ? 0.2234 0.1875 0.2172 -0.0105 0.0129  -0.0076 24  VAL A CB  
194 C  CG1 . VAL A 24  ? 0.2264 0.1834 0.2211 -0.0099 0.0162  -0.0123 24  VAL A CG1 
195 C  CG2 . VAL A 24  ? 0.2162 0.1823 0.2020 -0.0112 0.0133  -0.0112 24  VAL A CG2 
196 N  N   . ARG A 25  ? 0.2262 0.2114 0.2215 -0.0137 0.0065  0.0100  25  ARG A N   
197 C  CA  . ARG A 25  ? 0.2395 0.2454 0.2342 -0.0158 0.0042  0.0185  25  ARG A CA  
198 C  C   . ARG A 25  ? 0.2332 0.2456 0.2416 -0.0178 -0.0003 0.0325  25  ARG A C   
199 O  O   . ARG A 25  ? 0.2333 0.2308 0.2546 -0.0167 -0.0016 0.0340  25  ARG A O   
200 C  CB  . ARG A 25  ? 0.2431 0.2546 0.2348 -0.0171 0.0047  0.0208  25  ARG A CB  
201 C  CG  . ARG A 25  ? 0.2483 0.2574 0.2303 -0.0145 0.0081  0.0087  25  ARG A CG  
202 C  CD  . ARG A 25  ? 0.1981 0.2160 0.1790 -0.0153 0.0086  0.0112  25  ARG A CD  
203 N  NE  . ARG A 25  ? 0.1752 0.1803 0.1629 -0.0172 0.0067  0.0169  25  ARG A NE  
204 C  CZ  . ARG A 25  ? 0.2190 0.2314 0.2113 -0.0200 0.0054  0.0243  25  ARG A CZ  
205 N  NH1 . ARG A 25  ? 0.2249 0.2603 0.2148 -0.0208 0.0066  0.0280  25  ARG A NH1 
206 N  NH2 . ARG A 25  ? 0.2240 0.2227 0.2248 -0.0221 0.0029  0.0270  25  ARG A NH2 
207 N  N   . THR A 26  ? 0.2362 0.2730 0.2437 -0.0207 -0.0028 0.0428  26  THR A N   
208 C  CA  . THR A 26  ? 0.2215 0.2677 0.2446 -0.0234 -0.0083 0.0609  26  THR A CA  
209 C  C   . THR A 26  ? 0.2208 0.2591 0.2588 -0.0259 -0.0112 0.0724  26  THR A C   
210 O  O   . THR A 26  ? 0.2123 0.2454 0.2439 -0.0263 -0.0085 0.0666  26  THR A O   
211 C  CB  . THR A 26  ? 0.2216 0.3035 0.2381 -0.0273 -0.0107 0.0715  26  THR A CB  
212 O  OG1 . THR A 26  ? 0.2191 0.3187 0.2261 -0.0297 -0.0085 0.0728  26  THR A OG1 
213 C  CG2 . THR A 26  ? 0.2216 0.3129 0.2252 -0.0254 -0.0090 0.0575  26  THR A CG2 
214 N  N   . ASP A 27  ? 0.2255 0.2643 0.2858 -0.0280 -0.0175 0.0895  27  ASP A N   
215 C  CA  . ASP A 27  ? 0.2352 0.2653 0.3168 -0.0312 -0.0220 0.1018  27  ASP A CA  
216 C  C   . ASP A 27  ? 0.2408 0.2952 0.3166 -0.0373 -0.0226 0.1154  27  ASP A C   
217 O  O   . ASP A 27  ? 0.2349 0.2825 0.3188 -0.0401 -0.0235 0.1184  27  ASP A O   
218 C  CB  . ASP A 27  ? 0.2442 0.2708 0.3566 -0.0321 -0.0300 0.1189  27  ASP A CB  
219 C  CG  . ASP A 27  ? 0.2725 0.2735 0.3977 -0.0254 -0.0296 0.1040  27  ASP A CG  
220 O  OD1 . ASP A 27  ? 0.2882 0.2709 0.4035 -0.0215 -0.0242 0.0826  27  ASP A OD1 
221 O  OD2 . ASP A 27  ? 0.2974 0.3006 0.4436 -0.0242 -0.0350 0.1151  27  ASP A OD2 
222 N  N   . GLU A 28  ? 0.2417 0.3286 0.3043 -0.0397 -0.0219 0.1233  28  GLU A N   
223 C  CA  . GLU A 28  ? 0.2553 0.3736 0.3091 -0.0452 -0.0206 0.1338  28  GLU A CA  
224 C  C   . GLU A 28  ? 0.2399 0.3531 0.2782 -0.0429 -0.0141 0.1163  28  GLU A C   
225 O  O   . GLU A 28  ? 0.2378 0.3638 0.2796 -0.0472 -0.0140 0.1256  28  GLU A O   
226 C  CB  . GLU A 28  ? 0.2800 0.4368 0.3176 -0.0468 -0.0198 0.1371  28  GLU A CB  
227 C  CG  . GLU A 28  ? 0.3449 0.5263 0.3988 -0.0532 -0.0274 0.1665  28  GLU A CG  
228 C  CD  . GLU A 28  ? 0.4581 0.6580 0.5049 -0.0525 -0.0295 0.1669  28  GLU A CD  
229 O  OE1 . GLU A 28  ? 0.5331 0.7047 0.5873 -0.0474 -0.0308 0.1576  28  GLU A OE1 
230 O  OE2 . GLU A 28  ? 0.5267 0.7717 0.5617 -0.0575 -0.0301 0.1774  28  GLU A OE2 
231 N  N   . GLU A 29  ? 0.2247 0.3218 0.2474 -0.0365 -0.0091 0.0928  29  GLU A N   
232 C  CA  . GLU A 29  ? 0.2276 0.3166 0.2387 -0.0333 -0.0038 0.0762  29  GLU A CA  
233 C  C   . GLU A 29  ? 0.2233 0.2837 0.2457 -0.0333 -0.0052 0.0745  29  GLU A C   
234 O  O   . GLU A 29  ? 0.2166 0.2810 0.2395 -0.0353 -0.0043 0.0759  29  GLU A O   
235 C  CB  . GLU A 29  ? 0.2307 0.3086 0.2277 -0.0272 0.0003  0.0548  29  GLU A CB  
236 C  CG  . GLU A 29  ? 0.2401 0.3463 0.2249 -0.0267 0.0022  0.0488  29  GLU A CG  
237 C  CD  . GLU A 29  ? 0.2764 0.3670 0.2544 -0.0220 0.0041  0.0303  29  GLU A CD  
238 O  OE1 . GLU A 29  ? 0.2482 0.3318 0.2301 -0.0221 0.0015  0.0328  29  GLU A OE1 
239 O  OE2 . GLU A 29  ? 0.3216 0.4067 0.2933 -0.0182 0.0075  0.0145  29  GLU A OE2 
240 N  N   . THR A 30  ? 0.2033 0.2380 0.2353 -0.0314 -0.0074 0.0707  30  THR A N   
241 C  CA  . THR A 30  ? 0.2185 0.2294 0.2600 -0.0312 -0.0088 0.0649  30  THR A CA  
242 C  C   . THR A 30  ? 0.2267 0.2398 0.2884 -0.0373 -0.0143 0.0804  30  THR A C   
243 O  O   . THR A 30  ? 0.2244 0.2247 0.2914 -0.0384 -0.0154 0.0747  30  THR A O   
244 C  CB  . THR A 30  ? 0.2253 0.2123 0.2744 -0.0274 -0.0095 0.0545  30  THR A CB  
245 O  OG1 . THR A 30  ? 0.2383 0.2248 0.3089 -0.0288 -0.0150 0.0674  30  THR A OG1 
246 C  CG2 . THR A 30  ? 0.2188 0.2034 0.2500 -0.0225 -0.0043 0.0406  30  THR A CG2 
247 N  N   . ALA A 31  ? 0.2337 0.2658 0.3076 -0.0420 -0.0184 0.1014  31  ALA A N   
248 C  CA  . ALA A 31  ? 0.2412 0.2775 0.3396 -0.0491 -0.0250 0.1212  31  ALA A CA  
249 C  C   . ALA A 31  ? 0.2626 0.3146 0.3531 -0.0529 -0.0223 0.1233  31  ALA A C   
250 O  O   . ALA A 31  ? 0.2412 0.2906 0.3517 -0.0589 -0.0273 0.1344  31  ALA A O   
251 C  CB  . ALA A 31  ? 0.2300 0.2889 0.3423 -0.0540 -0.0302 0.1471  31  ALA A CB  
252 N  N   . MSE A 32  ? 0.2671 0.3360 0.3319 -0.0493 -0.0152 0.1123  32  MSE A N   
253 C  CA  . MSE A 32  ? 0.2860 0.3736 0.3440 -0.0514 -0.0118 0.1127  32  MSE A CA  
254 C  C   . MSE A 32  ? 0.2788 0.3429 0.3338 -0.0484 -0.0107 0.0958  32  MSE A C   
255 O  O   . MSE A 32  ? 0.2823 0.3583 0.3351 -0.0497 -0.0089 0.0957  32  MSE A O   
256 C  CB  . MSE A 32  ? 0.3031 0.4193 0.3386 -0.0475 -0.0048 0.1046  32  MSE A CB  
257 C  CG  . MSE A 32  ? 0.3705 0.5211 0.4037 -0.0510 -0.0052 0.1195  32  MSE A CG  
258 SE SE  . MSE A 32  ? 0.5403 0.7158 0.6012 -0.0641 -0.0133 0.1594  32  MSE A SE  
259 C  CE  . MSE A 32  ? 0.4986 0.6985 0.5618 -0.0689 -0.0097 0.1642  32  MSE A CE  
260 N  N   . GLY A 33  ? 0.2467 0.2815 0.3012 -0.0443 -0.0116 0.0818  33  GLY A N   
261 C  CA  . GLY A 33  ? 0.2509 0.2668 0.3031 -0.0426 -0.0116 0.0676  33  GLY A CA  
262 C  C   . GLY A 33  ? 0.2403 0.2403 0.2770 -0.0357 -0.0079 0.0499  33  GLY A C   
263 O  O   . GLY A 33  ? 0.2302 0.2381 0.2529 -0.0316 -0.0035 0.0456  33  GLY A O   
264 N  N   . TYR A 34  ? 0.2394 0.2192 0.2794 -0.0349 -0.0098 0.0391  34  TYR A N   
265 C  CA  . TYR A 34  ? 0.2496 0.2185 0.2749 -0.0295 -0.0061 0.0243  34  TYR A CA  
266 C  C   . TYR A 34  ? 0.2572 0.2181 0.2790 -0.0299 -0.0073 0.0137  34  TYR A C   
267 O  O   . TYR A 34  ? 0.2655 0.2262 0.2981 -0.0343 -0.0116 0.0155  34  TYR A O   
268 C  CB  . TYR A 34  ? 0.2610 0.2189 0.2938 -0.0276 -0.0067 0.0213  34  TYR A CB  
269 C  CG  . TYR A 34  ? 0.2757 0.2223 0.3316 -0.0307 -0.0126 0.0218  34  TYR A CG  
270 C  CD1 . TYR A 34  ? 0.3179 0.2523 0.3770 -0.0299 -0.0137 0.0063  34  TYR A CD1 
271 C  CD2 . TYR A 34  ? 0.2597 0.2100 0.3367 -0.0347 -0.0177 0.0380  34  TYR A CD2 
272 C  CE1 . TYR A 34  ? 0.3292 0.2524 0.4143 -0.0323 -0.0199 0.0031  34  TYR A CE1 
273 C  CE2 . TYR A 34  ? 0.3292 0.2666 0.4340 -0.0373 -0.0244 0.0387  34  TYR A CE2 
274 C  CZ  . TYR A 34  ? 0.3275 0.2502 0.4373 -0.0358 -0.0255 0.0194  34  TYR A CZ  
275 O  OH  . TYR A 34  ? 0.3398 0.2493 0.4811 -0.0381 -0.0329 0.0168  34  TYR A OH  
276 N  N   . ILE A 35  ? 0.2556 0.2120 0.2635 -0.0263 -0.0039 0.0035  35  ILE A N   
277 C  CA  . ILE A 35  ? 0.2528 0.2069 0.2543 -0.0270 -0.0051 -0.0052 35  ILE A CA  
278 C  C   . ILE A 35  ? 0.2672 0.2128 0.2798 -0.0293 -0.0086 -0.0148 35  ILE A C   
279 O  O   . ILE A 35  ? 0.2583 0.1974 0.2762 -0.0273 -0.0074 -0.0199 35  ILE A O   
280 C  CB  . ILE A 35  ? 0.2374 0.1920 0.2237 -0.0235 -0.0012 -0.0099 35  ILE A CB  
281 C  CG1 . ILE A 35  ? 0.2446 0.2060 0.2254 -0.0208 0.0010  -0.0035 35  ILE A CG1 
282 C  CG2 . ILE A 35  ? 0.2568 0.2140 0.2358 -0.0253 -0.0029 -0.0172 35  ILE A CG2 
283 C  CD1 . ILE A 35  ? 0.2286 0.1880 0.2002 -0.0177 0.0038  -0.0059 35  ILE A CD1 
284 N  N   . PRO A 36  ? 0.2812 0.2282 0.2998 -0.0334 -0.0133 -0.0186 36  PRO A N   
285 C  CA  . PRO A 36  ? 0.2986 0.2379 0.3320 -0.0355 -0.0175 -0.0312 36  PRO A CA  
286 C  C   . PRO A 36  ? 0.3065 0.2454 0.3306 -0.0320 -0.0138 -0.0461 36  PRO A C   
287 O  O   . PRO A 36  ? 0.2784 0.2263 0.2823 -0.0306 -0.0101 -0.0475 36  PRO A O   
288 C  CB  . PRO A 36  ? 0.3164 0.2614 0.3514 -0.0406 -0.0228 -0.0349 36  PRO A CB  
289 C  CG  . PRO A 36  ? 0.2996 0.2530 0.3317 -0.0419 -0.0224 -0.0177 36  PRO A CG  
290 C  CD  . PRO A 36  ? 0.2895 0.2456 0.3054 -0.0362 -0.0155 -0.0121 36  PRO A CD  
291 N  N   . ASN A 37  ? 0.3146 0.2450 0.3558 -0.0304 -0.0149 -0.0555 37  ASN A N   
292 C  CA  . ASN A 37  ? 0.3447 0.2785 0.3803 -0.0265 -0.0106 -0.0714 37  ASN A CA  
293 C  C   . ASN A 37  ? 0.3168 0.2533 0.3392 -0.0223 -0.0039 -0.0647 37  ASN A C   
294 O  O   . ASN A 37  ? 0.3330 0.2753 0.3510 -0.0195 0.0003  -0.0757 37  ASN A O   
295 C  CB  . ASN A 37  ? 0.3601 0.3079 0.3805 -0.0285 -0.0105 -0.0860 37  ASN A CB  
296 C  CG  . ASN A 37  ? 0.4444 0.3906 0.4797 -0.0330 -0.0179 -0.0976 37  ASN A CG  
297 O  OD1 . ASN A 37  ? 0.5302 0.4641 0.5927 -0.0328 -0.0224 -0.1064 37  ASN A OD1 
298 N  ND2 . ASN A 37  ? 0.4796 0.4384 0.5003 -0.0371 -0.0202 -0.0979 37  ASN A ND2 
299 N  N   . ALA A 38  ? 0.2893 0.2238 0.3079 -0.0220 -0.0029 -0.0478 38  ALA A N   
300 C  CA  . ALA A 38  ? 0.2796 0.2155 0.2902 -0.0185 0.0022  -0.0426 38  ALA A CA  
301 C  C   . ALA A 38  ? 0.2801 0.2098 0.3090 -0.0153 0.0022  -0.0459 38  ALA A C   
302 O  O   . ALA A 38  ? 0.2862 0.2078 0.3368 -0.0160 -0.0029 -0.0442 38  ALA A O   
303 C  CB  . ALA A 38  ? 0.2607 0.1982 0.2649 -0.0190 0.0025  -0.0274 38  ALA A CB  
304 N  N   . LYS A 39  ? 0.2895 0.2233 0.3126 -0.0122 0.0071  -0.0497 39  LYS A N   
305 C  CA  . LYS A 39  ? 0.3102 0.2398 0.3518 -0.0085 0.0071  -0.0511 39  LYS A CA  
306 C  C   . LYS A 39  ? 0.2864 0.2151 0.3285 -0.0091 0.0057  -0.0335 39  LYS A C   
307 O  O   . LYS A 39  ? 0.2918 0.2262 0.3160 -0.0100 0.0086  -0.0275 39  LYS A O   
308 C  CB  . LYS A 39  ? 0.3351 0.2737 0.3697 -0.0055 0.0134  -0.0601 39  LYS A CB  
309 C  CG  . LYS A 39  ? 0.4112 0.3595 0.4412 -0.0049 0.0164  -0.0784 39  LYS A CG  
310 C  CD  . LYS A 39  ? 0.4886 0.4512 0.5110 -0.0028 0.0236  -0.0833 39  LYS A CD  
311 C  CE  . LYS A 39  ? 0.5498 0.5167 0.5931 0.0027  0.0255  -0.1013 39  LYS A CE  
312 N  NZ  . LYS A 39  ? 0.5586 0.5349 0.6011 0.0023  0.0258  -0.1215 39  LYS A NZ  
313 N  N   . LEU A 40  ? 0.2589 0.1828 0.3224 -0.0087 0.0009  -0.0253 40  LEU A N   
314 C  CA  . LEU A 40  ? 0.2524 0.1821 0.3146 -0.0102 -0.0008 -0.0077 40  LEU A CA  
315 C  C   . LEU A 40  ? 0.2575 0.1899 0.3278 -0.0069 0.0000  -0.0059 40  LEU A C   
316 O  O   . LEU A 40  ? 0.2536 0.1811 0.3492 -0.0046 -0.0039 -0.0043 40  LEU A O   
317 C  CB  . LEU A 40  ? 0.2603 0.1888 0.3400 -0.0139 -0.0077 0.0065  40  LEU A CB  
318 C  CG  . LEU A 40  ? 0.2443 0.1706 0.3209 -0.0179 -0.0094 0.0051  40  LEU A CG  
319 C  CD1 . LEU A 40  ? 0.2790 0.2061 0.3786 -0.0226 -0.0169 0.0225  40  LEU A CD1 
320 C  CD2 . LEU A 40  ? 0.2315 0.1669 0.2806 -0.0189 -0.0050 0.0050  40  LEU A CD2 
321 N  N   . ILE A 41  ? 0.2350 0.1750 0.2876 -0.0064 0.0044  -0.0064 41  ILE A N   
322 C  CA  . ILE A 41  ? 0.2520 0.1966 0.3115 -0.0035 0.0055  -0.0057 41  ILE A CA  
323 C  C   . ILE A 41  ? 0.2362 0.1913 0.2827 -0.0058 0.0053  0.0032  41  ILE A C   
324 O  O   . ILE A 41  ? 0.2509 0.2083 0.2809 -0.0065 0.0092  -0.0022 41  ILE A O   
325 C  CB  . ILE A 41  ? 0.2435 0.1890 0.2981 -0.0008 0.0115  -0.0195 41  ILE A CB  
326 C  CG1 . ILE A 41  ? 0.2732 0.2132 0.3376 0.0015  0.0126  -0.0337 41  ILE A CG1 
327 C  CG2 . ILE A 41  ? 0.2487 0.2008 0.3152 0.0019  0.0119  -0.0172 41  ILE A CG2 
328 C  CD1 . ILE A 41  ? 0.2704 0.2186 0.3269 0.0033  0.0195  -0.0475 41  ILE A CD1 
329 N  N   . PRO A 42  ? 0.2365 0.1999 0.2919 -0.0073 0.0003  0.0168  42  PRO A N   
330 C  CA  . PRO A 42  ? 0.2260 0.2040 0.2673 -0.0098 0.0000  0.0221  42  PRO A CA  
331 C  C   . PRO A 42  ? 0.2331 0.2144 0.2698 -0.0085 0.0026  0.0153  42  PRO A C   
332 O  O   . PRO A 42  ? 0.2119 0.1901 0.2616 -0.0057 0.0031  0.0131  42  PRO A O   
333 C  CB  . PRO A 42  ? 0.2330 0.2243 0.2873 -0.0120 -0.0063 0.0394  42  PRO A CB  
334 C  CG  . PRO A 42  ? 0.2416 0.2223 0.3135 -0.0122 -0.0096 0.0450  42  PRO A CG  
335 C  CD  . PRO A 42  ? 0.2433 0.2052 0.3207 -0.0080 -0.0061 0.0289  42  PRO A CD  
336 N  N   . MSE A 43  ? 0.2472 0.2355 0.2686 -0.0103 0.0042  0.0113  43  MSE A N   
337 C  CA  . MSE A 43  ? 0.2824 0.2714 0.3005 -0.0103 0.0065  0.0039  43  MSE A CA  
338 C  C   . MSE A 43  ? 0.2860 0.2836 0.3167 -0.0097 0.0039  0.0087  43  MSE A C   
339 O  O   . MSE A 43  ? 0.2880 0.2822 0.3244 -0.0083 0.0066  0.0039  43  MSE A O   
340 C  CB  . MSE A 43  ? 0.2895 0.2861 0.2953 -0.0126 0.0061  -0.0010 43  MSE A CB  
341 C  CG  . MSE A 43  ? 0.3482 0.3469 0.3557 -0.0138 0.0064  -0.0068 43  MSE A CG  
342 SE SE  . MSE A 43  ? 0.5504 0.5555 0.5492 -0.0160 0.0050  -0.0180 43  MSE A SE  
343 C  CE  . MSE A 43  ? 0.4361 0.4702 0.4317 -0.0174 -0.0002 -0.0131 43  MSE A CE  
344 N  N   . ASP A 44  ? 0.2923 0.3041 0.3277 -0.0110 -0.0014 0.0192  44  ASP A N   
345 C  CA  . ASP A 44  ? 0.3117 0.3344 0.3612 -0.0104 -0.0052 0.0258  44  ASP A CA  
346 C  C   . ASP A 44  ? 0.2951 0.3079 0.3659 -0.0060 -0.0050 0.0282  44  ASP A C   
347 O  O   . ASP A 44  ? 0.3028 0.3233 0.3877 -0.0045 -0.0075 0.0321  44  ASP A O   
348 C  CB  . ASP A 44  ? 0.3342 0.3796 0.3843 -0.0137 -0.0120 0.0395  44  ASP A CB  
349 C  CG  . ASP A 44  ? 0.4064 0.4524 0.4682 -0.0138 -0.0158 0.0552  44  ASP A CG  
350 O  OD1 . ASP A 44  ? 0.4888 0.5173 0.5531 -0.0122 -0.0134 0.0525  44  ASP A OD1 
351 O  OD2 . ASP A 44  ? 0.5303 0.5967 0.5997 -0.0164 -0.0224 0.0716  44  ASP A OD2 
352 N  N   . THR A 45  ? 0.2877 0.2850 0.3628 -0.0036 -0.0026 0.0242  45  THR A N   
353 C  CA  . THR A 45  ? 0.2750 0.2627 0.3715 0.0016  -0.0016 0.0201  45  THR A CA  
354 C  C   . THR A 45  ? 0.2675 0.2481 0.3574 0.0037  0.0063  0.0037  45  THR A C   
355 O  O   . THR A 45  ? 0.2853 0.2622 0.3920 0.0086  0.0083  -0.0040 45  THR A O   
356 C  CB  . THR A 45  ? 0.2934 0.2706 0.4047 0.0027  -0.0052 0.0247  45  THR A CB  
357 O  OG1 . THR A 45  ? 0.2676 0.2342 0.3631 0.0015  -0.0010 0.0144  45  THR A OG1 
358 C  CG2 . THR A 45  ? 0.2982 0.2862 0.4158 -0.0013 -0.0133 0.0457  45  THR A CG2 
359 N  N   . ILE A 46  ? 0.2522 0.2329 0.3199 0.0003  0.0104  -0.0017 46  ILE A N   
360 C  CA  . ILE A 46  ? 0.2484 0.2266 0.3086 0.0007  0.0171  -0.0130 46  ILE A CA  
361 C  C   . ILE A 46  ? 0.2527 0.2398 0.3256 0.0034  0.0208  -0.0178 46  ILE A C   
362 O  O   . ILE A 46  ? 0.2479 0.2363 0.3254 0.0063  0.0258  -0.0278 46  ILE A O   
363 C  CB  . ILE A 46  ? 0.2581 0.2358 0.2972 -0.0040 0.0191  -0.0137 46  ILE A CB  
364 C  CG1 . ILE A 46  ? 0.2530 0.2224 0.2805 -0.0053 0.0181  -0.0136 46  ILE A CG1 
365 C  CG2 . ILE A 46  ? 0.2557 0.2378 0.2911 -0.0053 0.0250  -0.0193 46  ILE A CG2 
366 C  CD1 . ILE A 46  ? 0.2760 0.2401 0.3007 -0.0041 0.0215  -0.0209 46  ILE A CD1 
367 N  N   . PRO A 47  ? 0.2401 0.2365 0.3196 0.0024  0.0182  -0.0116 47  PRO A N   
368 C  CA  . PRO A 47  ? 0.2663 0.2732 0.3601 0.0051  0.0218  -0.0158 47  PRO A CA  
369 C  C   . PRO A 47  ? 0.2806 0.2874 0.3992 0.0125  0.0217  -0.0203 47  PRO A C   
370 O  O   . PRO A 47  ? 0.2993 0.3160 0.4302 0.0161  0.0266  -0.0280 47  PRO A O   
371 C  CB  . PRO A 47  ? 0.2625 0.2796 0.3596 0.0019  0.0171  -0.0073 47  PRO A CB  
372 C  CG  . PRO A 47  ? 0.2540 0.2667 0.3308 -0.0037 0.0139  -0.0039 47  PRO A CG  
373 C  CD  . PRO A 47  ? 0.2426 0.2441 0.3140 -0.0020 0.0130  -0.0034 47  PRO A CD  
374 N  N   . ASP A 48  ? 0.2998 0.2966 0.4285 0.0149  0.0160  -0.0158 48  ASP A N   
375 C  CA  . ASP A 48  ? 0.3211 0.3138 0.4796 0.0223  0.0144  -0.0211 48  ASP A CA  
376 C  C   . ASP A 48  ? 0.3213 0.3053 0.4787 0.0248  0.0185  -0.0368 48  ASP A C   
377 O  O   . ASP A 48  ? 0.3306 0.3087 0.5141 0.0309  0.0165  -0.0447 48  ASP A O   
378 C  CB  . ASP A 48  ? 0.3288 0.3166 0.5057 0.0227  0.0042  -0.0045 48  ASP A CB  
379 C  CG  . ASP A 48  ? 0.3661 0.3679 0.5473 0.0207  -0.0007 0.0101  48  ASP A CG  
380 O  OD1 . ASP A 48  ? 0.4405 0.4528 0.6328 0.0239  0.0020  0.0057  48  ASP A OD1 
381 O  OD2 . ASP A 48  ? 0.3987 0.4046 0.5722 0.0159  -0.0071 0.0252  48  ASP A OD2 
382 N  N   . ASN A 49  ? 0.3222 0.3060 0.4515 0.0200  0.0235  -0.0418 49  ASN A N   
383 C  CA  . ASN A 49  ? 0.3338 0.3116 0.4579 0.0206  0.0260  -0.0549 49  ASN A CA  
384 C  C   . ASN A 49  ? 0.3379 0.3286 0.4409 0.0183  0.0347  -0.0658 49  ASN A C   
385 O  O   . ASN A 49  ? 0.3479 0.3368 0.4366 0.0161  0.0363  -0.0725 49  ASN A O   
386 C  CB  . ASN A 49  ? 0.3260 0.2903 0.4394 0.0162  0.0201  -0.0450 49  ASN A CB  
387 C  CG  . ASN A 49  ? 0.3405 0.2946 0.4805 0.0184  0.0116  -0.0359 49  ASN A CG  
388 O  OD1 . ASN A 49  ? 0.3630 0.3092 0.5247 0.0224  0.0097  -0.0459 49  ASN A OD1 
389 N  ND2 . ASN A 49  ? 0.3261 0.2821 0.4665 0.0155  0.0059  -0.0170 49  ASN A ND2 
390 N  N   . LEU A 50  ? 0.3370 0.3434 0.4396 0.0183  0.0399  -0.0661 50  LEU A N   
391 C  CA  . LEU A 50  ? 0.3509 0.3745 0.4357 0.0150  0.0481  -0.0726 50  LEU A CA  
392 C  C   . LEU A 50  ? 0.3753 0.4076 0.4628 0.0188  0.0525  -0.0924 50  LEU A C   
393 O  O   . LEU A 50  ? 0.3663 0.4094 0.4333 0.0144  0.0566  -0.0961 50  LEU A O   
394 C  CB  . LEU A 50  ? 0.3513 0.3937 0.4415 0.0143  0.0530  -0.0696 50  LEU A CB  
395 C  CG  . LEU A 50  ? 0.3267 0.3648 0.4097 0.0082  0.0492  -0.0524 50  LEU A CG  
396 C  CD1 . LEU A 50  ? 0.3510 0.4090 0.4442 0.0074  0.0536  -0.0504 50  LEU A CD1 
397 C  CD2 . LEU A 50  ? 0.3286 0.3604 0.3872 0.0008  0.0486  -0.0450 50  LEU A CD2 
398 N  N   . ASN A 51  ? 0.3924 0.4204 0.5071 0.0267  0.0506  -0.1051 51  ASN A N   
399 C  CA  . ASN A 51  ? 0.4302 0.4651 0.5527 0.0311  0.0534  -0.1284 51  ASN A CA  
400 C  C   . ASN A 51  ? 0.4323 0.4564 0.5385 0.0268  0.0500  -0.1310 51  ASN A C   
401 O  O   . ASN A 51  ? 0.4337 0.4701 0.5367 0.0278  0.0533  -0.1500 51  ASN A O   
402 C  CB  . ASN A 51  ? 0.4475 0.4747 0.6096 0.0409  0.0499  -0.1417 51  ASN A CB  
403 C  CG  . ASN A 51  ? 0.4950 0.5403 0.6763 0.0469  0.0552  -0.1463 51  ASN A CG  
404 O  OD1 . ASN A 51  ? 0.5555 0.6229 0.7194 0.0433  0.0627  -0.1427 51  ASN A OD1 
405 N  ND2 . ASN A 51  ? 0.5526 0.5892 0.7733 0.0559  0.0505  -0.1526 51  ASN A ND2 
406 N  N   . SER A 52  ? 0.4236 0.4279 0.5196 0.0219  0.0434  -0.1128 52  SER A N   
407 C  CA  . SER A 52  ? 0.4272 0.4237 0.5076 0.0174  0.0403  -0.1135 52  SER A CA  
408 C  C   . SER A 52  ? 0.4255 0.4392 0.4753 0.0113  0.0456  -0.1119 52  SER A C   
409 O  O   . SER A 52  ? 0.4242 0.4372 0.4611 0.0078  0.0437  -0.1152 52  SER A O   
410 C  CB  . SER A 52  ? 0.4173 0.3923 0.4969 0.0141  0.0325  -0.0944 52  SER A CB  
411 O  OG  . SER A 52  ? 0.4363 0.3976 0.5461 0.0188  0.0262  -0.0934 52  SER A OG  
412 N  N   . PHE A 53  ? 0.4230 0.4525 0.4630 0.0091  0.0512  -0.1044 53  PHE A N   
413 C  CA  . PHE A 53  ? 0.4227 0.4686 0.4376 0.0023  0.0549  -0.0973 53  PHE A CA  
414 C  C   . PHE A 53  ? 0.4440 0.5224 0.4569 0.0030  0.0634  -0.1106 53  PHE A C   
415 O  O   . PHE A 53  ? 0.4404 0.5281 0.4699 0.0080  0.0674  -0.1189 53  PHE A O   
416 C  CB  . PHE A 53  ? 0.4015 0.4418 0.4094 -0.0024 0.0539  -0.0761 53  PHE A CB  
417 C  CG  . PHE A 53  ? 0.3608 0.3753 0.3704 -0.0028 0.0465  -0.0651 53  PHE A CG  
418 C  CD1 . PHE A 53  ? 0.3156 0.3181 0.3425 0.0013  0.0431  -0.0631 53  PHE A CD1 
419 C  CD2 . PHE A 53  ? 0.3216 0.3277 0.3168 -0.0070 0.0430  -0.0561 53  PHE A CD2 
420 C  CE1 . PHE A 53  ? 0.3008 0.2862 0.3278 0.0002  0.0367  -0.0526 53  PHE A CE1 
421 C  CE2 . PHE A 53  ? 0.3019 0.2891 0.2988 -0.0071 0.0370  -0.0477 53  PHE A CE2 
422 C  CZ  . PHE A 53  ? 0.2663 0.2449 0.2775 -0.0038 0.0343  -0.0460 53  PHE A CZ  
423 N  N   . ASN A 54  ? 0.4696 0.5685 0.4630 -0.0021 0.0659  -0.1123 54  ASN A N   
424 C  CA  . ASN A 54  ? 0.5080 0.6455 0.4953 -0.0035 0.0747  -0.1202 54  ASN A CA  
425 C  C   . ASN A 54  ? 0.5159 0.6713 0.4824 -0.0131 0.0762  -0.0984 54  ASN A C   
426 O  O   . ASN A 54  ? 0.5074 0.6459 0.4638 -0.0180 0.0702  -0.0819 54  ASN A O   
427 C  CB  . ASN A 54  ? 0.5352 0.6926 0.5228 0.0000  0.0773  -0.1478 54  ASN A CB  
428 C  CG  . ASN A 54  ? 0.5671 0.7211 0.5380 -0.0046 0.0718  -0.1476 54  ASN A CG  
429 O  OD1 . ASN A 54  ? 0.6252 0.7947 0.5747 -0.0125 0.0720  -0.1312 54  ASN A OD1 
430 N  ND2 . ASN A 54  ? 0.5893 0.7240 0.5725 -0.0002 0.0663  -0.1649 54  ASN A ND2 
431 N  N   . LYS A 55  ? 0.5320 0.7238 0.4954 -0.0158 0.0842  -0.0979 55  LYS A N   
432 C  CA  . LYS A 55  ? 0.5415 0.7507 0.4926 -0.0257 0.0853  -0.0723 55  LYS A CA  
433 C  C   . LYS A 55  ? 0.5500 0.7823 0.4799 -0.0325 0.0844  -0.0669 55  LYS A C   
434 O  O   . LYS A 55  ? 0.5592 0.8084 0.4805 -0.0415 0.0842  -0.0433 55  LYS A O   
435 C  CB  . LYS A 55  ? 0.5503 0.7928 0.5085 -0.0273 0.0942  -0.0702 55  LYS A CB  
436 C  CG  . LYS A 55  ? 0.5594 0.7800 0.5398 -0.0217 0.0940  -0.0708 55  LYS A CG  
437 C  CD  . LYS A 55  ? 0.5816 0.8282 0.5695 -0.0270 0.0999  -0.0566 55  LYS A CD  
438 C  CE  . LYS A 55  ? 0.5933 0.8127 0.6021 -0.0232 0.0964  -0.0524 55  LYS A CE  
439 N  NZ  . LYS A 55  ? 0.6071 0.8470 0.6259 -0.0294 0.1003  -0.0370 55  LYS A NZ  
440 N  N   . ASN A 56  ? 0.5538 0.7867 0.4779 -0.0288 0.0827  -0.0875 56  ASN A N   
441 C  CA  . ASN A 56  ? 0.5637 0.8217 0.4672 -0.0352 0.0810  -0.0849 56  ASN A CA  
442 C  C   . ASN A 56  ? 0.5389 0.7666 0.4365 -0.0380 0.0710  -0.0705 56  ASN A C   
443 O  O   . ASN A 56  ? 0.5453 0.7934 0.4272 -0.0448 0.0682  -0.0589 56  ASN A O   
444 C  CB  . ASN A 56  ? 0.5904 0.8729 0.4913 -0.0304 0.0846  -0.1190 56  ASN A CB  
445 C  CG  . ASN A 56  ? 0.6314 0.9610 0.5327 -0.0294 0.0957  -0.1336 56  ASN A CG  
446 O  OD1 . ASN A 56  ? 0.6783 1.0210 0.5838 -0.0321 0.1010  -0.1175 56  ASN A OD1 
447 N  ND2 . ASN A 56  ? 0.6947 1.0526 0.5937 -0.0255 0.0993  -0.1658 56  ASN A ND2 
448 N  N   . GLU A 57  ? 0.4958 0.6789 0.4062 -0.0327 0.0654  -0.0707 57  GLU A N   
449 C  CA  . GLU A 57  ? 0.4781 0.6348 0.3848 -0.0339 0.0569  -0.0617 57  GLU A CA  
450 C  C   . GLU A 57  ? 0.4380 0.5680 0.3510 -0.0358 0.0525  -0.0375 57  GLU A C   
451 O  O   . GLU A 57  ? 0.4209 0.5447 0.3437 -0.0352 0.0550  -0.0308 57  GLU A O   
452 C  CB  . GLU A 57  ? 0.4852 0.6153 0.4025 -0.0270 0.0532  -0.0816 57  GLU A CB  
453 C  CG  . GLU A 57  ? 0.5501 0.6967 0.4732 -0.0221 0.0573  -0.1111 57  GLU A CG  
454 C  CD  . GLU A 57  ? 0.6340 0.7697 0.5600 -0.0204 0.0514  -0.1287 57  GLU A CD  
455 O  OE1 . GLU A 57  ? 0.6338 0.7563 0.5523 -0.0241 0.0447  -0.1162 57  GLU A OE1 
456 O  OE2 . GLU A 57  ? 0.6628 0.8046 0.6014 -0.0152 0.0533  -0.1557 57  GLU A OE2 
457 N  N   . ILE A 58  ? 0.4064 0.5217 0.3152 -0.0380 0.0455  -0.0262 58  ILE A N   
458 C  CA  . ILE A 58  ? 0.3869 0.4753 0.3042 -0.0382 0.0405  -0.0088 58  ILE A CA  
459 C  C   . ILE A 58  ? 0.3618 0.4199 0.2865 -0.0320 0.0371  -0.0195 58  ILE A C   
460 O  O   . ILE A 58  ? 0.3488 0.4054 0.2696 -0.0305 0.0348  -0.0307 58  ILE A O   
461 C  CB  . ILE A 58  ? 0.3998 0.4919 0.3123 -0.0435 0.0347  0.0104  58  ILE A CB  
462 C  CG1 . ILE A 58  ? 0.4403 0.5661 0.3465 -0.0511 0.0368  0.0263  58  ILE A CG1 
463 C  CG2 . ILE A 58  ? 0.3967 0.4600 0.3223 -0.0422 0.0296  0.0233  58  ILE A CG2 
464 C  CD1 . ILE A 58  ? 0.4890 0.6135 0.3997 -0.0565 0.0293  0.0531  58  ILE A CD1 
465 N  N   . TYR A 59  ? 0.3281 0.3646 0.2640 -0.0294 0.0362  -0.0156 59  TYR A N   
466 C  CA  . TYR A 59  ? 0.2966 0.3096 0.2399 -0.0244 0.0331  -0.0227 59  TYR A CA  
467 C  C   . TYR A 59  ? 0.2870 0.2831 0.2336 -0.0246 0.0282  -0.0113 59  TYR A C   
468 O  O   . TYR A 59  ? 0.2712 0.2641 0.2233 -0.0262 0.0278  -0.0018 59  TYR A O   
469 C  CB  . TYR A 59  ? 0.2998 0.3071 0.2540 -0.0206 0.0360  -0.0302 59  TYR A CB  
470 C  CG  . TYR A 59  ? 0.3207 0.3423 0.2768 -0.0182 0.0404  -0.0459 59  TYR A CG  
471 C  CD1 . TYR A 59  ? 0.3352 0.3489 0.2976 -0.0144 0.0382  -0.0598 59  TYR A CD1 
472 C  CD2 . TYR A 59  ? 0.3177 0.3620 0.2718 -0.0198 0.0464  -0.0476 59  TYR A CD2 
473 C  CE1 . TYR A 59  ? 0.3595 0.3862 0.3283 -0.0114 0.0418  -0.0782 59  TYR A CE1 
474 C  CE2 . TYR A 59  ? 0.3599 0.4214 0.3172 -0.0167 0.0511  -0.0659 59  TYR A CE2 
475 C  CZ  . TYR A 59  ? 0.3671 0.4185 0.3325 -0.0120 0.0486  -0.0826 59  TYR A CZ  
476 O  OH  . TYR A 59  ? 0.4150 0.4826 0.3881 -0.0080 0.0527  -0.1040 59  TYR A OH  
477 N  N   . TYR A 60  ? 0.2634 0.2501 0.2088 -0.0230 0.0243  -0.0131 60  TYR A N   
478 C  CA  . TYR A 60  ? 0.2588 0.2332 0.2085 -0.0223 0.0201  -0.0049 60  TYR A CA  
479 C  C   . TYR A 60  ? 0.2511 0.2132 0.2076 -0.0186 0.0197  -0.0101 60  TYR A C   
480 O  O   . TYR A 60  ? 0.2641 0.2237 0.2214 -0.0172 0.0190  -0.0162 60  TYR A O   
481 C  CB  . TYR A 60  ? 0.2569 0.2336 0.2019 -0.0231 0.0162  -0.0026 60  TYR A CB  
482 C  CG  . TYR A 60  ? 0.2781 0.2710 0.2165 -0.0275 0.0156  0.0058  60  TYR A CG  
483 C  CD1 . TYR A 60  ? 0.2803 0.2735 0.2245 -0.0294 0.0129  0.0205  60  TYR A CD1 
484 C  CD2 . TYR A 60  ? 0.2907 0.3014 0.2187 -0.0301 0.0172  -0.0006 60  TYR A CD2 
485 C  CE1 . TYR A 60  ? 0.2778 0.2891 0.2175 -0.0344 0.0116  0.0324  60  TYR A CE1 
486 C  CE2 . TYR A 60  ? 0.2912 0.3237 0.2112 -0.0351 0.0166  0.0087  60  TYR A CE2 
487 C  CZ  . TYR A 60  ? 0.3082 0.3410 0.2340 -0.0375 0.0136  0.0273  60  TYR A CZ  
488 O  OH  . TYR A 60  ? 0.3472 0.4044 0.2669 -0.0435 0.0121  0.0413  60  TYR A OH  
489 N  N   . ILE A 61  ? 0.2508 0.2070 0.2137 -0.0179 0.0192  -0.0069 61  ILE A N   
490 C  CA  . ILE A 61  ? 0.2324 0.1835 0.2005 -0.0154 0.0190  -0.0108 61  ILE A CA  
491 C  C   . ILE A 61  ? 0.2354 0.1830 0.2057 -0.0135 0.0161  -0.0103 61  ILE A C   
492 O  O   . ILE A 61  ? 0.2362 0.1816 0.2105 -0.0134 0.0143  -0.0082 61  ILE A O   
493 C  CB  . ILE A 61  ? 0.2290 0.1810 0.2029 -0.0161 0.0204  -0.0105 61  ILE A CB  
494 C  CG1 . ILE A 61  ? 0.2466 0.2068 0.2196 -0.0182 0.0241  -0.0098 61  ILE A CG1 
495 C  CG2 . ILE A 61  ? 0.2053 0.1571 0.1836 -0.0139 0.0198  -0.0139 61  ILE A CG2 
496 C  CD1 . ILE A 61  ? 0.2398 0.2049 0.2125 -0.0161 0.0269  -0.0176 61  ILE A CD1 
497 N  N   . VAL A 62  ? 0.2354 0.1841 0.2057 -0.0123 0.0153  -0.0121 62  VAL A N   
498 C  CA  . VAL A 62  ? 0.2513 0.2027 0.2229 -0.0107 0.0135  -0.0118 62  VAL A CA  
499 C  C   . VAL A 62  ? 0.2553 0.2134 0.2294 -0.0102 0.0132  -0.0123 62  VAL A C   
500 O  O   . VAL A 62  ? 0.2451 0.2040 0.2217 -0.0110 0.0130  -0.0099 62  VAL A O   
501 C  CB  . VAL A 62  ? 0.2623 0.2148 0.2319 -0.0113 0.0121  -0.0098 62  VAL A CB  
502 C  CG1 . VAL A 62  ? 0.2860 0.2389 0.2581 -0.0127 0.0114  -0.0092 62  VAL A CG1 
503 C  CG2 . VAL A 62  ? 0.2941 0.2527 0.2661 -0.0093 0.0110  -0.0097 62  VAL A CG2 
504 N  N   A CYS A 63  ? 0.2500 0.2153 0.2252 -0.0086 0.0127  -0.0154 63  CYS A N   
505 N  N   B CYS A 63  ? 0.2727 0.2378 0.2480 -0.0087 0.0126  -0.0155 63  CYS A N   
506 C  CA  A CYS A 63  ? 0.2442 0.2234 0.2196 -0.0088 0.0121  -0.0153 63  CYS A CA  
507 C  CA  B CYS A 63  ? 0.2891 0.2682 0.2646 -0.0087 0.0121  -0.0157 63  CYS A CA  
508 C  C   A CYS A 63  ? 0.2578 0.2497 0.2328 -0.0071 0.0122  -0.0179 63  CYS A C   
509 C  C   B CYS A 63  ? 0.2800 0.2718 0.2548 -0.0072 0.0122  -0.0177 63  CYS A C   
510 O  O   A CYS A 63  ? 0.2530 0.2404 0.2288 -0.0061 0.0123  -0.0173 63  CYS A O   
511 O  O   B CYS A 63  ? 0.2746 0.2624 0.2501 -0.0064 0.0123  -0.0165 63  CYS A O   
512 C  CB  A CYS A 63  ? 0.2424 0.2245 0.2196 -0.0088 0.0117  -0.0206 63  CYS A CB  
513 C  CB  B CYS A 63  ? 0.2950 0.2769 0.2725 -0.0085 0.0116  -0.0220 63  CYS A CB  
514 S  SG  A CYS A 63  ? 0.1943 0.1749 0.1769 -0.0066 0.0109  -0.0325 63  CYS A SG  
515 S  SG  B CYS A 63  ? 0.4039 0.4080 0.3798 -0.0098 0.0102  -0.0202 63  CYS A SG  
516 N  N   . ALA A 64  ? 0.2661 0.2771 0.2401 -0.0069 0.0122  -0.0209 64  ALA A N   
517 C  CA  . ALA A 64  ? 0.2850 0.3148 0.2587 -0.0053 0.0134  -0.0239 64  ALA A CA  
518 C  C   . ALA A 64  ? 0.3055 0.3291 0.2852 -0.0006 0.0139  -0.0363 64  ALA A C   
519 O  O   . ALA A 64  ? 0.2910 0.3191 0.2739 0.0018  0.0147  -0.0375 64  ALA A O   
520 C  CB  . ALA A 64  ? 0.2733 0.3327 0.2433 -0.0066 0.0136  -0.0253 64  ALA A CB  
521 N  N   . GLY A 65  ? 0.3212 0.3342 0.3057 0.0006  0.0126  -0.0448 65  GLY A N   
522 C  CA  . GLY A 65  ? 0.3531 0.3623 0.3490 0.0051  0.0118  -0.0573 65  GLY A CA  
523 C  C   . GLY A 65  ? 0.3756 0.3625 0.3812 0.0047  0.0092  -0.0577 65  GLY A C   
524 O  O   . GLY A 65  ? 0.4077 0.3897 0.4284 0.0082  0.0071  -0.0680 65  GLY A O   
525 N  N   . GLY A 66  ? 0.3831 0.3585 0.3826 0.0005  0.0092  -0.0472 66  GLY A N   
526 C  CA  . GLY A 66  ? 0.3981 0.3562 0.4059 -0.0013 0.0072  -0.0437 66  GLY A CA  
527 C  C   . GLY A 66  ? 0.4135 0.3701 0.4272 -0.0036 0.0057  -0.0493 66  GLY A C   
528 O  O   . GLY A 66  ? 0.4379 0.3821 0.4610 -0.0060 0.0039  -0.0445 66  GLY A O   
529 N  N   . VAL A 67  ? 0.4043 0.3758 0.4136 -0.0037 0.0059  -0.0576 67  VAL A N   
530 C  CA  . VAL A 67  ? 0.4040 0.3778 0.4194 -0.0062 0.0035  -0.0648 67  VAL A CA  
531 C  C   . VAL A 67  ? 0.3800 0.3546 0.3874 -0.0102 0.0047  -0.0542 67  VAL A C   
532 O  O   . VAL A 67  ? 0.3664 0.3315 0.3805 -0.0131 0.0039  -0.0505 67  VAL A O   
533 C  CB  . VAL A 67  ? 0.4105 0.4059 0.4251 -0.0045 0.0023  -0.0807 67  VAL A CB  
534 C  CG1 . VAL A 67  ? 0.4244 0.4230 0.4476 -0.0076 -0.0014 -0.0906 67  VAL A CG1 
535 C  CG2 . VAL A 67  ? 0.4179 0.4172 0.4419 0.0011  0.0022  -0.0942 67  VAL A CG2 
536 N  N   . ARG A 68  ? 0.3757 0.3626 0.3714 -0.0103 0.0063  -0.0485 68  ARG A N   
537 C  CA  . ARG A 68  ? 0.3755 0.3621 0.3683 -0.0127 0.0071  -0.0387 68  ARG A CA  
538 C  C   . ARG A 68  ? 0.3545 0.3244 0.3486 -0.0134 0.0096  -0.0312 68  ARG A C   
539 O  O   . ARG A 68  ? 0.3442 0.3116 0.3416 -0.0153 0.0103  -0.0274 68  ARG A O   
540 C  CB  . ARG A 68  ? 0.3891 0.3880 0.3746 -0.0124 0.0075  -0.0306 68  ARG A CB  
541 C  CG  . ARG A 68  ? 0.4314 0.4550 0.4138 -0.0134 0.0049  -0.0333 68  ARG A CG  
542 C  CD  . ARG A 68  ? 0.4651 0.5022 0.4432 -0.0141 0.0046  -0.0206 68  ARG A CD  
543 N  NE  . ARG A 68  ? 0.5194 0.5610 0.4931 -0.0127 0.0065  -0.0218 68  ARG A NE  
544 C  CZ  . ARG A 68  ? 0.5017 0.5532 0.4739 -0.0139 0.0065  -0.0104 68  ARG A CZ  
545 N  NH1 . ARG A 68  ? 0.5043 0.5609 0.4739 -0.0126 0.0085  -0.0127 68  ARG A NH1 
546 N  NH2 . ARG A 68  ? 0.4566 0.5126 0.4333 -0.0165 0.0040  0.0044  68  ARG A NH2 
547 N  N   . SER A 69  ? 0.3270 0.2897 0.3189 -0.0119 0.0106  -0.0291 69  SER A N   
548 C  CA  . SER A 69  ? 0.3087 0.2623 0.2988 -0.0130 0.0127  -0.0221 69  SER A CA  
549 C  C   . SER A 69  ? 0.2941 0.2423 0.2927 -0.0159 0.0124  -0.0203 69  SER A C   
550 O  O   . SER A 69  ? 0.2958 0.2445 0.2930 -0.0180 0.0150  -0.0148 69  SER A O   
551 C  CB  . SER A 69  ? 0.3070 0.2570 0.2930 -0.0115 0.0130  -0.0197 69  SER A CB  
552 O  OG  . SER A 69  ? 0.2952 0.2430 0.2881 -0.0097 0.0107  -0.0241 69  SER A OG  
553 N  N   . ALA A 70  ? 0.2654 0.2099 0.2746 -0.0161 0.0091  -0.0253 70  ALA A N   
554 C  CA  . ALA A 70  ? 0.2731 0.2118 0.2955 -0.0200 0.0073  -0.0216 70  ALA A CA  
555 C  C   . ALA A 70  ? 0.2808 0.2254 0.3053 -0.0234 0.0082  -0.0208 70  ALA A C   
556 O  O   . ALA A 70  ? 0.2617 0.2060 0.2927 -0.0275 0.0091  -0.0127 70  ALA A O   
557 C  CB  . ALA A 70  ? 0.2880 0.2200 0.3278 -0.0194 0.0020  -0.0296 70  ALA A CB  
558 N  N   . LYS A 71  ? 0.2792 0.2322 0.2995 -0.0218 0.0079  -0.0276 71  LYS A N   
559 C  CA  . LYS A 71  ? 0.2949 0.2555 0.3184 -0.0242 0.0080  -0.0269 71  LYS A CA  
560 C  C   . LYS A 71  ? 0.2663 0.2300 0.2837 -0.0238 0.0130  -0.0188 71  LYS A C   
561 O  O   . LYS A 71  ? 0.2579 0.2260 0.2815 -0.0265 0.0149  -0.0149 71  LYS A O   
562 C  CB  . LYS A 71  ? 0.2915 0.2640 0.3116 -0.0227 0.0055  -0.0343 71  LYS A CB  
563 C  CG  . LYS A 71  ? 0.3472 0.3228 0.3746 -0.0234 0.0005  -0.0471 71  LYS A CG  
564 C  CD  . LYS A 71  ? 0.4234 0.4187 0.4478 -0.0241 -0.0026 -0.0536 71  LYS A CD  
565 C  CE  . LYS A 71  ? 0.4910 0.5000 0.5015 -0.0209 -0.0015 -0.0515 71  LYS A CE  
566 N  NZ  . LYS A 71  ? 0.5213 0.5562 0.5275 -0.0221 -0.0055 -0.0566 71  LYS A NZ  
567 N  N   . VAL A 72  ? 0.2452 0.2079 0.2527 -0.0203 0.0152  -0.0178 72  VAL A N   
568 C  CA  . VAL A 72  ? 0.2382 0.2034 0.2425 -0.0192 0.0194  -0.0144 72  VAL A CA  
569 C  C   . VAL A 72  ? 0.2344 0.2001 0.2384 -0.0222 0.0225  -0.0097 72  VAL A C   
570 O  O   . VAL A 72  ? 0.2369 0.2110 0.2428 -0.0229 0.0264  -0.0083 72  VAL A O   
571 C  CB  . VAL A 72  ? 0.2386 0.2015 0.2356 -0.0157 0.0196  -0.0151 72  VAL A CB  
572 C  CG1 . VAL A 72  ? 0.2028 0.1680 0.1999 -0.0143 0.0236  -0.0157 72  VAL A CG1 
573 C  CG2 . VAL A 72  ? 0.2361 0.2038 0.2352 -0.0139 0.0166  -0.0153 72  VAL A CG2 
574 N  N   . VAL A 73  ? 0.2276 0.1873 0.2307 -0.0238 0.0207  -0.0064 73  VAL A N   
575 C  CA  . VAL A 73  ? 0.2384 0.2021 0.2427 -0.0280 0.0224  0.0023  73  VAL A CA  
576 C  C   . VAL A 73  ? 0.2439 0.2147 0.2595 -0.0327 0.0232  0.0070  73  VAL A C   
577 O  O   . VAL A 73  ? 0.2383 0.2224 0.2526 -0.0353 0.0278  0.0122  73  VAL A O   
578 C  CB  . VAL A 73  ? 0.2471 0.2024 0.2547 -0.0292 0.0183  0.0077  73  VAL A CB  
579 C  CG1 . VAL A 73  ? 0.2631 0.2253 0.2765 -0.0352 0.0185  0.0217  73  VAL A CG1 
580 C  CG2 . VAL A 73  ? 0.2079 0.1602 0.2038 -0.0250 0.0183  0.0044  73  VAL A CG2 
581 N  N   . GLU A 74  ? 0.2483 0.2131 0.2755 -0.0340 0.0189  0.0041  74  GLU A N   
582 C  CA  . GLU A 74  ? 0.2662 0.2378 0.3066 -0.0392 0.0187  0.0083  74  GLU A CA  
583 C  C   . GLU A 74  ? 0.2417 0.2274 0.2797 -0.0379 0.0239  0.0064  74  GLU A C   
584 O  O   . GLU A 74  ? 0.2541 0.2531 0.2976 -0.0421 0.0276  0.0135  74  GLU A O   
585 C  CB  . GLU A 74  ? 0.2891 0.2531 0.3422 -0.0403 0.0124  0.0009  74  GLU A CB  
586 C  CG  . GLU A 74  ? 0.3749 0.3257 0.4391 -0.0416 0.0067  0.0002  74  GLU A CG  
587 C  CD  . GLU A 74  ? 0.4753 0.4220 0.5545 -0.0429 0.0003  -0.0113 74  GLU A CD  
588 O  OE1 . GLU A 74  ? 0.5209 0.4746 0.6098 -0.0475 -0.0007 -0.0105 74  GLU A OE1 
589 O  OE2 . GLU A 74  ? 0.5582 0.4976 0.6396 -0.0393 -0.0035 -0.0224 74  GLU A OE2 
590 N  N   . TYR A 75  ? 0.2257 0.2105 0.2573 -0.0322 0.0241  -0.0019 75  TYR A N   
591 C  CA  . TYR A 75  ? 0.2168 0.2126 0.2505 -0.0292 0.0277  -0.0047 75  TYR A CA  
592 C  C   . TYR A 75  ? 0.2229 0.2292 0.2514 -0.0281 0.0345  -0.0038 75  TYR A C   
593 O  O   . TYR A 75  ? 0.2207 0.2426 0.2560 -0.0288 0.0391  -0.0031 75  TYR A O   
594 C  CB  . TYR A 75  ? 0.2190 0.2108 0.2499 -0.0238 0.0248  -0.0103 75  TYR A CB  
595 C  CG  . TYR A 75  ? 0.2108 0.2120 0.2485 -0.0195 0.0277  -0.0122 75  TYR A CG  
596 C  CD1 . TYR A 75  ? 0.2038 0.2148 0.2540 -0.0200 0.0263  -0.0112 75  TYR A CD1 
597 C  CD2 . TYR A 75  ? 0.2304 0.2316 0.2653 -0.0150 0.0315  -0.0159 75  TYR A CD2 
598 C  CE1 . TYR A 75  ? 0.2158 0.2356 0.2769 -0.0151 0.0288  -0.0129 75  TYR A CE1 
599 C  CE2 . TYR A 75  ? 0.2110 0.2200 0.2578 -0.0101 0.0339  -0.0199 75  TYR A CE2 
600 C  CZ  . TYR A 75  ? 0.2013 0.2196 0.2619 -0.0097 0.0326  -0.0178 75  TYR A CZ  
601 O  OH  . TYR A 75  ? 0.2179 0.2439 0.2942 -0.0039 0.0347  -0.0219 75  TYR A OH  
602 N  N   . LEU A 76  ? 0.2211 0.2224 0.2381 -0.0266 0.0353  -0.0047 76  LEU A N   
603 C  CA  . LEU A 76  ? 0.2318 0.2457 0.2423 -0.0256 0.0411  -0.0070 76  LEU A CA  
604 C  C   . LEU A 76  ? 0.2408 0.2718 0.2519 -0.0321 0.0448  0.0026  76  LEU A C   
605 O  O   . LEU A 76  ? 0.2365 0.2886 0.2477 -0.0321 0.0513  -0.0003 76  LEU A O   
606 C  CB  . LEU A 76  ? 0.2461 0.2515 0.2447 -0.0231 0.0399  -0.0106 76  LEU A CB  
607 C  CG  . LEU A 76  ? 0.2426 0.2367 0.2425 -0.0171 0.0374  -0.0189 76  LEU A CG  
608 C  CD1 . LEU A 76  ? 0.2493 0.2352 0.2389 -0.0165 0.0353  -0.0203 76  LEU A CD1 
609 C  CD2 . LEU A 76  ? 0.2199 0.2220 0.2290 -0.0122 0.0408  -0.0281 76  LEU A CD2 
610 N  N   A GLU A 77  ? 0.2435 0.2679 0.2574 -0.0380 0.0406  0.0139  77  GLU A N   
611 N  N   B GLU A 77  ? 0.2450 0.2689 0.2588 -0.0379 0.0405  0.0139  77  GLU A N   
612 C  CA  A GLU A 77  ? 0.2516 0.2931 0.2699 -0.0458 0.0428  0.0276  77  GLU A CA  
613 C  CA  B GLU A 77  ? 0.2548 0.2942 0.2747 -0.0460 0.0420  0.0282  77  GLU A CA  
614 C  C   A GLU A 77  ? 0.2416 0.2976 0.2733 -0.0488 0.0458  0.0301  77  GLU A C   
615 C  C   B GLU A 77  ? 0.2425 0.2986 0.2736 -0.0484 0.0461  0.0292  77  GLU A C   
616 O  O   A GLU A 77  ? 0.2471 0.3280 0.2805 -0.0538 0.0510  0.0384  77  GLU A O   
617 O  O   B GLU A 77  ? 0.2456 0.3274 0.2763 -0.0522 0.0521  0.0351  77  GLU A O   
618 C  CB  A GLU A 77  ? 0.2614 0.2897 0.2863 -0.0510 0.0359  0.0406  77  GLU A CB  
619 C  CB  B GLU A 77  ? 0.2643 0.2876 0.2955 -0.0512 0.0343  0.0394  77  GLU A CB  
620 C  CG  A GLU A 77  ? 0.2886 0.3094 0.3011 -0.0485 0.0337  0.0409  77  GLU A CG  
621 C  CG  B GLU A 77  ? 0.3074 0.3242 0.3324 -0.0521 0.0310  0.0468  77  GLU A CG  
622 C  CD  A GLU A 77  ? 0.3070 0.3512 0.3100 -0.0533 0.0369  0.0524  77  GLU A CD  
623 C  CD  B GLU A 77  ? 0.3483 0.3527 0.3918 -0.0576 0.0234  0.0598  77  GLU A CD  
624 O  OE1 A GLU A 77  ? 0.3111 0.3800 0.3164 -0.0588 0.0417  0.0607  77  GLU A OE1 
625 O  OE1 B GLU A 77  ? 0.3889 0.4011 0.4486 -0.0650 0.0224  0.0720  77  GLU A OE1 
626 O  OE2 A GLU A 77  ? 0.2737 0.3149 0.2668 -0.0519 0.0347  0.0533  77  GLU A OE2 
627 O  OE2 B GLU A 77  ? 0.3840 0.3714 0.4288 -0.0545 0.0183  0.0578  77  GLU A OE2 
628 N  N   . ALA A 78  ? 0.2299 0.2748 0.2713 -0.0462 0.0427  0.0232  78  ALA A N   
629 C  CA  . ALA A 78  ? 0.2268 0.2865 0.2821 -0.0483 0.0451  0.0241  78  ALA A CA  
630 C  C   . ALA A 78  ? 0.2153 0.2957 0.2685 -0.0423 0.0534  0.0145  78  ALA A C   
631 O  O   . ALA A 78  ? 0.2112 0.3106 0.2756 -0.0439 0.0573  0.0159  78  ALA A O   
632 C  CB  . ALA A 78  ? 0.2127 0.2569 0.2782 -0.0475 0.0382  0.0194  78  ALA A CB  
633 N  N   . ASN A 79  ? 0.2219 0.2985 0.2630 -0.0356 0.0555  0.0043  79  ASN A N   
634 C  CA  . ASN A 79  ? 0.2386 0.3313 0.2798 -0.0288 0.0624  -0.0086 79  ASN A CA  
635 C  C   . ASN A 79  ? 0.2431 0.3565 0.2711 -0.0302 0.0687  -0.0109 79  ASN A C   
636 O  O   . ASN A 79  ? 0.2423 0.3684 0.2696 -0.0238 0.0739  -0.0261 79  ASN A O   
637 C  CB  . ASN A 79  ? 0.2260 0.2987 0.2689 -0.0202 0.0584  -0.0201 79  ASN A CB  
638 C  CG  . ASN A 79  ? 0.2443 0.3104 0.3027 -0.0179 0.0540  -0.0193 79  ASN A CG  
639 O  OD1 . ASN A 79  ? 0.2405 0.3216 0.3132 -0.0148 0.0574  -0.0231 79  ASN A OD1 
640 N  ND2 . ASN A 79  ? 0.2031 0.2504 0.2591 -0.0196 0.0464  -0.0145 79  ASN A ND2 
641 N  N   . GLY A 80  ? 0.2445 0.3631 0.2646 -0.0386 0.0675  0.0042  80  GLY A N   
642 C  CA  . GLY A 80  ? 0.2643 0.4085 0.2711 -0.0421 0.0726  0.0065  80  GLY A CA  
643 C  C   . GLY A 80  ? 0.2802 0.4156 0.2715 -0.0383 0.0708  -0.0028 80  GLY A C   
644 O  O   . GLY A 80  ? 0.3094 0.4706 0.2892 -0.0387 0.0758  -0.0089 80  GLY A O   
645 N  N   . ILE A 81  ? 0.2958 0.3983 0.2867 -0.0352 0.0635  -0.0039 81  ILE A N   
646 C  CA  . ILE A 81  ? 0.3100 0.4018 0.2892 -0.0316 0.0610  -0.0127 81  ILE A CA  
647 C  C   . ILE A 81  ? 0.3134 0.3930 0.2866 -0.0369 0.0547  0.0030  81  ILE A C   
648 O  O   . ILE A 81  ? 0.3144 0.3755 0.2962 -0.0389 0.0497  0.0127  81  ILE A O   
649 C  CB  . ILE A 81  ? 0.3023 0.3698 0.2884 -0.0236 0.0577  -0.0257 81  ILE A CB  
650 C  CG1 . ILE A 81  ? 0.3123 0.3924 0.3090 -0.0172 0.0631  -0.0422 81  ILE A CG1 
651 C  CG2 . ILE A 81  ? 0.2966 0.3506 0.2729 -0.0216 0.0535  -0.0309 81  ILE A CG2 
652 C  CD1 . ILE A 81  ? 0.3337 0.3926 0.3464 -0.0112 0.0588  -0.0458 81  ILE A CD1 
653 N  N   . ASP A 82  ? 0.3182 0.4099 0.2781 -0.0391 0.0548  0.0042  82  ASP A N   
654 C  CA  . ASP A 82  ? 0.3283 0.4127 0.2846 -0.0439 0.0486  0.0206  82  ASP A CA  
655 C  C   . ASP A 82  ? 0.3021 0.3569 0.2579 -0.0385 0.0428  0.0134  82  ASP A C   
656 O  O   . ASP A 82  ? 0.3062 0.3601 0.2541 -0.0347 0.0431  0.0006  82  ASP A O   
657 C  CB  . ASP A 82  ? 0.3517 0.4664 0.2938 -0.0488 0.0507  0.0255  82  ASP A CB  
658 C  CG  . ASP A 82  ? 0.4245 0.5380 0.3667 -0.0549 0.0441  0.0475  82  ASP A CG  
659 O  OD1 . ASP A 82  ? 0.4750 0.5621 0.4302 -0.0549 0.0378  0.0574  82  ASP A OD1 
660 O  OD2 . ASP A 82  ? 0.5308 0.6731 0.4608 -0.0597 0.0449  0.0541  82  ASP A OD2 
661 N  N   . ALA A 83  ? 0.2655 0.2983 0.2314 -0.0387 0.0375  0.0210  83  ALA A N   
662 C  CA  . ALA A 83  ? 0.2522 0.2611 0.2190 -0.0335 0.0329  0.0142  83  ALA A CA  
663 C  C   . ALA A 83  ? 0.2483 0.2458 0.2214 -0.0356 0.0268  0.0259  83  ALA A C   
664 O  O   . ALA A 83  ? 0.2499 0.2494 0.2337 -0.0405 0.0250  0.0386  83  ALA A O   
665 C  CB  . ALA A 83  ? 0.2259 0.2220 0.2008 -0.0292 0.0331  0.0050  83  ALA A CB  
666 N  N   . VAL A 84  ? 0.2501 0.2359 0.2200 -0.0320 0.0232  0.0222  84  VAL A N   
667 C  CA  . VAL A 84  ? 0.2452 0.2211 0.2236 -0.0325 0.0173  0.0314  84  VAL A CA  
668 C  C   . VAL A 84  ? 0.2465 0.2059 0.2286 -0.0268 0.0150  0.0208  84  VAL A C   
669 O  O   . VAL A 84  ? 0.2372 0.1963 0.2104 -0.0236 0.0169  0.0113  84  VAL A O   
670 C  CB  . VAL A 84  ? 0.2558 0.2428 0.2256 -0.0344 0.0154  0.0389  84  VAL A CB  
671 C  CG1 . VAL A 84  ? 0.2313 0.2076 0.2130 -0.0333 0.0088  0.0475  84  VAL A CG1 
672 C  CG2 . VAL A 84  ? 0.2554 0.2672 0.2191 -0.0410 0.0181  0.0500  84  VAL A CG2 
673 N  N   . ASN A 85  ? 0.2400 0.1881 0.2366 -0.0257 0.0111  0.0218  85  ASN A N   
674 C  CA  . ASN A 85  ? 0.2579 0.1971 0.2571 -0.0204 0.0097  0.0106  85  ASN A CA  
675 C  C   . ASN A 85  ? 0.2592 0.1975 0.2569 -0.0176 0.0072  0.0117  85  ASN A C   
676 O  O   . ASN A 85  ? 0.2475 0.1852 0.2531 -0.0188 0.0036  0.0215  85  ASN A O   
677 C  CB  . ASN A 85  ? 0.2623 0.1929 0.2790 -0.0197 0.0062  0.0065  85  ASN A CB  
678 C  CG  . ASN A 85  ? 0.2802 0.2101 0.2956 -0.0150 0.0063  -0.0077 85  ASN A CG  
679 O  OD1 . ASN A 85  ? 0.3238 0.2595 0.3272 -0.0141 0.0093  -0.0118 85  ASN A OD1 
680 N  ND2 . ASN A 85  ? 0.2780 0.2032 0.3073 -0.0118 0.0027  -0.0150 85  ASN A ND2 
681 N  N   . VAL A 86  ? 0.2502 0.1897 0.2396 -0.0143 0.0087  0.0035  86  VAL A N   
682 C  CA  . VAL A 86  ? 0.2493 0.1893 0.2400 -0.0113 0.0063  0.0032  86  VAL A CA  
683 C  C   . VAL A 86  ? 0.2563 0.1927 0.2607 -0.0066 0.0043  -0.0042 86  VAL A C   
684 O  O   . VAL A 86  ? 0.2616 0.2019 0.2637 -0.0043 0.0060  -0.0140 86  VAL A O   
685 C  CB  . VAL A 86  ? 0.2459 0.1911 0.2245 -0.0111 0.0082  -0.0002 86  VAL A CB  
686 C  CG1 . VAL A 86  ? 0.2439 0.1922 0.2250 -0.0088 0.0057  0.0007  86  VAL A CG1 
687 C  CG2 . VAL A 86  ? 0.2183 0.1683 0.1863 -0.0149 0.0101  0.0022  86  VAL A CG2 
688 N  N   . GLU A 87  ? 0.2778 0.2093 0.2981 -0.0052 0.0001  0.0000  87  GLU A N   
689 C  CA  . GLU A 87  ? 0.2933 0.2212 0.3319 0.0000  -0.0023 -0.0099 87  GLU A CA  
690 C  C   . GLU A 87  ? 0.2769 0.2148 0.3105 0.0047  -0.0002 -0.0195 87  GLU A C   
691 O  O   . GLU A 87  ? 0.2844 0.2271 0.3121 0.0050  -0.0002 -0.0135 87  GLU A O   
692 C  CB  . GLU A 87  ? 0.3213 0.2416 0.3824 0.0014  -0.0082 -0.0016 87  GLU A CB  
693 C  CG  . GLU A 87  ? 0.4013 0.3150 0.4711 -0.0043 -0.0113 0.0126  87  GLU A CG  
694 C  CD  . GLU A 87  ? 0.5175 0.4257 0.6124 -0.0034 -0.0186 0.0260  87  GLU A CD  
695 O  OE1 . GLU A 87  ? 0.5330 0.4365 0.6481 0.0035  -0.0217 0.0165  87  GLU A OE1 
696 O  OE2 . GLU A 87  ? 0.5332 0.4443 0.6288 -0.0098 -0.0211 0.0461  87  GLU A OE2 
697 N  N   . GLY A 88  ? 0.2561 0.2005 0.2921 0.0077  0.0015  -0.0339 88  GLY A N   
698 C  CA  . GLY A 88  ? 0.2574 0.2171 0.2903 0.0119  0.0039  -0.0424 88  GLY A CA  
699 C  C   . GLY A 88  ? 0.2429 0.2135 0.2560 0.0083  0.0076  -0.0380 88  GLY A C   
700 O  O   . GLY A 88  ? 0.2419 0.2293 0.2517 0.0100  0.0098  -0.0429 88  GLY A O   
701 N  N   . GLY A 89  ? 0.2395 0.2024 0.2417 0.0033  0.0080  -0.0290 89  GLY A N   
702 C  CA  . GLY A 89  ? 0.2409 0.2104 0.2301 0.0000  0.0101  -0.0243 89  GLY A CA  
703 C  C   . GLY A 89  ? 0.2347 0.2147 0.2216 0.0002  0.0106  -0.0209 89  GLY A C   
704 O  O   . GLY A 89  ? 0.2169 0.1961 0.2087 0.0019  0.0091  -0.0190 89  GLY A O   
705 N  N   . MSE A 90  ? 0.2236 0.2153 0.2055 -0.0021 0.0119  -0.0184 90  MSE A N   
706 C  CA  . MSE A 90  ? 0.2219 0.2254 0.2040 -0.0035 0.0119  -0.0127 90  MSE A CA  
707 C  C   . MSE A 90  ? 0.2189 0.2395 0.2068 0.0006  0.0134  -0.0185 90  MSE A C   
708 O  O   . MSE A 90  ? 0.2182 0.2472 0.2092 0.0001  0.0132  -0.0141 90  MSE A O   
709 C  CB  . MSE A 90  ? 0.2364 0.2485 0.2158 -0.0079 0.0119  -0.0051 90  MSE A CB  
710 C  CG  . MSE A 90  ? 0.2481 0.2435 0.2264 -0.0109 0.0103  -0.0010 90  MSE A CG  
711 SE SE  . MSE A 90  ? 0.3464 0.3264 0.3253 -0.0130 0.0080  0.0007  90  MSE A SE  
712 C  CE  . MSE A 90  ? 0.2189 0.2134 0.2057 -0.0169 0.0057  0.0095  90  MSE A CE  
713 N  N   . HIS A 91  ? 0.2164 0.2438 0.2079 0.0048  0.0147  -0.0301 91  HIS A N   
714 C  CA  . HIS A 91  ? 0.2266 0.2699 0.2274 0.0105  0.0162  -0.0407 91  HIS A CA  
715 C  C   . HIS A 91  ? 0.2244 0.2553 0.2356 0.0136  0.0139  -0.0384 91  HIS A C   
716 O  O   . HIS A 91  ? 0.2141 0.2580 0.2303 0.0153  0.0146  -0.0369 91  HIS A O   
717 C  CB  . HIS A 91  ? 0.2430 0.2907 0.2495 0.0148  0.0167  -0.0575 91  HIS A CB  
718 C  CG  . HIS A 91  ? 0.2475 0.3140 0.2668 0.0218  0.0186  -0.0735 91  HIS A CG  
719 N  ND1 . HIS A 91  ? 0.2700 0.3559 0.2922 0.0250  0.0203  -0.0917 91  HIS A ND1 
720 C  CD2 . HIS A 91  ? 0.2452 0.3147 0.2775 0.0269  0.0186  -0.0759 91  HIS A CD2 
721 C  CE1 . HIS A 91  ? 0.2701 0.3706 0.3070 0.0323  0.0219  -0.1062 91  HIS A CE1 
722 N  NE2 . HIS A 91  ? 0.2391 0.3295 0.2828 0.0338  0.0209  -0.0958 91  HIS A NE2 
723 N  N   . ALA A 92  ? 0.2230 0.2312 0.2371 0.0133  0.0106  -0.0356 92  ALA A N   
724 C  CA  . ALA A 92  ? 0.2203 0.2188 0.2437 0.0151  0.0072  -0.0296 92  ALA A CA  
725 C  C   . ALA A 92  ? 0.2122 0.2114 0.2265 0.0100  0.0059  -0.0172 92  ALA A C   
726 O  O   . ALA A 92  ? 0.2055 0.2100 0.2273 0.0117  0.0039  -0.0136 92  ALA A O   
727 C  CB  . ALA A 92  ? 0.2272 0.2061 0.2575 0.0151  0.0037  -0.0272 92  ALA A CB  
728 N  N   . TRP A 93  ? 0.2200 0.2139 0.2210 0.0041  0.0065  -0.0119 93  TRP A N   
729 C  CA  . TRP A 93  ? 0.2278 0.2214 0.2230 -0.0010 0.0046  -0.0040 93  TRP A CA  
730 C  C   . TRP A 93  ? 0.2373 0.2475 0.2367 -0.0018 0.0051  -0.0015 93  TRP A C   
731 O  O   . TRP A 93  ? 0.2358 0.2480 0.2373 -0.0041 0.0020  0.0036  93  TRP A O   
732 C  CB  . TRP A 93  ? 0.2353 0.2216 0.2209 -0.0060 0.0053  -0.0021 93  TRP A CB  
733 C  CG  . TRP A 93  ? 0.2229 0.2059 0.2053 -0.0109 0.0025  0.0020  93  TRP A CG  
734 C  CD1 . TRP A 93  ? 0.2251 0.2147 0.2108 -0.0146 0.0010  0.0053  93  TRP A CD1 
735 C  CD2 . TRP A 93  ? 0.2171 0.1920 0.1935 -0.0133 0.0005  0.0021  93  TRP A CD2 
736 N  NE1 . TRP A 93  ? 0.2168 0.2003 0.2004 -0.0188 -0.0023 0.0050  93  TRP A NE1 
737 C  CE2 . TRP A 93  ? 0.1934 0.1701 0.1697 -0.0178 -0.0022 0.0022  93  TRP A CE2 
738 C  CE3 . TRP A 93  ? 0.2611 0.2304 0.2334 -0.0127 0.0007  0.0023  93  TRP A CE3 
739 C  CZ2 . TRP A 93  ? 0.2237 0.1988 0.1940 -0.0212 -0.0045 -0.0006 93  TRP A CZ2 
740 C  CZ3 . TRP A 93  ? 0.2509 0.2208 0.2161 -0.0163 -0.0010 0.0027  93  TRP A CZ3 
741 C  CH2 . TRP A 93  ? 0.2287 0.2023 0.1919 -0.0203 -0.0034 -0.0004 93  TRP A CH2 
742 N  N   . GLY A 94  ? 0.2502 0.2757 0.2510 -0.0005 0.0085  -0.0047 94  GLY A N   
743 C  CA  . GLY A 94  ? 0.2567 0.3039 0.2621 -0.0019 0.0098  -0.0007 94  GLY A CA  
744 C  C   . GLY A 94  ? 0.2728 0.3224 0.2745 -0.0096 0.0090  0.0090  94  GLY A C   
745 O  O   . GLY A 94  ? 0.2677 0.3013 0.2642 -0.0125 0.0075  0.0106  94  GLY A O   
746 N  N   . ASP A 95  ? 0.2985 0.3693 0.3061 -0.0128 0.0097  0.0162  95  ASP A N   
747 C  CA  . ASP A 95  ? 0.3228 0.3967 0.3334 -0.0210 0.0075  0.0287  95  ASP A CA  
748 C  C   . ASP A 95  ? 0.3152 0.3852 0.3350 -0.0270 0.0026  0.0365  95  ASP A C   
749 O  O   . ASP A 95  ? 0.3088 0.3862 0.3375 -0.0341 0.0003  0.0483  95  ASP A O   
750 C  CB  . ASP A 95  ? 0.3364 0.4411 0.3484 -0.0228 0.0110  0.0353  95  ASP A CB  
751 C  CG  . ASP A 95  ? 0.3876 0.5204 0.4043 -0.0198 0.0147  0.0327  95  ASP A CG  
752 O  OD1 . ASP A 95  ? 0.4277 0.5560 0.4504 -0.0179 0.0133  0.0303  95  ASP A OD1 
753 O  OD2 . ASP A 95  ? 0.4923 0.6553 0.5069 -0.0190 0.0192  0.0326  95  ASP A OD2 
754 N  N   A GLU A 96  ? 0.3090 0.3671 0.3282 -0.0250 0.0002  0.0306  96  GLU A N   
755 N  N   B GLU A 96  ? 0.3123 0.3720 0.3318 -0.0248 0.0003  0.0307  96  GLU A N   
756 C  CA  A GLU A 96  ? 0.3060 0.3629 0.3337 -0.0306 -0.0051 0.0354  96  GLU A CA  
757 C  CA  B GLU A 96  ? 0.3130 0.3698 0.3406 -0.0305 -0.0051 0.0352  96  GLU A CA  
758 C  C   A GLU A 96  ? 0.3067 0.3398 0.3303 -0.0333 -0.0097 0.0301  96  GLU A C   
759 C  C   B GLU A 96  ? 0.3100 0.3427 0.3336 -0.0334 -0.0095 0.0302  96  GLU A C   
760 O  O   A GLU A 96  ? 0.3035 0.3244 0.3165 -0.0289 -0.0085 0.0224  96  GLU A O   
761 O  O   B GLU A 96  ? 0.3076 0.3275 0.3206 -0.0292 -0.0081 0.0228  96  GLU A O   
762 C  CB  A GLU A 96  ? 0.3049 0.3741 0.3363 -0.0266 -0.0050 0.0333  96  GLU A CB  
763 C  CB  B GLU A 96  ? 0.3147 0.3801 0.3452 -0.0267 -0.0058 0.0324  96  GLU A CB  
764 C  CG  A GLU A 96  ? 0.3080 0.4035 0.3439 -0.0222 0.0009  0.0339  96  GLU A CG  
765 C  CG  B GLU A 96  ? 0.3380 0.4310 0.3762 -0.0233 -0.0014 0.0348  96  GLU A CG  
766 C  CD  A GLU A 96  ? 0.3052 0.4124 0.3482 -0.0155 0.0016  0.0292  96  GLU A CD  
767 C  CD  B GLU A 96  ? 0.3672 0.4798 0.4146 -0.0311 -0.0011 0.0469  96  GLU A CD  
768 O  OE1 A GLU A 96  ? 0.2899 0.3855 0.3306 -0.0083 0.0016  0.0211  96  GLU A OE1 
769 O  OE1 B GLU A 96  ? 0.3914 0.4975 0.4467 -0.0393 -0.0069 0.0540  96  GLU A OE1 
770 O  OE2 A GLU A 96  ? 0.3078 0.4369 0.3616 -0.0175 0.0018  0.0349  96  GLU A OE2 
771 O  OE2 B GLU A 96  ? 0.4380 0.5746 0.4859 -0.0296 0.0043  0.0493  96  GLU A OE2 
772 N  N   . GLY A 97  ? 0.3044 0.3332 0.3383 -0.0407 -0.0150 0.0335  97  GLY A N   
773 C  CA  . GLY A 97  ? 0.3139 0.3243 0.3466 -0.0434 -0.0194 0.0250  97  GLY A CA  
774 C  C   . GLY A 97  ? 0.3173 0.3133 0.3495 -0.0428 -0.0183 0.0221  97  GLY A C   
775 O  O   . GLY A 97  ? 0.3175 0.3006 0.3457 -0.0424 -0.0197 0.0117  97  GLY A O   
776 N  N   . LEU A 98  ? 0.3138 0.3157 0.3507 -0.0428 -0.0157 0.0313  98  LEU A N   
777 C  CA  . LEU A 98  ? 0.3277 0.3182 0.3654 -0.0415 -0.0146 0.0304  98  LEU A CA  
778 C  C   . LEU A 98  ? 0.3569 0.3388 0.4167 -0.0478 -0.0209 0.0353  98  LEU A C   
779 O  O   . LEU A 98  ? 0.3517 0.3400 0.4270 -0.0541 -0.0254 0.0440  98  LEU A O   
780 C  CB  . LEU A 98  ? 0.3091 0.3132 0.3417 -0.0388 -0.0099 0.0385  98  LEU A CB  
781 C  CG  . LEU A 98  ? 0.2882 0.2987 0.3043 -0.0320 -0.0044 0.0312  98  LEU A CG  
782 C  CD1 . LEU A 98  ? 0.2324 0.2577 0.2446 -0.0297 -0.0003 0.0354  98  LEU A CD1 
783 C  CD2 . LEU A 98  ? 0.2948 0.2881 0.3006 -0.0281 -0.0038 0.0193  98  LEU A CD2 
784 N  N   . GLU A 99  ? 0.3745 0.3421 0.4387 -0.0460 -0.0216 0.0301  99  GLU A N   
785 C  CA  . GLU A 99  ? 0.4138 0.3703 0.5042 -0.0506 -0.0282 0.0337  99  GLU A CA  
786 C  C   . GLU A 99  ? 0.4314 0.3932 0.5334 -0.0514 -0.0286 0.0510  99  GLU A C   
787 O  O   . GLU A 99  ? 0.3890 0.3571 0.4759 -0.0467 -0.0233 0.0525  99  GLU A O   
788 C  CB  . GLU A 99  ? 0.4252 0.3642 0.5171 -0.0473 -0.0292 0.0142  99  GLU A CB  
789 C  CG  . GLU A 99  ? 0.4675 0.3922 0.5893 -0.0495 -0.0356 0.0133  99  GLU A CG  
790 C  CD  . GLU A 99  ? 0.5130 0.4255 0.6360 -0.0458 -0.0359 -0.0105 99  GLU A CD  
791 O  OE1 . GLU A 99  ? 0.5396 0.4438 0.6716 -0.0414 -0.0350 -0.0149 99  GLU A OE1 
792 O  OE2 . GLU A 99  ? 0.5519 0.4665 0.6670 -0.0473 -0.0370 -0.0248 99  GLU A OE2 
793 N  N   . ILE A 100 ? 0.4710 0.4323 0.6013 -0.0583 -0.0355 0.0655  100 ILE A N   
794 C  CA  . ILE A 100 ? 0.5236 0.4863 0.6722 -0.0597 -0.0387 0.0822  100 ILE A CA  
795 C  C   . ILE A 100 ? 0.5754 0.5163 0.7601 -0.0627 -0.0479 0.0802  100 ILE A C   
796 O  O   . ILE A 100 ? 0.5980 0.5312 0.7979 -0.0675 -0.0531 0.0745  100 ILE A O   
797 C  CB  . ILE A 100 ? 0.5238 0.5142 0.6764 -0.0660 -0.0391 0.1091  100 ILE A CB  
798 C  CG1 . ILE A 100 ? 0.5436 0.5370 0.7231 -0.0758 -0.0464 0.1228  100 ILE A CG1 
799 C  CG2 . ILE A 100 ? 0.4899 0.5038 0.6101 -0.0625 -0.0301 0.1063  100 ILE A CG2 
800 C  CD1 . ILE A 100 ? 0.5665 0.5844 0.7651 -0.0841 -0.0502 0.1556  100 ILE A CD1 
801 N  N   . LYS A 101 ? 0.6247 0.5558 0.8266 -0.0599 -0.0506 0.0836  101 LYS A N   
802 C  CA  . LYS A 101 ? 0.6783 0.5879 0.9224 -0.0621 -0.0606 0.0813  101 LYS A CA  
803 C  C   . LYS A 101 ? 0.7017 0.6180 0.9819 -0.0712 -0.0698 0.1132  101 LYS A C   
804 O  O   . LYS A 101 ? 0.7029 0.6389 0.9788 -0.0731 -0.0687 0.1375  101 LYS A O   
805 C  CB  . LYS A 101 ? 0.6912 0.5853 0.9424 -0.0536 -0.0596 0.0667  101 LYS A CB  
806 C  CG  . LYS A 101 ? 0.7295 0.6028 0.9937 -0.0497 -0.0617 0.0356  101 LYS A CG  
807 C  CD  . LYS A 101 ? 0.7417 0.6204 0.9701 -0.0485 -0.0550 0.0140  101 LYS A CD  
808 C  CE  . LYS A 101 ? 0.7668 0.6319 1.0054 -0.0450 -0.0568 -0.0178 101 LYS A CE  
809 N  NZ  . LYS A 101 ? 0.7809 0.6526 0.9996 -0.0485 -0.0558 -0.0320 101 LYS A NZ  
810 N  N   . SER A 102 ? 0.7333 0.6356 1.0494 -0.0777 -0.0794 0.1137  102 SER A N   
811 C  CA  . SER A 102 ? 0.7604 0.6649 1.1205 -0.0869 -0.0903 0.1451  102 SER A CA  
812 C  C   . SER A 102 ? 0.7809 0.6622 1.1844 -0.0835 -0.0991 0.1457  102 SER A C   
813 O  O   . SER A 102 ? 0.7932 0.6774 1.2349 -0.0904 -0.1087 0.1764  102 SER A O   
814 C  CB  . SER A 102 ? 0.7721 0.6739 1.1563 -0.0975 -0.0979 0.1495  102 SER A CB  
815 O  OG  . SER A 102 ? 0.7973 0.7047 1.2254 -0.1078 -0.1087 0.1848  102 SER A OG  
816 N  N   . ILE A 103 ? 0.7886 0.6495 1.1887 -0.0732 -0.0963 0.1129  103 ILE A N   
817 C  CA  . ILE A 103 ? 0.8049 0.6460 1.2426 -0.0667 -0.1024 0.1080  103 ILE A CA  
818 C  C   . ILE A 103 ? 0.7979 0.6357 1.2039 -0.0543 -0.0919 0.0778  103 ILE A C   
819 O  O   . ILE A 103 ? 0.7818 0.6363 1.1528 -0.0506 -0.0834 0.0849  103 ILE A O   
820 C  CB  . ILE A 103 ? 0.8289 0.6411 1.3234 -0.0683 -0.1149 0.0931  103 ILE A CB  
821 C  CG1 . ILE A 103 ? 0.8463 0.6588 1.3801 -0.0819 -0.1270 0.1225  103 ILE A CG1 
822 C  CG2 . ILE A 103 ? 0.8420 0.6358 1.3777 -0.0599 -0.1208 0.0882  103 ILE A CG2 
823 C  CD1 . ILE A 103 ? 0.8685 0.6501 1.4699 -0.0840 -0.1421 0.1120  103 ILE A CD1 
# 
